data_9QE7
#
_entry.id   9QE7
#
_cell.length_a   1.00
_cell.length_b   1.00
_cell.length_c   1.00
_cell.angle_alpha   90.00
_cell.angle_beta   90.00
_cell.angle_gamma   90.00
#
_symmetry.space_group_name_H-M   'P 1'
#
_entity_poly.entity_id   1
_entity_poly.type   'polypeptide(L)'
_entity_poly.pdbx_seq_one_letter_code
;EEVNLENSQVATREELKTSVGNVQTKLNILRNENKEKIKNLRLELIQLMEQGDQVVKSPWSSWQFGMNYFYENWRSTYKG
SGDKSEKYVFNGIYTRGNWKVRNAMDMAENQRVGGRPLTPGNDSLNSWKNASNSSGGGVTIDKDTSIGSSTNGNKSWGLV
DLRDLREPTNEVEILAHISPKEVTKQVISLNITEPTVQTLEAPDVNPQVNEPLPAPVIELPEVETVTINPLSINAPSAPT
APSAPTINIAITAPSAPVPPTINVVPASPSTPSAPTINIGIQPPSITPLSITTPDSVDAPNVVSPQIKPVDFTVDPGGDS
NVYSSEKHNSHQGWKATWDKTINVTELTNRNYVSLTRDVVDSTIPDDQVINVTKPNNRAMVVDEVRKNGIKVDFKGTINL
QRSQNVGIDLQGTHQGSISTPLIANIYNSGKIIGNAKYGSTANKEQIAFGFNNADGSNNTTMTNMVNKGEITLNAPSSAG
IQLKPEDPHDWQPGAPNYWNAAPLQIGNKTPNKIKGRVLMKADNQKDINLNGSGSFGMVTVFNEGVPKRLFAPSYVANYE
NLRSERTYDGERVLPGGEIGRSALSDSKYTSGVYNTGNININGDSSIGVGLLQEIQEVKLAGNINIGTKAVAQETDISNL
PNAGSKTYDKNKVEEAVGVFAGVPTMPVKPGEKDTLINSSGARNTATSLVGTETVEINGNISLGEHATQSIGALVGDTEI
DLNKGQLTENGVNKGSNVDRKLKRSGDITAKSNSVINVGGKKNYGFVVSNSAHSSKFGTTVDSLEYNVDKTHHGKGINEG
IINIIGDESVGFAMIKGGNSKSSGTISVKDNAENSIGFYGKEDSFTNSGTIEVTSAKKKNKAVVLDGTNASNKINFTNTG
NIYVNTSDNNNTNLDGNGNIGIYAQGNYKVEHNSGIVKAGKDVIAFYVKDSTGEVNINAPIELANSSKGTTIGIYSDGNA
KVKFGTGSKLKIGEKAVGLYSADPTKFNNTFKIESGKTLDVELGKNSTFGLLNGNNTVTNSPLLSKYLNNNTSDKINIVS
FGEGASLFYATSKAKAILDEDYKVTNGDAISTAVLVANNGANVEIASGKKLETNTNAGLIAINGTVGFTSVAKNNGTLIS
TRIDKGIGIYTSAANGENSGTITMQNKNAVGILGSKDSNLKNTGKIELEAVSSAGVYAEDSNMINSGTTSEIIVNKETSV
GIYAKETSISSVSKNVKNEGKIEIKADGDGKSAGIYSKKEGGAKLTIENTGNIEVAQKASAGIYAKNESTQANTQSEVTN
SGLVKMSAENSIGIMGEKSKITNTGTGTKGIEIVEKKSAGILVTNESAVINSGRISLSNSSISASSDGLVGISVDGSSTG
ENDASGEIKVDAAYSTGMLSSGGGITNAGKIALEKKESVGMYATNANVTNSGATPKGIFIKDEKSVGIYSKINSSSIANK
TVTNSGTIDIAGTSKTGSAGIYSIIESGATKKLSVVNNGNITINQKKSVGIYAKNESSHANTESDVTNSGKIEVKNEGSA
GVLAEKYKVTNTGSGTNGIIVSAKKSAGIIGKLGSEIINSGIIKTEIATPTVATDGVVGISLNNSKATNTSGGVITLDTD
YSTGMYGEANSQLTNEGNITGTNKEYIVGMAGDSSTVTNKNIITLNGKKATGIFGKNSSTLLNETTGKITTKEEESVGMY
SSSSLKATNKGTIITEKKTSAGMLGDKANIENDSSITTKEEMSAGMYVKNGTSKATNKGTVTTEKKTSAGILAEIDEANG
GTVSGLNETTGTITVSEETSAGMLGKVKSAVTASTAKLSLTNKKDININTKNSAGIMVVNESTAVGKENVLAENTGIINL
TSSSATNEKNIGILANKATGINTGNINVNSKESIGMLGQNASSITNNKTITLSGEKGIGMLSKDTSSIADNNDTINVNGK
ESLGMLGEDSGTVKNNKTISVTAEKGVGIFVRDNGVGKGSGTGENTSTGTITLENKEAVGIFAKNNGTSDSAKNSGTINL
GKADGSTIKESLIGMFAQAEAGKKANVKNTKDINVNTKKSVGIYAKNDASNITDVDLENTGDININSKESAGVYAPKANI
SKVGTITLKNSIDSNGSSAVYVSKGGKVANTAGAKINLGTVNQNRVAYYVNGKDSALAGADIGKITGYGVGVYLQGTSGD
KATLDKNTSKLDYTLQGTGNGIIGLLLKGETDIQSYTKGIKVGNTVAATSPSDKAKYAIGIYADAQGTAGTPYNITTPIT
AGKSGVGIFADKDSNINYTGNMEIGDGTTAGTGIFITKKIGATGGKVTLGTNTIKLKGTKGVVAIASEGTTFNGGNATIE
LVGSNIQGVGVYAKKGSTVNIDHWTFNNNGNSAEEVRSEEGRVYINANKNLKPKMVLTHVINGETSIATGKTVTSVNDGS
ITAKENIGLMAEGIKNHSMTWQEGNFEAVNHGIIDFSAAEKSTAMFINSARAKNDGTIKVGKNSIGIYGFYNKDTRKYDG
ASTNPDPNKLELETTSNSKMSLGDASTGMYLTNAEKIENKGGQITSESGATKNVGIYAVNGQDTKVSANNKILNMTTATN
INLGNGSVGLYSKGQSNTVRNTVTNTGDITVGDKITGSPSVAMYAENTNLTTNSKITVGKDGIAFYGKNSDITAKGSANF
SNKGVLAYLENSKFVSHLGNLGSTQNTMLYLKNSIAQLDGAGTKVDMDVADGYTGAYIEGNSTLTGVKTIKLGQDSTGLF
LKDANFVSNAESITGTKDKARGILATNSNLTNNSKIFLSGAESIGIYSNANNTKSVVNNGELTIAGKKTLGVFLKGSQSF
ENKANINIADSANSLEPTIGIYTAEGSSNIKHTSGTIDVGQKSIGIYSTTNSNVEMNGGKIHVKDQGVGIYKQNGKATIK
GELDIDTHIATTKDSEPTGVYAVNGTEINDQASKISIGAKSYGFILNNTDPNKTNIYTNTDAGTVSLGNDSVFLYSNGKA
NIINNRTINANGASHLIAFYIKNGGNFTNNGTIDFSTGKGNIGIYAPGGKATNKGRVYVGKTDDIDPMTGKVYSDVSKIV
YGIGMAADNGGYIKNDGEIRIYNNKSIGMYGKGIGTTVENTGKIYLDGSRATATDKIQSMTGVYVDDGAKFINRGEIRTT
DSYAGRDGKVNENVTGLVGVAVMNGSTLENHGKILIDADNSYGVIIRGKRDSKGNVERYAVIKNYGEIKVRGKGTWGISW
KDVSQAYIDELQKQINDKISSDPEGQALRAGSAHHHHHHHHSAGENLYFQ
;
_entity_poly.pdbx_strand_id   A
#
# COMPACT_ATOMS: atom_id res chain seq x y z
N ILE A 249 -0.14 109.41 -30.14
CA ILE A 249 -0.16 109.35 -31.59
C ILE A 249 0.86 108.33 -32.09
N ALA A 250 1.73 107.88 -31.18
CA ALA A 250 2.75 106.90 -31.52
C ALA A 250 2.23 105.48 -31.30
N ILE A 251 1.60 104.91 -32.31
CA ILE A 251 1.03 103.57 -32.22
C ILE A 251 2.10 102.54 -32.51
N THR A 252 2.34 101.64 -31.57
CA THR A 252 3.31 100.56 -31.76
C THR A 252 2.59 99.21 -31.61
N ALA A 253 3.36 98.13 -31.75
CA ALA A 253 2.82 96.78 -31.65
C ALA A 253 3.86 95.85 -31.07
N PRO A 254 3.44 94.82 -30.34
CA PRO A 254 4.41 93.89 -29.75
C PRO A 254 4.93 92.89 -30.76
N SER A 255 5.75 91.96 -30.26
CA SER A 255 6.35 90.91 -31.07
C SER A 255 6.15 89.56 -30.39
N ALA A 256 5.67 88.58 -31.16
CA ALA A 256 5.39 87.26 -30.62
C ALA A 256 6.71 86.53 -30.30
N PRO A 257 6.70 85.68 -29.28
CA PRO A 257 7.90 84.90 -28.96
C PRO A 257 8.02 83.65 -29.84
N VAL A 258 9.21 83.06 -29.78
CA VAL A 258 9.49 81.88 -30.60
C VAL A 258 8.83 80.65 -29.99
N PRO A 259 8.22 79.77 -30.78
CA PRO A 259 7.61 78.56 -30.23
C PRO A 259 8.63 77.44 -30.17
N PRO A 260 8.41 76.44 -29.32
CA PRO A 260 9.30 75.28 -29.27
C PRO A 260 8.87 74.20 -30.24
N THR A 261 9.70 73.17 -30.33
CA THR A 261 9.43 71.99 -31.16
C THR A 261 9.78 70.76 -30.33
N ILE A 262 9.08 69.65 -30.56
CA ILE A 262 9.35 68.45 -29.78
C ILE A 262 9.64 67.28 -30.70
N ASN A 263 10.36 66.29 -30.16
CA ASN A 263 10.76 65.13 -30.97
C ASN A 263 10.73 63.82 -30.19
N VAL A 264 9.78 63.63 -29.27
CA VAL A 264 9.79 62.43 -28.45
C VAL A 264 9.60 61.18 -29.30
N VAL A 265 10.47 60.20 -29.11
CA VAL A 265 10.43 58.94 -29.84
C VAL A 265 10.59 57.77 -28.87
N PRO A 266 9.51 57.32 -28.23
CA PRO A 266 9.64 56.27 -27.20
C PRO A 266 10.01 54.91 -27.77
N ALA A 267 10.13 53.93 -26.89
CA ALA A 267 10.58 52.59 -27.27
C ALA A 267 9.53 51.84 -28.06
N SER A 268 9.93 50.71 -28.65
CA SER A 268 9.04 49.86 -29.44
C SER A 268 9.18 48.42 -28.96
N PRO A 269 8.53 48.07 -27.85
CA PRO A 269 8.66 46.71 -27.32
C PRO A 269 7.88 45.69 -28.14
N SER A 270 7.87 44.43 -27.68
CA SER A 270 7.24 43.36 -28.43
C SER A 270 6.49 42.47 -27.46
N THR A 271 5.61 41.65 -28.02
CA THR A 271 4.79 40.76 -27.21
C THR A 271 5.44 39.38 -27.14
N PRO A 272 5.61 38.80 -25.96
CA PRO A 272 6.23 37.48 -25.84
C PRO A 272 5.27 36.35 -26.20
N SER A 273 5.85 35.17 -26.41
CA SER A 273 5.09 34.02 -26.88
C SER A 273 4.92 32.99 -25.77
N ALA A 274 3.70 32.52 -25.59
CA ALA A 274 3.44 31.50 -24.58
C ALA A 274 4.04 30.17 -25.01
N PRO A 275 4.62 29.40 -24.08
CA PRO A 275 5.25 28.13 -24.46
C PRO A 275 4.23 27.01 -24.59
N THR A 276 4.56 26.02 -25.43
CA THR A 276 3.71 24.84 -25.54
C THR A 276 3.89 23.95 -24.32
N ILE A 277 2.91 23.07 -24.11
CA ILE A 277 2.79 22.35 -22.85
C ILE A 277 2.21 20.95 -23.08
N ASN A 278 2.02 20.20 -21.98
CA ASN A 278 1.20 18.99 -21.85
C ASN A 278 2.04 17.71 -21.88
N ILE A 279 1.72 16.79 -20.97
CA ILE A 279 2.40 15.50 -20.82
C ILE A 279 1.37 14.45 -20.42
N GLY A 280 1.55 13.21 -20.89
CA GLY A 280 0.63 12.14 -20.60
C GLY A 280 0.94 11.45 -19.28
N ILE A 281 0.10 10.46 -18.96
CA ILE A 281 0.17 9.71 -17.70
C ILE A 281 -0.26 8.28 -17.96
N GLN A 282 0.37 7.35 -17.23
CA GLN A 282 -0.06 5.95 -17.25
C GLN A 282 -0.36 5.48 -15.85
N PRO A 283 -1.46 4.77 -15.65
CA PRO A 283 -1.70 4.09 -14.37
C PRO A 283 -1.26 2.63 -14.45
N PRO A 284 -0.76 2.08 -13.34
CA PRO A 284 -0.44 0.65 -13.32
C PRO A 284 -1.57 -0.19 -12.74
N SER A 285 -1.55 -1.49 -13.02
CA SER A 285 -2.49 -2.42 -12.40
C SER A 285 -1.73 -3.46 -11.57
N ILE A 286 -2.11 -3.61 -10.31
CA ILE A 286 -1.37 -4.48 -9.39
C ILE A 286 -1.83 -5.93 -9.56
N THR A 287 -0.99 -6.87 -9.16
CA THR A 287 -1.28 -8.29 -9.31
C THR A 287 -2.26 -8.75 -8.24
N PRO A 288 -3.34 -9.46 -8.59
CA PRO A 288 -4.30 -9.99 -7.60
C PRO A 288 -3.78 -11.21 -6.85
N LEU A 289 -3.01 -10.95 -5.81
CA LEU A 289 -2.38 -11.99 -5.01
C LEU A 289 -3.39 -12.70 -4.11
N SER A 290 -2.89 -13.61 -3.28
CA SER A 290 -3.71 -14.45 -2.43
C SER A 290 -3.31 -14.25 -0.97
N ILE A 291 -4.17 -14.72 -0.07
CA ILE A 291 -4.03 -14.53 1.37
C ILE A 291 -4.17 -15.88 2.06
N THR A 292 -3.54 -15.98 3.24
CA THR A 292 -3.69 -17.15 4.10
C THR A 292 -3.56 -16.69 5.54
N THR A 293 -4.44 -17.21 6.40
CA THR A 293 -4.42 -16.77 7.79
C THR A 293 -4.37 -17.94 8.77
N PRO A 294 -3.22 -18.16 9.42
CA PRO A 294 -3.15 -19.16 10.49
C PRO A 294 -3.43 -18.58 11.86
N ASP A 295 -3.31 -19.41 12.90
CA ASP A 295 -3.40 -18.94 14.28
C ASP A 295 -2.53 -19.85 15.14
N SER A 296 -2.64 -19.70 16.45
CA SER A 296 -1.76 -20.39 17.39
C SER A 296 -2.45 -21.58 18.04
N VAL A 297 -1.67 -22.34 18.81
CA VAL A 297 -2.22 -23.49 19.52
C VAL A 297 -2.33 -23.17 21.01
N ASP A 298 -3.47 -23.53 21.58
CA ASP A 298 -3.79 -23.13 22.95
C ASP A 298 -3.04 -23.96 23.99
N ALA A 299 -3.35 -25.25 24.09
CA ALA A 299 -2.81 -26.07 25.16
C ALA A 299 -2.88 -27.55 24.81
N PRO A 300 -1.96 -28.04 23.99
CA PRO A 300 -1.98 -29.47 23.65
C PRO A 300 -1.28 -30.32 24.71
N ASN A 301 -1.74 -30.22 25.95
CA ASN A 301 -1.15 -30.95 27.06
C ASN A 301 -1.45 -32.43 26.89
N VAL A 302 -0.42 -33.26 26.84
CA VAL A 302 -0.59 -34.69 26.65
C VAL A 302 -0.27 -35.42 27.95
N VAL A 303 -1.29 -35.70 28.75
CA VAL A 303 -1.11 -36.49 29.96
C VAL A 303 -1.34 -37.95 29.61
N SER A 304 -0.31 -38.76 29.76
CA SER A 304 -0.45 -40.14 29.33
C SER A 304 -0.63 -41.04 30.55
N PRO A 305 -1.79 -41.67 30.70
CA PRO A 305 -1.97 -42.63 31.80
C PRO A 305 -1.07 -43.83 31.65
N GLN A 306 -0.66 -44.39 32.77
CA GLN A 306 0.26 -45.51 32.75
C GLN A 306 -0.48 -46.83 32.67
N ILE A 307 0.21 -47.86 32.21
CA ILE A 307 -0.31 -49.22 32.20
C ILE A 307 -0.22 -49.76 33.62
N LYS A 308 -1.03 -50.75 33.95
CA LYS A 308 -1.03 -51.35 35.26
C LYS A 308 -1.08 -52.87 35.13
N PRO A 309 -0.48 -53.59 36.06
CA PRO A 309 -0.47 -55.06 35.98
C PRO A 309 -1.86 -55.63 36.23
N VAL A 310 -2.08 -56.81 35.63
CA VAL A 310 -3.38 -57.48 35.70
C VAL A 310 -3.17 -58.93 36.10
N ASP A 311 -2.08 -59.19 36.84
CA ASP A 311 -1.66 -60.55 37.16
C ASP A 311 -2.65 -61.20 38.12
N PHE A 312 -3.82 -61.57 37.60
CA PHE A 312 -4.95 -61.98 38.41
C PHE A 312 -5.20 -63.47 38.26
N THR A 313 -4.13 -64.25 38.15
CA THR A 313 -4.27 -65.67 37.86
C THR A 313 -4.97 -66.40 39.00
N VAL A 314 -5.64 -67.49 38.66
CA VAL A 314 -6.28 -68.36 39.64
C VAL A 314 -5.48 -69.67 39.67
N ASP A 315 -5.48 -70.33 40.82
CA ASP A 315 -4.75 -71.56 40.99
C ASP A 315 -5.28 -72.64 40.07
N PRO A 316 -4.42 -73.34 39.34
CA PRO A 316 -4.86 -74.53 38.61
C PRO A 316 -5.12 -75.70 39.56
N GLY A 317 -6.23 -75.65 40.29
CA GLY A 317 -6.51 -76.65 41.31
C GLY A 317 -6.70 -78.06 40.80
N GLY A 318 -6.90 -78.24 39.50
CA GLY A 318 -7.09 -79.58 39.00
C GLY A 318 -8.49 -80.10 39.28
N ASP A 319 -8.61 -81.42 39.22
CA ASP A 319 -9.90 -82.07 39.39
C ASP A 319 -10.35 -81.99 40.85
N SER A 320 -11.66 -82.13 41.05
CA SER A 320 -12.27 -82.12 42.37
C SER A 320 -12.43 -83.55 42.86
N ASN A 321 -12.56 -83.71 44.17
CA ASN A 321 -12.66 -85.03 44.79
C ASN A 321 -14.10 -85.44 45.04
N VAL A 322 -15.09 -84.65 44.63
CA VAL A 322 -16.49 -84.98 44.86
C VAL A 322 -17.24 -85.03 43.54
N TYR A 323 -16.74 -84.30 42.54
CA TYR A 323 -17.37 -84.32 41.22
C TYR A 323 -16.37 -84.66 40.12
N SER A 324 -15.36 -85.48 40.41
CA SER A 324 -14.40 -85.88 39.40
C SER A 324 -15.09 -86.63 38.27
N SER A 325 -14.74 -86.26 37.03
CA SER A 325 -15.35 -86.91 35.88
C SER A 325 -15.00 -88.39 35.80
N GLU A 326 -13.93 -88.80 36.47
CA GLU A 326 -13.54 -90.20 36.50
C GLU A 326 -14.36 -90.96 37.53
N LYS A 327 -14.44 -90.43 38.75
CA LYS A 327 -15.10 -91.15 39.84
C LYS A 327 -16.54 -90.74 40.05
N HIS A 328 -17.03 -89.70 39.36
CA HIS A 328 -18.40 -89.25 39.53
C HIS A 328 -19.16 -89.02 38.23
N ASN A 329 -18.46 -88.76 37.12
CA ASN A 329 -19.14 -88.53 35.86
C ASN A 329 -18.84 -89.59 34.81
N SER A 330 -17.93 -90.53 35.09
CA SER A 330 -17.63 -91.66 34.20
C SER A 330 -17.14 -91.17 32.84
N HIS A 331 -16.40 -90.07 32.83
CA HIS A 331 -15.67 -89.56 31.67
C HIS A 331 -16.57 -89.20 30.49
N GLN A 332 -17.87 -89.05 30.69
CA GLN A 332 -18.74 -88.65 29.58
C GLN A 332 -18.92 -87.14 29.47
N GLY A 333 -17.81 -86.40 29.52
CA GLY A 333 -17.85 -84.95 29.40
C GLY A 333 -18.68 -84.31 30.50
N TRP A 334 -19.40 -83.27 30.11
CA TRP A 334 -20.29 -82.56 31.02
C TRP A 334 -21.57 -83.39 31.23
N LYS A 335 -21.93 -83.60 32.49
CA LYS A 335 -23.15 -84.33 32.80
C LYS A 335 -24.36 -83.44 32.56
N ALA A 336 -25.28 -83.88 31.70
CA ALA A 336 -26.42 -83.06 31.33
C ALA A 336 -27.35 -82.80 32.51
N THR A 337 -27.30 -83.62 33.55
CA THR A 337 -28.16 -83.47 34.71
C THR A 337 -27.33 -83.06 35.92
N TRP A 338 -27.75 -81.96 36.56
CA TRP A 338 -27.13 -81.44 37.77
C TRP A 338 -28.15 -80.57 38.50
N ASP A 339 -27.84 -80.26 39.76
CA ASP A 339 -28.67 -79.31 40.49
C ASP A 339 -28.42 -77.90 39.97
N LYS A 340 -29.51 -77.15 39.83
CA LYS A 340 -29.38 -75.78 39.32
C LYS A 340 -28.82 -74.84 40.38
N THR A 341 -28.70 -75.32 41.63
CA THR A 341 -28.27 -74.47 42.72
C THR A 341 -27.01 -75.01 43.39
N ILE A 342 -26.01 -75.40 42.59
CA ILE A 342 -24.74 -75.83 43.15
C ILE A 342 -24.00 -74.61 43.70
N ASN A 343 -23.63 -74.69 44.98
CA ASN A 343 -22.93 -73.60 45.66
C ASN A 343 -21.44 -73.85 45.54
N VAL A 344 -20.82 -73.19 44.56
CA VAL A 344 -19.39 -73.36 44.36
C VAL A 344 -18.61 -72.47 45.32
N THR A 345 -17.70 -73.08 46.06
CA THR A 345 -16.88 -72.38 47.04
C THR A 345 -15.52 -72.09 46.42
N GLU A 346 -14.60 -71.62 47.26
CA GLU A 346 -13.26 -71.31 46.78
C GLU A 346 -12.53 -72.60 46.41
N LEU A 347 -11.34 -72.42 45.83
CA LEU A 347 -10.55 -73.56 45.37
C LEU A 347 -10.11 -74.45 46.52
N THR A 348 -9.89 -73.89 47.71
CA THR A 348 -9.41 -74.68 48.83
C THR A 348 -10.41 -75.77 49.21
N ASN A 349 -11.70 -75.43 49.29
CA ASN A 349 -12.72 -76.39 49.66
C ASN A 349 -13.09 -77.33 48.51
N ARG A 350 -12.79 -76.96 47.27
CA ARG A 350 -13.06 -77.79 46.09
C ARG A 350 -14.54 -78.15 45.97
N ASN A 351 -15.42 -77.15 45.95
CA ASN A 351 -16.84 -77.40 45.74
C ASN A 351 -17.24 -77.04 44.32
N TYR A 352 -16.31 -77.19 43.39
CA TYR A 352 -16.56 -76.92 41.98
C TYR A 352 -16.68 -78.21 41.18
N VAL A 353 -17.50 -78.16 40.14
CA VAL A 353 -17.69 -79.30 39.26
C VAL A 353 -16.46 -79.45 38.37
N SER A 354 -15.97 -80.67 38.24
CA SER A 354 -14.75 -80.94 37.49
C SER A 354 -15.01 -81.96 36.41
N LEU A 355 -14.47 -81.70 35.22
CA LEU A 355 -14.59 -82.61 34.08
C LEU A 355 -13.21 -82.80 33.47
N THR A 356 -12.72 -84.04 33.46
CA THR A 356 -11.40 -84.34 32.93
C THR A 356 -11.43 -85.69 32.22
N ARG A 357 -10.53 -85.85 31.26
CA ARG A 357 -10.36 -87.07 30.49
C ARG A 357 -11.68 -87.59 29.91
N ASP A 358 -12.28 -86.88 28.97
CA ASP A 358 -13.56 -87.30 28.41
C ASP A 358 -13.40 -87.78 26.97
N VAL A 359 -14.37 -88.57 26.52
CA VAL A 359 -14.46 -88.99 25.13
C VAL A 359 -15.76 -88.56 24.48
N VAL A 360 -16.68 -87.97 25.24
CA VAL A 360 -17.96 -87.51 24.73
C VAL A 360 -18.06 -86.01 24.93
N ASP A 361 -18.31 -85.29 23.84
CA ASP A 361 -18.47 -83.85 23.87
C ASP A 361 -19.84 -83.51 24.44
N SER A 362 -19.86 -82.58 25.40
CA SER A 362 -21.09 -82.16 26.04
C SER A 362 -21.07 -80.65 26.25
N THR A 363 -22.27 -80.06 26.32
CA THR A 363 -22.42 -78.63 26.49
C THR A 363 -23.60 -78.33 27.40
N ILE A 364 -23.92 -77.04 27.53
CA ILE A 364 -24.94 -76.59 28.46
C ILE A 364 -26.05 -75.88 27.70
N PRO A 365 -27.31 -76.28 27.92
CA PRO A 365 -28.43 -75.61 27.22
C PRO A 365 -28.71 -74.22 27.77
N ASP A 366 -29.81 -73.62 27.31
CA ASP A 366 -30.13 -72.26 27.72
C ASP A 366 -30.51 -72.16 29.20
N ASP A 367 -31.39 -73.03 29.69
CA ASP A 367 -31.98 -72.85 31.01
C ASP A 367 -30.99 -73.18 32.11
N GLN A 368 -30.00 -72.32 32.30
CA GLN A 368 -29.05 -72.47 33.40
C GLN A 368 -28.67 -71.09 33.91
N VAL A 369 -28.49 -71.00 35.22
CA VAL A 369 -28.03 -69.78 35.87
C VAL A 369 -27.09 -70.14 37.01
N ILE A 370 -25.85 -69.69 36.93
CA ILE A 370 -24.83 -70.02 37.92
C ILE A 370 -24.13 -68.75 38.39
N ASN A 371 -23.97 -68.64 39.70
CA ASN A 371 -23.21 -67.55 40.31
C ASN A 371 -21.93 -68.11 40.91
N VAL A 372 -21.12 -67.23 41.47
CA VAL A 372 -19.94 -67.62 42.22
C VAL A 372 -20.03 -67.02 43.63
N THR A 373 -19.72 -67.85 44.63
CA THR A 373 -19.89 -67.46 46.02
C THR A 373 -18.60 -67.02 46.69
N LYS A 374 -17.46 -67.57 46.32
CA LYS A 374 -16.20 -67.28 46.96
C LYS A 374 -15.24 -66.67 45.95
N PRO A 375 -14.21 -65.97 46.42
CA PRO A 375 -13.15 -65.50 45.52
C PRO A 375 -12.27 -66.67 45.10
N ASN A 376 -11.21 -66.32 44.36
CA ASN A 376 -10.13 -67.20 43.91
C ASN A 376 -10.61 -68.61 43.59
N ASN A 377 -11.58 -68.73 42.69
CA ASN A 377 -12.11 -70.03 42.32
C ASN A 377 -12.74 -70.00 40.93
N ARG A 378 -13.19 -71.16 40.47
CA ARG A 378 -13.96 -71.29 39.24
C ARG A 378 -15.27 -72.01 39.55
N ALA A 379 -16.37 -71.49 39.03
CA ALA A 379 -17.66 -72.11 39.27
C ALA A 379 -17.68 -73.54 38.75
N MET A 380 -17.12 -73.77 37.57
CA MET A 380 -16.96 -75.11 37.04
C MET A 380 -15.73 -75.11 36.13
N VAL A 381 -15.06 -76.25 36.07
CA VAL A 381 -13.82 -76.38 35.32
C VAL A 381 -13.94 -77.56 34.35
N VAL A 382 -13.57 -77.31 33.10
CA VAL A 382 -13.51 -78.35 32.07
C VAL A 382 -12.06 -78.45 31.63
N ASP A 383 -11.32 -79.36 32.27
CA ASP A 383 -9.86 -79.37 32.18
C ASP A 383 -9.36 -80.64 31.51
N GLU A 384 -8.17 -80.55 30.94
CA GLU A 384 -7.45 -81.67 30.34
C GLU A 384 -8.26 -82.31 29.21
N VAL A 385 -9.03 -81.46 28.52
CA VAL A 385 -9.80 -81.91 27.37
C VAL A 385 -9.06 -81.62 26.08
N ARG A 386 -8.18 -82.53 25.69
CA ARG A 386 -7.53 -82.46 24.37
C ARG A 386 -8.56 -82.65 23.27
N LYS A 387 -9.11 -83.86 23.18
CA LYS A 387 -10.26 -84.21 22.35
C LYS A 387 -10.03 -83.97 20.86
N ASN A 388 -8.83 -83.49 20.50
CA ASN A 388 -8.50 -83.15 19.11
C ASN A 388 -9.62 -82.39 18.41
N GLY A 389 -9.93 -81.20 18.92
CA GLY A 389 -10.90 -80.36 18.25
C GLY A 389 -12.30 -80.40 18.82
N ILE A 390 -12.42 -80.26 20.14
CA ILE A 390 -13.73 -80.15 20.76
C ILE A 390 -14.46 -78.94 20.20
N LYS A 391 -15.78 -79.06 20.06
CA LYS A 391 -16.59 -77.97 19.54
C LYS A 391 -17.99 -78.06 20.11
N VAL A 392 -18.30 -77.11 21.00
CA VAL A 392 -19.59 -77.02 21.67
C VAL A 392 -20.04 -75.56 21.67
N ASP A 393 -21.28 -75.33 22.12
CA ASP A 393 -21.85 -73.98 22.20
C ASP A 393 -22.55 -73.85 23.56
N PHE A 394 -21.89 -73.12 24.47
CA PHE A 394 -22.42 -72.92 25.81
C PHE A 394 -23.62 -71.97 25.77
N LYS A 395 -24.61 -72.24 26.62
CA LYS A 395 -25.81 -71.40 26.66
C LYS A 395 -26.29 -71.08 28.06
N GLY A 396 -25.59 -71.54 29.10
CA GLY A 396 -25.99 -71.22 30.46
C GLY A 396 -25.58 -69.82 30.86
N THR A 397 -26.18 -69.35 31.96
CA THR A 397 -25.88 -68.02 32.47
C THR A 397 -24.89 -68.11 33.63
N ILE A 398 -23.82 -67.33 33.54
CA ILE A 398 -22.76 -67.33 34.53
C ILE A 398 -22.68 -65.96 35.17
N ASN A 399 -22.47 -65.93 36.48
CA ASN A 399 -22.43 -64.70 37.25
C ASN A 399 -21.15 -64.64 38.08
N LEU A 400 -20.55 -63.47 38.16
CA LEU A 400 -19.36 -63.23 38.97
C LEU A 400 -19.70 -62.25 40.08
N GLN A 401 -19.28 -62.57 41.30
CA GLN A 401 -19.64 -61.80 42.47
C GLN A 401 -18.45 -61.46 43.36
N ARG A 402 -17.41 -62.28 43.39
CA ARG A 402 -16.23 -62.02 44.21
C ARG A 402 -15.02 -61.80 43.32
N SER A 403 -13.91 -61.41 43.93
CA SER A 403 -12.70 -61.12 43.17
C SER A 403 -11.99 -62.40 42.77
N GLN A 404 -11.07 -62.27 41.82
CA GLN A 404 -10.25 -63.38 41.34
C GLN A 404 -11.09 -64.57 40.89
N ASN A 405 -12.14 -64.32 40.12
CA ASN A 405 -13.00 -65.39 39.67
C ASN A 405 -13.09 -65.37 38.16
N VAL A 406 -13.38 -66.53 37.59
CA VAL A 406 -13.43 -66.73 36.16
C VAL A 406 -14.87 -67.08 35.78
N GLY A 407 -15.35 -66.46 34.71
CA GLY A 407 -16.67 -66.79 34.21
C GLY A 407 -16.72 -68.22 33.76
N ILE A 408 -15.94 -68.53 32.72
CA ILE A 408 -15.76 -69.91 32.26
C ILE A 408 -14.52 -69.94 31.38
N ASP A 409 -13.85 -71.09 31.33
CA ASP A 409 -12.58 -71.21 30.65
C ASP A 409 -12.37 -72.61 30.13
N LEU A 410 -11.73 -72.69 28.98
CA LEU A 410 -11.27 -73.94 28.38
C LEU A 410 -9.76 -73.82 28.15
N GLN A 411 -8.98 -74.64 28.85
CA GLN A 411 -7.54 -74.52 28.84
C GLN A 411 -6.95 -75.51 27.82
N GLY A 412 -5.69 -75.30 27.46
CA GLY A 412 -5.01 -76.15 26.50
C GLY A 412 -4.61 -77.49 27.08
N THR A 413 -3.80 -78.21 26.30
CA THR A 413 -3.41 -79.57 26.66
C THR A 413 -1.90 -79.72 26.51
N HIS A 414 -1.33 -80.57 27.36
CA HIS A 414 0.09 -80.90 27.32
C HIS A 414 0.42 -81.95 26.24
N GLN A 415 -0.57 -82.41 25.49
CA GLN A 415 -0.36 -83.41 24.46
C GLN A 415 -0.45 -82.77 23.08
N GLY A 416 0.52 -83.09 22.24
CA GLY A 416 0.57 -82.55 20.90
C GLY A 416 1.82 -83.01 20.18
N SER A 417 1.97 -82.52 18.95
CA SER A 417 3.12 -82.86 18.13
C SER A 417 3.62 -81.59 17.47
N ILE A 418 4.91 -81.60 17.13
CA ILE A 418 5.57 -80.38 16.64
C ILE A 418 5.00 -79.95 15.30
N SER A 419 4.71 -80.91 14.43
CA SER A 419 4.28 -80.60 13.07
C SER A 419 2.77 -80.53 12.90
N THR A 420 1.99 -80.88 13.92
CA THR A 420 0.53 -80.82 13.87
C THR A 420 0.01 -80.17 15.14
N PRO A 421 0.06 -78.83 15.22
CA PRO A 421 -0.55 -78.14 16.36
C PRO A 421 -2.06 -78.32 16.37
N LEU A 422 -2.64 -78.30 17.57
CA LEU A 422 -4.05 -78.62 17.75
C LEU A 422 -4.93 -77.52 17.16
N ILE A 423 -6.13 -77.90 16.73
CA ILE A 423 -7.12 -77.00 16.17
C ILE A 423 -8.37 -77.05 17.03
N ALA A 424 -8.88 -75.88 17.42
CA ALA A 424 -10.02 -75.81 18.33
C ALA A 424 -11.03 -74.79 17.83
N ASN A 425 -12.29 -74.98 18.23
CA ASN A 425 -13.36 -74.03 17.91
C ASN A 425 -14.46 -74.22 18.95
N ILE A 426 -14.51 -73.30 19.92
CA ILE A 426 -15.46 -73.38 21.03
C ILE A 426 -16.44 -72.22 20.92
N TYR A 427 -17.71 -72.48 21.19
CA TYR A 427 -18.72 -71.45 21.11
C TYR A 427 -19.37 -71.24 22.47
N ASN A 428 -19.82 -70.02 22.73
CA ASN A 428 -20.32 -69.65 24.06
C ASN A 428 -21.41 -68.59 23.92
N SER A 429 -22.67 -69.04 23.81
CA SER A 429 -23.80 -68.17 23.59
C SER A 429 -24.44 -67.70 24.89
N GLY A 430 -23.85 -68.04 26.03
CA GLY A 430 -24.44 -67.72 27.31
C GLY A 430 -24.21 -66.27 27.71
N LYS A 431 -24.66 -65.95 28.91
CA LYS A 431 -24.55 -64.61 29.47
C LYS A 431 -23.62 -64.66 30.68
N ILE A 432 -22.63 -63.77 30.70
CA ILE A 432 -21.71 -63.64 31.81
C ILE A 432 -21.62 -62.17 32.21
N ILE A 433 -21.77 -61.90 33.50
CA ILE A 433 -21.78 -60.54 34.03
C ILE A 433 -20.92 -60.51 35.29
N GLY A 434 -20.04 -59.51 35.38
CA GLY A 434 -19.30 -59.24 36.59
C GLY A 434 -19.70 -57.90 37.17
N ASN A 435 -20.39 -57.89 38.30
CA ASN A 435 -20.98 -56.68 38.85
C ASN A 435 -19.95 -55.84 39.57
N ALA A 436 -20.41 -54.77 40.20
CA ALA A 436 -19.53 -53.78 40.81
C ALA A 436 -19.64 -53.70 42.33
N LYS A 437 -20.65 -54.34 42.92
CA LYS A 437 -20.87 -54.22 44.35
C LYS A 437 -21.12 -55.60 44.97
N TYR A 438 -20.59 -55.79 46.17
CA TYR A 438 -20.90 -56.96 46.99
C TYR A 438 -21.24 -56.43 48.37
N GLY A 439 -22.52 -56.14 48.61
CA GLY A 439 -22.87 -55.43 49.81
C GLY A 439 -22.23 -54.06 49.82
N SER A 440 -21.36 -53.84 50.80
CA SER A 440 -20.57 -52.62 50.88
C SER A 440 -19.07 -52.86 50.68
N THR A 441 -18.71 -53.90 49.93
CA THR A 441 -17.32 -54.28 49.73
C THR A 441 -16.92 -54.05 48.28
N ALA A 442 -15.69 -53.58 48.08
CA ALA A 442 -15.19 -53.34 46.73
C ALA A 442 -14.90 -54.66 46.02
N ASN A 443 -15.20 -54.69 44.73
CA ASN A 443 -14.92 -55.83 43.87
C ASN A 443 -13.97 -55.43 42.76
N LYS A 444 -12.97 -56.28 42.53
CA LYS A 444 -11.98 -56.06 41.49
C LYS A 444 -11.49 -57.41 41.00
N GLU A 445 -10.51 -57.37 40.09
CA GLU A 445 -9.84 -58.54 39.51
C GLU A 445 -10.82 -59.68 39.24
N GLN A 446 -11.94 -59.33 38.62
CA GLN A 446 -12.90 -60.32 38.14
C GLN A 446 -12.70 -60.53 36.66
N ILE A 447 -12.39 -61.77 36.28
CA ILE A 447 -12.03 -62.07 34.90
C ILE A 447 -13.12 -62.93 34.27
N ALA A 448 -13.43 -62.62 33.01
CA ALA A 448 -14.47 -63.37 32.31
C ALA A 448 -13.89 -64.62 31.66
N PHE A 449 -12.90 -64.45 30.80
CA PHE A 449 -12.21 -65.55 30.15
C PHE A 449 -10.72 -65.25 30.17
N GLY A 450 -9.91 -66.27 29.97
CA GLY A 450 -8.48 -66.04 29.92
C GLY A 450 -7.72 -67.35 29.94
N PHE A 451 -6.40 -67.22 29.87
CA PHE A 451 -5.50 -68.37 29.91
C PHE A 451 -4.50 -68.16 31.03
N ASN A 452 -4.36 -69.16 31.88
CA ASN A 452 -3.37 -69.14 32.96
C ASN A 452 -3.06 -70.57 33.34
N ASN A 453 -1.81 -70.81 33.77
CA ASN A 453 -1.37 -72.13 34.18
C ASN A 453 -0.06 -72.00 34.93
N ALA A 454 0.12 -72.88 35.93
CA ALA A 454 1.31 -72.83 36.77
C ALA A 454 2.38 -73.80 36.27
N ASP A 455 2.04 -75.08 36.19
CA ASP A 455 2.97 -76.05 35.65
C ASP A 455 3.02 -75.96 34.14
N GLY A 456 4.13 -76.45 33.57
CA GLY A 456 4.34 -76.36 32.14
C GLY A 456 3.37 -77.21 31.33
N SER A 457 3.11 -76.76 30.12
CA SER A 457 2.27 -77.46 29.16
C SER A 457 3.08 -77.72 27.89
N ASN A 458 2.42 -78.24 26.86
CA ASN A 458 3.08 -78.54 25.60
C ASN A 458 3.28 -77.25 24.82
N ASN A 459 4.49 -77.06 24.27
CA ASN A 459 4.74 -75.89 23.44
C ASN A 459 3.91 -75.91 22.17
N THR A 460 3.76 -77.07 21.55
CA THR A 460 2.98 -77.18 20.31
C THR A 460 1.50 -77.04 20.53
N THR A 461 1.03 -76.83 21.77
CA THR A 461 -0.38 -76.63 22.02
C THR A 461 -0.87 -75.39 21.30
N MET A 462 -1.91 -75.56 20.49
CA MET A 462 -2.51 -74.48 19.71
C MET A 462 -4.01 -74.50 19.92
N THR A 463 -4.58 -73.33 20.20
CA THR A 463 -5.98 -73.24 20.57
C THR A 463 -6.63 -72.04 19.90
N ASN A 464 -7.95 -72.10 19.75
CA ASN A 464 -8.73 -71.00 19.19
C ASN A 464 -10.02 -70.89 19.98
N MET A 465 -10.46 -69.65 20.18
CA MET A 465 -11.66 -69.38 20.95
C MET A 465 -12.59 -68.49 20.13
N VAL A 466 -13.89 -68.78 20.18
CA VAL A 466 -14.89 -67.99 19.47
C VAL A 466 -15.91 -67.45 20.45
N ASN A 467 -15.99 -66.13 20.57
CA ASN A 467 -16.94 -65.51 21.48
C ASN A 467 -18.33 -65.50 20.84
N LYS A 468 -19.35 -65.84 21.65
CA LYS A 468 -20.69 -65.94 21.11
C LYS A 468 -21.77 -65.35 22.01
N GLY A 469 -21.44 -64.87 23.22
CA GLY A 469 -22.43 -64.45 24.18
C GLY A 469 -22.19 -63.04 24.67
N GLU A 470 -22.86 -62.71 25.77
CA GLU A 470 -22.81 -61.38 26.38
C GLU A 470 -21.75 -61.38 27.47
N ILE A 471 -20.88 -60.38 27.44
CA ILE A 471 -19.77 -60.26 28.39
C ILE A 471 -19.94 -58.92 29.10
N THR A 472 -19.97 -58.94 30.42
CA THR A 472 -20.17 -57.74 31.23
C THR A 472 -19.26 -57.82 32.45
N LEU A 473 -18.48 -56.78 32.67
CA LEU A 473 -17.65 -56.65 33.86
C LEU A 473 -17.78 -55.24 34.41
N ASN A 474 -18.19 -55.13 35.66
CA ASN A 474 -18.35 -53.84 36.32
C ASN A 474 -17.38 -53.62 37.46
N ALA A 475 -16.60 -54.62 37.82
CA ALA A 475 -15.54 -54.43 38.79
C ALA A 475 -14.37 -53.69 38.14
N PRO A 476 -13.86 -52.62 38.76
CA PRO A 476 -12.72 -51.91 38.19
C PRO A 476 -11.51 -52.82 38.07
N SER A 477 -10.71 -52.57 37.03
CA SER A 477 -9.51 -53.36 36.76
C SER A 477 -9.85 -54.85 36.61
N SER A 478 -10.92 -55.12 35.86
CA SER A 478 -11.28 -56.49 35.55
C SER A 478 -10.47 -56.98 34.35
N ALA A 479 -10.88 -58.14 33.81
CA ALA A 479 -10.21 -58.70 32.65
C ALA A 479 -11.21 -59.48 31.81
N GLY A 480 -11.35 -59.05 30.55
CA GLY A 480 -12.25 -59.74 29.65
C GLY A 480 -11.69 -61.07 29.18
N ILE A 481 -10.59 -61.03 28.42
CA ILE A 481 -9.90 -62.22 27.98
C ILE A 481 -8.41 -62.01 28.22
N GLN A 482 -7.77 -62.97 28.88
CA GLN A 482 -6.39 -62.86 29.31
C GLN A 482 -5.52 -63.87 28.57
N LEU A 483 -4.38 -63.41 28.08
CA LEU A 483 -3.39 -64.27 27.43
C LEU A 483 -2.05 -64.09 28.12
N LYS A 484 -1.34 -65.20 28.29
CA LYS A 484 -0.06 -65.16 28.97
C LYS A 484 0.89 -66.17 28.34
N PRO A 485 2.16 -65.81 28.17
CA PRO A 485 3.18 -66.82 27.94
C PRO A 485 3.42 -67.62 29.22
N GLU A 486 3.90 -68.84 29.07
CA GLU A 486 4.23 -69.63 30.25
C GLU A 486 5.68 -69.40 30.66
N ASP A 487 5.96 -69.66 31.93
CA ASP A 487 7.27 -69.44 32.51
C ASP A 487 8.25 -70.47 31.97
N PRO A 488 9.34 -70.06 31.32
CA PRO A 488 10.39 -71.00 30.93
C PRO A 488 11.08 -71.69 32.11
N HIS A 489 11.05 -71.07 33.30
CA HIS A 489 11.51 -71.75 34.50
C HIS A 489 10.62 -72.95 34.83
N ASP A 490 9.35 -72.92 34.43
CA ASP A 490 8.42 -74.01 34.64
C ASP A 490 8.34 -74.38 36.12
N TRP A 491 7.87 -73.40 36.91
CA TRP A 491 7.65 -73.64 38.33
C TRP A 491 6.56 -74.68 38.52
N GLN A 492 6.73 -75.52 39.54
CA GLN A 492 5.85 -76.67 39.76
C GLN A 492 5.23 -76.60 41.14
N PRO A 493 4.01 -77.10 41.30
CA PRO A 493 3.37 -77.09 42.63
C PRO A 493 4.08 -78.03 43.58
N GLY A 494 3.48 -78.17 44.77
CA GLY A 494 4.09 -78.91 45.85
C GLY A 494 4.09 -80.41 45.68
N ALA A 495 4.88 -80.90 44.73
CA ALA A 495 5.01 -82.33 44.53
C ALA A 495 5.68 -82.96 45.75
N PRO A 496 5.35 -84.22 46.08
CA PRO A 496 4.47 -85.16 45.37
C PRO A 496 2.99 -84.89 45.63
N ASN A 497 2.66 -84.01 46.58
CA ASN A 497 1.27 -83.63 46.78
C ASN A 497 0.72 -82.90 45.56
N TYR A 498 1.55 -82.08 44.92
CA TYR A 498 1.19 -81.38 43.69
C TYR A 498 -0.02 -80.47 43.91
N TRP A 499 -1.15 -80.85 43.34
CA TRP A 499 -2.34 -80.00 43.38
C TRP A 499 -3.32 -80.40 44.49
N ASN A 500 -2.96 -81.36 45.34
CA ASN A 500 -3.89 -81.79 46.39
C ASN A 500 -3.95 -80.77 47.52
N ALA A 501 -2.81 -80.20 47.90
CA ALA A 501 -2.76 -79.27 49.02
C ALA A 501 -3.52 -78.00 48.70
N ALA A 502 -4.14 -77.41 49.73
CA ALA A 502 -4.95 -76.20 49.59
C ALA A 502 -4.50 -75.20 50.63
N PRO A 503 -4.01 -74.01 50.21
CA PRO A 503 -3.84 -73.55 48.83
C PRO A 503 -2.60 -74.15 48.16
N LEU A 504 -2.44 -73.95 46.87
CA LEU A 504 -1.29 -74.50 46.16
C LEU A 504 0.00 -73.85 46.65
N GLN A 505 1.02 -74.68 46.83
CA GLN A 505 2.38 -74.21 47.07
C GLN A 505 3.24 -74.63 45.88
N ILE A 506 3.89 -73.66 45.25
CA ILE A 506 4.81 -73.98 44.17
C ILE A 506 6.09 -74.53 44.77
N GLY A 507 6.33 -75.82 44.59
CA GLY A 507 7.37 -76.49 45.32
C GLY A 507 8.67 -76.77 44.58
N ASN A 508 8.72 -76.48 43.28
CA ASN A 508 9.89 -76.84 42.50
C ASN A 508 9.89 -76.03 41.20
N LYS A 509 11.09 -75.91 40.62
CA LYS A 509 11.30 -75.24 39.34
C LYS A 509 12.05 -76.20 38.41
N THR A 510 11.53 -76.37 37.19
CA THR A 510 12.15 -77.25 36.19
C THR A 510 12.31 -76.53 34.87
N PRO A 511 13.30 -75.63 34.77
CA PRO A 511 13.57 -74.99 33.47
C PRO A 511 14.03 -76.03 32.45
N ASN A 512 13.62 -75.83 31.20
CA ASN A 512 13.91 -76.80 30.16
C ASN A 512 13.85 -76.12 28.80
N LYS A 513 14.47 -76.76 27.81
CA LYS A 513 14.40 -76.29 26.43
C LYS A 513 12.97 -76.29 25.90
N ILE A 514 12.18 -77.33 26.22
CA ILE A 514 10.87 -77.49 25.61
C ILE A 514 9.78 -77.26 26.64
N LYS A 515 10.06 -76.43 27.65
CA LYS A 515 9.07 -76.06 28.65
C LYS A 515 9.01 -74.54 28.78
N GLY A 516 7.80 -74.01 28.78
CA GLY A 516 7.61 -72.57 28.87
C GLY A 516 7.51 -71.86 27.54
N ARG A 517 7.09 -72.57 26.49
CA ARG A 517 7.02 -71.98 25.15
C ARG A 517 5.71 -72.36 24.48
N VAL A 518 4.61 -72.29 25.22
CA VAL A 518 3.32 -72.68 24.66
C VAL A 518 2.86 -71.67 23.63
N LEU A 519 1.83 -72.04 22.87
CA LEU A 519 1.23 -71.19 21.86
C LEU A 519 -0.24 -70.98 22.17
N MET A 520 -0.73 -69.77 21.89
CA MET A 520 -2.12 -69.41 22.17
C MET A 520 -2.66 -68.48 21.10
N LYS A 521 -3.95 -68.62 20.81
CA LYS A 521 -4.67 -67.74 19.90
C LYS A 521 -6.06 -67.47 20.45
N ALA A 522 -6.47 -66.21 20.39
CA ALA A 522 -7.77 -65.81 20.94
C ALA A 522 -8.51 -64.95 19.92
N ASP A 523 -9.83 -65.07 19.91
CA ASP A 523 -10.66 -64.38 18.92
C ASP A 523 -11.99 -64.02 19.58
N ASN A 524 -12.39 -62.76 19.41
CA ASN A 524 -13.71 -62.31 19.86
C ASN A 524 -14.64 -62.25 18.65
N GLN A 525 -15.75 -62.99 18.73
CA GLN A 525 -16.74 -63.02 17.67
C GLN A 525 -18.10 -62.51 18.13
N LYS A 526 -18.13 -61.77 19.24
CA LYS A 526 -19.36 -61.21 19.75
C LYS A 526 -19.07 -59.87 20.43
N ASP A 527 -20.01 -59.37 21.22
CA ASP A 527 -19.92 -58.05 21.82
C ASP A 527 -19.21 -58.17 23.17
N ILE A 528 -18.12 -57.42 23.34
CA ILE A 528 -17.48 -57.32 24.64
C ILE A 528 -17.85 -56.00 25.28
N ASN A 529 -18.40 -56.05 26.50
CA ASN A 529 -18.76 -54.81 27.18
C ASN A 529 -17.96 -54.75 28.49
N LEU A 530 -17.09 -53.75 28.58
CA LEU A 530 -16.31 -53.52 29.80
C LEU A 530 -16.87 -52.28 30.48
N ASN A 531 -17.42 -52.49 31.69
CA ASN A 531 -17.94 -51.37 32.45
C ASN A 531 -16.99 -50.94 33.56
N GLY A 532 -16.18 -51.87 34.05
CA GLY A 532 -15.22 -51.52 35.08
C GLY A 532 -14.11 -50.64 34.54
N SER A 533 -13.40 -49.99 35.45
CA SER A 533 -12.37 -49.04 35.08
C SER A 533 -10.98 -49.67 35.20
N GLY A 534 -10.08 -49.25 34.31
CA GLY A 534 -8.73 -49.76 34.31
C GLY A 534 -8.63 -51.25 34.04
N SER A 535 -9.48 -51.79 33.19
CA SER A 535 -9.58 -53.22 32.96
C SER A 535 -8.96 -53.59 31.61
N PHE A 536 -9.09 -54.87 31.27
CA PHE A 536 -8.58 -55.42 30.02
C PHE A 536 -9.69 -56.24 29.36
N GLY A 537 -9.87 -56.05 28.05
CA GLY A 537 -10.76 -56.90 27.30
C GLY A 537 -10.05 -58.11 26.71
N MET A 538 -8.98 -57.84 25.97
CA MET A 538 -8.13 -58.87 25.39
C MET A 538 -6.69 -58.38 25.47
N VAL A 539 -5.93 -58.94 26.41
CA VAL A 539 -4.59 -58.45 26.71
C VAL A 539 -3.63 -59.63 26.75
N THR A 540 -2.40 -59.42 26.31
CA THR A 540 -1.32 -60.40 26.46
C THR A 540 -0.42 -59.90 27.59
N VAL A 541 -0.52 -60.53 28.75
CA VAL A 541 0.10 -60.02 29.95
C VAL A 541 1.61 -60.19 29.86
N PHE A 542 2.34 -59.54 30.76
CA PHE A 542 3.77 -59.77 30.86
C PHE A 542 4.03 -61.06 31.64
N ASN A 543 4.92 -61.88 31.09
CA ASN A 543 5.29 -63.15 31.72
C ASN A 543 6.22 -62.84 32.88
N GLU A 544 5.61 -62.36 33.98
CA GLU A 544 6.34 -62.14 35.21
C GLU A 544 6.42 -63.44 35.99
N GLY A 545 5.75 -64.47 35.49
CA GLY A 545 5.61 -65.71 36.22
C GLY A 545 4.31 -65.74 36.98
N VAL A 546 4.38 -65.71 38.31
CA VAL A 546 3.20 -65.68 39.15
C VAL A 546 3.40 -64.62 40.23
N PRO A 547 2.35 -63.96 40.71
CA PRO A 547 2.49 -63.11 41.90
C PRO A 547 3.07 -63.88 43.07
N LYS A 548 3.56 -63.14 44.07
CA LYS A 548 4.20 -63.77 45.22
C LYS A 548 3.24 -64.61 46.05
N ARG A 549 1.96 -64.64 45.68
CA ARG A 549 0.98 -65.45 46.40
C ARG A 549 1.35 -66.93 46.32
N LEU A 550 1.87 -67.37 45.18
CA LEU A 550 2.41 -68.71 45.06
C LEU A 550 3.91 -68.79 45.34
N PHE A 551 4.54 -67.68 45.73
CA PHE A 551 5.94 -67.69 46.16
C PHE A 551 5.99 -67.77 47.67
N ALA A 552 6.32 -68.97 48.17
CA ALA A 552 6.44 -69.20 49.60
C ALA A 552 7.67 -68.47 50.14
N PRO A 553 7.71 -68.14 51.44
CA PRO A 553 8.92 -67.53 52.00
C PRO A 553 10.16 -68.39 51.81
N SER A 554 10.00 -69.71 51.77
CA SER A 554 11.12 -70.57 51.43
C SER A 554 11.60 -70.36 50.00
N TYR A 555 10.70 -69.93 49.11
CA TYR A 555 11.07 -69.69 47.72
C TYR A 555 11.03 -68.23 47.29
N VAL A 556 10.98 -67.28 48.23
CA VAL A 556 11.15 -65.88 47.86
C VAL A 556 12.62 -65.53 47.77
N ALA A 557 13.48 -66.33 48.43
CA ALA A 557 14.92 -66.12 48.37
C ALA A 557 15.49 -66.48 47.00
N ASN A 558 15.03 -67.55 46.37
CA ASN A 558 15.47 -67.94 45.04
C ASN A 558 14.50 -67.45 43.99
N TYR A 559 13.94 -66.27 44.21
CA TYR A 559 12.97 -65.68 43.28
C TYR A 559 13.68 -65.13 42.05
N GLU A 560 14.00 -66.04 41.13
CA GLU A 560 14.55 -65.62 39.85
C GLU A 560 13.42 -65.35 38.87
N ASN A 561 13.03 -64.08 38.77
CA ASN A 561 11.92 -63.68 37.92
C ASN A 561 12.42 -63.53 36.50
N LEU A 562 11.46 -63.41 35.58
CA LEU A 562 11.78 -63.16 34.17
C LEU A 562 12.19 -61.71 34.02
N ARG A 563 13.33 -61.38 34.64
CA ARG A 563 13.89 -60.04 34.61
C ARG A 563 15.31 -60.08 34.09
N SER A 564 15.54 -60.93 33.09
CA SER A 564 16.85 -61.11 32.46
C SER A 564 16.65 -62.03 31.25
N GLU A 565 17.61 -62.00 30.33
CA GLU A 565 17.57 -62.93 29.21
C GLU A 565 17.68 -64.36 29.74
N ARG A 566 16.82 -65.25 29.27
CA ARG A 566 16.76 -66.59 29.82
C ARG A 566 17.21 -67.58 28.75
N THR A 567 18.21 -68.39 29.08
CA THR A 567 18.66 -69.48 28.24
C THR A 567 18.65 -70.78 29.02
N TYR A 568 18.17 -71.85 28.37
CA TYR A 568 18.09 -73.15 29.00
C TYR A 568 18.30 -74.23 27.95
N ASP A 569 19.31 -75.06 28.19
CA ASP A 569 19.69 -76.15 27.29
C ASP A 569 20.11 -75.60 25.93
N GLY A 570 20.48 -74.33 25.86
CA GLY A 570 20.89 -73.70 24.63
C GLY A 570 19.87 -72.79 23.98
N GLU A 571 18.75 -72.50 24.66
CA GLU A 571 17.76 -71.60 24.09
C GLU A 571 18.29 -70.16 24.08
N ARG A 572 17.64 -69.31 23.30
CA ARG A 572 18.01 -67.90 23.18
C ARG A 572 16.76 -67.03 23.27
N VAL A 573 15.92 -67.34 24.26
CA VAL A 573 14.69 -66.60 24.46
C VAL A 573 15.03 -65.19 24.95
N LEU A 574 14.39 -64.19 24.34
CA LEU A 574 14.58 -62.82 24.75
C LEU A 574 14.05 -62.62 26.16
N PRO A 575 14.63 -61.70 26.92
CA PRO A 575 14.20 -61.49 28.31
C PRO A 575 12.73 -61.12 28.40
N GLY A 576 12.08 -61.61 29.47
CA GLY A 576 10.71 -61.24 29.77
C GLY A 576 9.66 -62.25 29.35
N GLY A 577 9.94 -63.08 28.35
CA GLY A 577 8.98 -64.03 27.84
C GLY A 577 8.92 -64.03 26.33
N GLU A 578 8.27 -65.06 25.80
CA GLU A 578 8.18 -65.26 24.36
C GLU A 578 7.12 -66.30 24.04
N ILE A 579 6.39 -66.07 22.96
CA ILE A 579 5.46 -67.04 22.39
C ILE A 579 6.17 -67.68 21.19
N GLY A 580 6.22 -69.01 21.16
CA GLY A 580 7.05 -69.75 20.23
C GLY A 580 6.77 -69.51 18.75
N ARG A 581 7.78 -69.75 17.92
CA ARG A 581 7.66 -69.54 16.49
C ARG A 581 6.89 -70.68 15.84
N SER A 582 6.13 -70.34 14.80
CA SER A 582 5.29 -71.32 14.11
C SER A 582 5.76 -71.47 12.68
N ALA A 583 5.93 -72.72 12.26
CA ALA A 583 6.35 -73.00 10.89
C ALA A 583 5.27 -73.62 10.02
N LEU A 584 4.32 -74.36 10.58
CA LEU A 584 3.24 -74.90 9.76
C LEU A 584 2.32 -73.75 9.34
N SER A 585 2.57 -73.20 8.16
CA SER A 585 2.02 -71.90 7.76
C SER A 585 0.53 -72.05 7.48
N ASP A 586 -0.28 -71.73 8.50
CA ASP A 586 -1.72 -71.60 8.34
C ASP A 586 -2.27 -70.76 9.49
N SER A 587 -3.39 -70.09 9.21
CA SER A 587 -4.03 -69.23 10.19
C SER A 587 -4.54 -70.04 11.38
N LYS A 588 -4.86 -71.32 11.15
CA LYS A 588 -5.32 -72.16 12.23
C LYS A 588 -4.18 -72.64 13.12
N TYR A 589 -2.94 -72.25 12.82
CA TYR A 589 -1.83 -72.45 13.74
C TYR A 589 -1.14 -71.14 14.09
N THR A 590 -1.63 -70.02 13.56
CA THR A 590 -1.06 -68.70 13.86
C THR A 590 -1.45 -68.34 15.29
N SER A 591 -0.48 -68.36 16.19
CA SER A 591 -0.73 -68.09 17.60
C SER A 591 -0.53 -66.61 17.88
N GLY A 592 -1.61 -65.92 18.25
CA GLY A 592 -1.51 -64.50 18.48
C GLY A 592 -2.84 -63.93 18.92
N VAL A 593 -3.12 -62.71 18.46
CA VAL A 593 -4.35 -62.01 18.81
C VAL A 593 -5.04 -61.57 17.53
N TYR A 594 -6.35 -61.77 17.49
CA TYR A 594 -7.18 -61.33 16.38
C TYR A 594 -8.61 -61.27 16.88
N ASN A 595 -9.43 -60.44 16.22
CA ASN A 595 -10.78 -60.24 16.68
C ASN A 595 -11.66 -59.84 15.50
N THR A 596 -12.97 -60.12 15.64
CA THR A 596 -13.97 -59.70 14.69
C THR A 596 -15.21 -59.11 15.34
N GLY A 597 -15.45 -59.40 16.61
CA GLY A 597 -16.63 -58.93 17.31
C GLY A 597 -16.54 -57.47 17.71
N ASN A 598 -17.16 -57.15 18.83
CA ASN A 598 -17.21 -55.78 19.33
C ASN A 598 -16.65 -55.73 20.74
N ILE A 599 -16.03 -54.60 21.09
CA ILE A 599 -15.50 -54.36 22.43
C ILE A 599 -16.09 -53.03 22.88
N ASN A 600 -16.73 -53.03 24.04
CA ASN A 600 -17.41 -51.83 24.56
C ASN A 600 -16.70 -51.35 25.83
N ILE A 601 -15.84 -50.36 25.64
CA ILE A 601 -15.07 -49.84 26.75
C ILE A 601 -15.75 -48.59 27.28
N ASN A 602 -16.09 -48.59 28.56
CA ASN A 602 -16.70 -47.43 29.20
C ASN A 602 -16.13 -47.07 30.56
N GLY A 603 -15.47 -47.99 31.27
CA GLY A 603 -14.85 -47.67 32.53
C GLY A 603 -13.74 -46.63 32.35
N ASP A 604 -13.60 -45.76 33.35
CA ASP A 604 -12.72 -44.61 33.22
C ASP A 604 -11.26 -45.04 33.26
N SER A 605 -10.44 -44.48 32.36
CA SER A 605 -9.01 -44.76 32.30
C SER A 605 -8.73 -46.25 32.15
N SER A 606 -9.15 -46.83 31.03
CA SER A 606 -8.95 -48.25 30.83
C SER A 606 -8.24 -48.52 29.52
N ILE A 607 -7.93 -49.79 29.28
CA ILE A 607 -7.14 -50.22 28.13
C ILE A 607 -8.07 -51.01 27.22
N GLY A 608 -8.09 -50.66 25.95
CA GLY A 608 -8.86 -51.43 24.99
C GLY A 608 -8.28 -52.82 24.79
N VAL A 609 -7.11 -52.89 24.16
CA VAL A 609 -6.37 -54.14 24.01
C VAL A 609 -4.91 -53.89 24.37
N GLY A 610 -4.34 -54.79 25.16
CA GLY A 610 -3.00 -54.56 25.67
C GLY A 610 -1.99 -55.59 25.24
N LEU A 611 -0.75 -55.15 25.05
CA LEU A 611 0.34 -56.02 24.64
C LEU A 611 1.50 -55.81 25.62
N LEU A 612 1.81 -56.84 26.40
CA LEU A 612 2.88 -56.77 27.38
C LEU A 612 4.03 -57.74 27.13
N GLN A 613 3.92 -58.62 26.14
CA GLN A 613 5.00 -59.53 25.81
C GLN A 613 5.03 -59.75 24.31
N GLU A 614 6.24 -59.89 23.77
CA GLU A 614 6.40 -60.14 22.35
C GLU A 614 5.74 -61.46 21.96
N ILE A 615 4.94 -61.41 20.90
CA ILE A 615 4.13 -62.54 20.48
C ILE A 615 4.29 -62.72 18.98
N GLN A 616 3.87 -63.88 18.47
CA GLN A 616 4.06 -64.25 17.06
C GLN A 616 3.35 -63.30 16.10
N GLU A 617 2.11 -62.91 16.38
CA GLU A 617 1.36 -62.05 15.47
C GLU A 617 0.25 -61.31 16.19
N VAL A 618 0.10 -60.03 15.88
CA VAL A 618 -1.04 -59.25 16.33
C VAL A 618 -1.64 -58.54 15.13
N LYS A 619 -2.76 -59.06 14.65
CA LYS A 619 -3.59 -58.38 13.67
C LYS A 619 -5.03 -58.37 14.19
N LEU A 620 -5.73 -57.26 14.02
CA LEU A 620 -7.04 -57.08 14.63
C LEU A 620 -8.03 -56.57 13.61
N ALA A 621 -9.19 -57.23 13.53
CA ALA A 621 -10.23 -56.84 12.60
C ALA A 621 -11.62 -56.73 13.20
N GLY A 622 -11.74 -56.37 14.48
CA GLY A 622 -13.04 -56.27 15.11
C GLY A 622 -13.44 -54.85 15.45
N ASN A 623 -14.47 -54.71 16.28
CA ASN A 623 -15.00 -53.40 16.67
C ASN A 623 -14.43 -53.03 18.03
N ILE A 624 -13.47 -52.11 18.03
CA ILE A 624 -12.86 -51.61 19.26
C ILE A 624 -13.51 -50.28 19.58
N ASN A 625 -14.47 -50.30 20.51
CA ASN A 625 -15.24 -49.12 20.85
C ASN A 625 -14.93 -48.72 22.29
N ILE A 626 -14.57 -47.46 22.50
CA ILE A 626 -14.21 -46.95 23.82
C ILE A 626 -15.04 -45.69 24.04
N GLY A 627 -15.89 -45.71 25.07
CA GLY A 627 -16.68 -44.55 25.43
C GLY A 627 -17.90 -44.29 24.59
N THR A 628 -18.45 -45.30 23.93
CA THR A 628 -19.63 -45.12 23.09
C THR A 628 -20.95 -45.34 23.83
N LYS A 629 -20.89 -45.74 25.10
CA LYS A 629 -22.09 -46.03 25.89
C LYS A 629 -22.15 -45.09 27.08
N ALA A 630 -23.28 -44.39 27.22
CA ALA A 630 -23.46 -43.46 28.33
C ALA A 630 -23.70 -44.22 29.62
N VAL A 631 -22.84 -43.98 30.61
CA VAL A 631 -22.94 -44.64 31.91
C VAL A 631 -22.62 -43.60 32.99
N ALA A 632 -23.36 -43.65 34.08
CA ALA A 632 -23.11 -42.77 35.23
C ALA A 632 -21.97 -43.37 36.04
N GLN A 633 -20.77 -42.83 35.88
CA GLN A 633 -19.60 -43.40 36.53
C GLN A 633 -19.71 -43.25 38.05
N GLU A 634 -19.36 -44.31 38.76
CA GLU A 634 -19.48 -44.33 40.22
C GLU A 634 -18.36 -45.16 40.82
N THR A 635 -18.19 -45.01 42.13
CA THR A 635 -17.07 -45.64 42.83
C THR A 635 -17.15 -47.15 42.75
N ASP A 636 -16.00 -47.77 42.47
CA ASP A 636 -15.88 -49.22 42.30
C ASP A 636 -16.86 -49.78 41.27
N ILE A 637 -17.37 -48.91 40.40
CA ILE A 637 -18.21 -49.34 39.29
C ILE A 637 -17.44 -49.04 38.02
N SER A 638 -17.08 -47.78 37.82
CA SER A 638 -16.18 -47.39 36.75
C SER A 638 -15.20 -46.30 37.17
N ASN A 639 -14.94 -46.17 38.48
CA ASN A 639 -13.91 -45.27 38.95
C ASN A 639 -13.62 -45.58 40.41
N LEU A 640 -12.62 -44.88 40.94
CA LEU A 640 -11.98 -45.17 42.21
C LEU A 640 -11.93 -43.89 43.02
N PRO A 641 -11.97 -43.99 44.35
CA PRO A 641 -11.86 -42.78 45.17
C PRO A 641 -10.53 -42.07 44.93
N ASN A 642 -10.60 -40.76 44.77
CA ASN A 642 -9.41 -39.99 44.39
C ASN A 642 -8.35 -40.05 45.48
N ALA A 643 -7.09 -40.20 45.08
CA ALA A 643 -5.98 -40.22 46.03
C ALA A 643 -5.29 -38.87 46.07
N GLY A 644 -6.05 -37.85 46.48
CA GLY A 644 -5.54 -36.50 46.51
C GLY A 644 -5.05 -36.00 45.17
N SER A 645 -5.75 -36.34 44.09
CA SER A 645 -5.24 -36.08 42.75
C SER A 645 -6.40 -35.83 41.78
N LYS A 646 -6.11 -35.94 40.48
CA LYS A 646 -7.13 -35.86 39.45
C LYS A 646 -8.40 -36.60 39.84
N THR A 647 -9.52 -35.90 39.75
CA THR A 647 -10.82 -36.53 39.97
C THR A 647 -11.28 -37.20 38.68
N TYR A 648 -11.83 -38.40 38.83
CA TYR A 648 -12.37 -39.15 37.70
C TYR A 648 -13.82 -38.76 37.43
N ASP A 649 -14.17 -38.74 36.14
CA ASP A 649 -15.42 -38.16 35.69
C ASP A 649 -16.60 -39.08 36.05
N LYS A 650 -17.82 -38.56 35.84
CA LYS A 650 -19.04 -39.29 36.11
C LYS A 650 -19.81 -39.69 34.87
N ASN A 651 -19.64 -38.99 33.75
CA ASN A 651 -20.45 -39.20 32.56
C ASN A 651 -19.61 -39.48 31.32
N LYS A 652 -18.35 -39.04 31.35
CA LYS A 652 -17.45 -39.19 30.22
C LYS A 652 -16.25 -40.03 30.65
N VAL A 653 -15.69 -40.77 29.70
CA VAL A 653 -14.53 -41.62 29.99
C VAL A 653 -13.28 -40.86 29.59
N GLU A 654 -12.29 -40.87 30.48
CA GLU A 654 -11.05 -40.13 30.29
C GLU A 654 -9.87 -41.07 30.51
N GLU A 655 -8.71 -40.70 29.95
CA GLU A 655 -7.48 -41.44 30.15
C GLU A 655 -7.61 -42.89 29.71
N ALA A 656 -8.65 -43.19 28.92
CA ALA A 656 -8.83 -44.53 28.41
C ALA A 656 -7.90 -44.78 27.23
N VAL A 657 -7.51 -46.03 27.06
CA VAL A 657 -6.62 -46.42 25.98
C VAL A 657 -7.23 -47.59 25.23
N GLY A 658 -6.89 -47.69 23.94
CA GLY A 658 -7.28 -48.83 23.14
C GLY A 658 -6.13 -49.80 22.99
N VAL A 659 -5.43 -49.71 21.87
CA VAL A 659 -4.25 -50.54 21.62
C VAL A 659 -3.13 -50.04 22.52
N PHE A 660 -2.54 -50.94 23.29
CA PHE A 660 -1.38 -50.61 24.11
C PHE A 660 -0.16 -51.36 23.60
N ALA A 661 0.91 -50.63 23.32
CA ALA A 661 2.15 -51.21 22.81
C ALA A 661 3.30 -50.79 23.70
N GLY A 662 3.87 -51.75 24.41
CA GLY A 662 5.11 -51.55 25.15
C GLY A 662 6.16 -52.53 24.68
N VAL A 663 5.73 -53.48 23.86
CA VAL A 663 6.60 -54.48 23.24
C VAL A 663 6.13 -54.67 21.80
N PRO A 664 6.99 -55.05 20.88
CA PRO A 664 6.53 -55.33 19.51
C PRO A 664 6.10 -56.78 19.34
N THR A 665 5.68 -57.14 18.12
CA THR A 665 5.45 -58.52 17.77
C THR A 665 6.69 -59.04 17.05
N MET A 666 6.99 -60.32 17.25
CA MET A 666 8.17 -60.85 16.58
C MET A 666 7.75 -62.11 15.83
N PRO A 667 7.33 -61.97 14.57
CA PRO A 667 6.88 -63.14 13.80
C PRO A 667 8.04 -63.97 13.31
N VAL A 668 7.73 -64.97 12.47
CA VAL A 668 8.72 -65.85 11.88
C VAL A 668 9.17 -65.31 10.53
N LYS A 669 10.41 -64.83 10.46
CA LYS A 669 10.99 -64.40 9.20
C LYS A 669 11.21 -65.60 8.29
N PRO A 670 11.35 -65.38 6.98
CA PRO A 670 11.72 -66.49 6.09
C PRO A 670 13.04 -67.15 6.49
N GLY A 671 14.00 -66.37 6.96
CA GLY A 671 15.25 -66.93 7.43
C GLY A 671 15.22 -67.33 8.89
N GLU A 672 14.11 -67.03 9.56
CA GLU A 672 13.95 -67.35 10.97
C GLU A 672 13.90 -68.86 11.18
N LYS A 673 14.50 -69.30 12.28
CA LYS A 673 14.51 -70.71 12.66
C LYS A 673 13.44 -70.92 13.71
N ASP A 674 12.45 -71.75 13.39
CA ASP A 674 11.24 -71.87 14.18
C ASP A 674 11.54 -72.45 15.57
N THR A 675 10.50 -72.57 16.39
CA THR A 675 10.59 -73.18 17.70
C THR A 675 10.00 -74.59 17.74
N LEU A 676 9.88 -75.24 16.58
CA LEU A 676 9.42 -76.63 16.52
C LEU A 676 10.56 -77.51 17.02
N ILE A 677 10.66 -77.64 18.34
CA ILE A 677 11.84 -78.21 18.99
C ILE A 677 11.47 -79.56 19.58
N ASN A 678 12.30 -80.57 19.30
CA ASN A 678 12.13 -81.89 19.89
C ASN A 678 12.82 -81.96 21.25
N SER A 679 12.67 -83.11 21.91
CA SER A 679 13.23 -83.27 23.24
C SER A 679 14.75 -83.19 23.23
N SER A 680 15.40 -83.79 22.23
CA SER A 680 16.86 -83.76 22.14
C SER A 680 17.39 -82.49 21.50
N GLY A 681 16.56 -81.46 21.35
CA GLY A 681 17.00 -80.25 20.68
C GLY A 681 16.83 -80.27 19.18
N ALA A 682 16.39 -81.40 18.60
CA ALA A 682 16.09 -81.44 17.18
C ALA A 682 14.98 -80.44 16.86
N ARG A 683 15.16 -79.71 15.77
CA ARG A 683 14.35 -78.52 15.54
C ARG A 683 14.12 -78.34 14.06
N ASN A 684 12.91 -77.88 13.73
CA ASN A 684 12.45 -77.74 12.35
C ASN A 684 12.97 -76.43 11.78
N THR A 685 12.39 -75.96 10.66
CA THR A 685 12.77 -74.66 10.12
C THR A 685 11.56 -74.05 9.42
N ALA A 686 11.73 -72.82 8.97
CA ALA A 686 10.71 -72.14 8.20
C ALA A 686 11.31 -71.53 6.93
N THR A 687 10.51 -71.53 5.87
CA THR A 687 11.00 -71.02 4.59
C THR A 687 10.32 -69.73 4.15
N SER A 688 9.38 -69.18 4.92
CA SER A 688 8.70 -67.97 4.50
C SER A 688 8.30 -67.13 5.71
N LEU A 689 7.62 -66.02 5.46
CA LEU A 689 7.19 -65.12 6.51
C LEU A 689 5.72 -65.39 6.84
N VAL A 690 5.44 -65.57 8.12
CA VAL A 690 4.07 -65.71 8.59
C VAL A 690 3.75 -64.61 9.59
N GLY A 691 2.69 -63.86 9.31
CA GLY A 691 2.29 -62.77 10.18
C GLY A 691 2.99 -61.46 9.86
N THR A 692 2.48 -60.40 10.47
CA THR A 692 3.01 -59.05 10.30
C THR A 692 4.16 -58.79 11.26
N GLU A 693 5.08 -57.93 10.82
CA GLU A 693 6.30 -57.66 11.57
C GLU A 693 6.04 -57.02 12.94
N THR A 694 5.10 -56.08 13.04
CA THR A 694 4.85 -55.40 14.30
C THR A 694 3.36 -55.51 14.60
N VAL A 695 2.90 -54.75 15.59
CA VAL A 695 1.47 -54.71 15.90
C VAL A 695 0.71 -54.23 14.68
N GLU A 696 -0.26 -55.03 14.25
CA GLU A 696 -1.06 -54.73 13.07
C GLU A 696 -2.53 -54.70 13.47
N ILE A 697 -3.29 -53.81 12.85
CA ILE A 697 -4.74 -53.75 13.02
C ILE A 697 -5.35 -53.61 11.64
N ASN A 698 -6.36 -54.43 11.35
CA ASN A 698 -7.15 -54.31 10.13
C ASN A 698 -8.62 -54.03 10.41
N GLY A 699 -8.97 -53.65 11.63
CA GLY A 699 -10.35 -53.45 12.01
C GLY A 699 -10.62 -52.11 12.67
N ASN A 700 -11.91 -51.79 12.75
CA ASN A 700 -12.33 -50.49 13.25
C ASN A 700 -12.04 -50.37 14.75
N ILE A 701 -11.13 -49.48 15.09
CA ILE A 701 -10.88 -49.09 16.47
C ILE A 701 -11.44 -47.68 16.64
N SER A 702 -12.44 -47.55 17.52
CA SER A 702 -13.20 -46.31 17.60
C SER A 702 -13.25 -45.83 19.04
N LEU A 703 -13.19 -44.51 19.21
CA LEU A 703 -13.35 -43.87 20.51
C LEU A 703 -14.70 -43.17 20.51
N GLY A 704 -15.46 -43.38 21.58
CA GLY A 704 -16.82 -42.85 21.64
C GLY A 704 -16.85 -41.35 21.88
N GLU A 705 -18.07 -40.83 21.90
CA GLU A 705 -18.25 -39.40 22.14
C GLU A 705 -17.97 -39.04 23.59
N HIS A 706 -18.11 -40.02 24.50
CA HIS A 706 -17.73 -39.83 25.89
C HIS A 706 -16.22 -39.85 26.09
N ALA A 707 -15.45 -40.27 25.09
CA ALA A 707 -14.01 -40.30 25.20
C ALA A 707 -13.44 -38.89 25.30
N THR A 708 -12.94 -38.56 26.48
CA THR A 708 -12.29 -37.27 26.69
C THR A 708 -10.81 -37.53 26.92
N GLN A 709 -9.99 -36.93 26.04
CA GLN A 709 -8.55 -37.14 25.99
C GLN A 709 -8.17 -38.59 26.29
N SER A 710 -8.87 -39.53 25.66
CA SER A 710 -8.54 -40.95 25.76
C SER A 710 -7.56 -41.29 24.65
N ILE A 711 -7.09 -42.53 24.65
CA ILE A 711 -6.00 -42.94 23.78
C ILE A 711 -6.48 -44.03 22.84
N GLY A 712 -6.24 -43.83 21.54
CA GLY A 712 -6.60 -44.85 20.57
C GLY A 712 -5.62 -46.01 20.56
N ALA A 713 -4.37 -45.76 20.15
CA ALA A 713 -3.35 -46.78 20.11
C ALA A 713 -2.07 -46.20 20.70
N LEU A 714 -1.61 -46.77 21.82
CA LEU A 714 -0.52 -46.20 22.59
C LEU A 714 0.76 -46.97 22.33
N VAL A 715 1.76 -46.27 21.81
CA VAL A 715 3.11 -46.81 21.75
C VAL A 715 3.89 -46.22 22.91
N GLY A 716 3.85 -46.92 24.05
CA GLY A 716 4.54 -46.51 25.25
C GLY A 716 5.68 -47.46 25.57
N ASP A 717 6.34 -47.16 26.68
CA ASP A 717 7.43 -48.00 27.16
C ASP A 717 6.87 -49.10 28.03
N THR A 718 7.76 -49.88 28.63
CA THR A 718 7.37 -50.83 29.68
C THR A 718 8.50 -50.93 30.69
N GLU A 719 8.43 -50.11 31.73
CA GLU A 719 9.52 -49.98 32.70
C GLU A 719 9.57 -51.12 33.70
N ILE A 720 10.27 -52.20 33.36
CA ILE A 720 10.37 -53.33 34.28
C ILE A 720 11.80 -53.46 34.79
N ASP A 721 11.92 -53.75 36.08
CA ASP A 721 13.22 -53.93 36.70
C ASP A 721 13.91 -55.18 36.15
N LEU A 722 15.18 -55.34 36.51
CA LEU A 722 15.98 -56.47 36.08
C LEU A 722 16.88 -56.94 37.22
N ASN A 723 17.40 -58.14 37.08
CA ASN A 723 18.28 -58.69 38.12
C ASN A 723 19.69 -58.15 37.96
N LYS A 724 20.62 -58.76 38.71
CA LYS A 724 22.04 -58.42 38.61
C LYS A 724 22.65 -59.04 37.36
N GLY A 725 22.67 -58.25 36.29
CA GLY A 725 23.17 -58.73 35.01
C GLY A 725 24.00 -57.72 34.26
N GLN A 726 24.48 -58.11 33.08
CA GLN A 726 25.32 -57.24 32.24
C GLN A 726 24.48 -56.08 31.73
N LEU A 727 25.12 -54.93 31.54
CA LEU A 727 24.45 -53.73 31.06
C LEU A 727 25.33 -53.01 30.05
N THR A 728 24.73 -52.52 28.98
CA THR A 728 25.46 -51.84 27.92
C THR A 728 24.52 -50.88 27.20
N GLU A 729 24.92 -49.61 27.12
CA GLU A 729 24.11 -48.58 26.51
C GLU A 729 24.99 -47.55 25.83
N ASN A 730 24.97 -47.55 24.49
CA ASN A 730 25.64 -46.52 23.70
C ASN A 730 27.12 -46.39 24.05
N GLY A 731 27.76 -47.49 24.39
CA GLY A 731 29.16 -47.45 24.75
C GLY A 731 29.60 -48.76 25.39
N VAL A 732 30.49 -48.63 26.36
CA VAL A 732 31.14 -49.79 26.95
C VAL A 732 30.18 -50.57 27.84
N ASN A 733 30.59 -51.77 28.21
CA ASN A 733 29.85 -52.57 29.19
C ASN A 733 29.77 -51.81 30.50
N LYS A 734 28.58 -51.75 31.06
CA LYS A 734 28.42 -51.00 32.30
C LYS A 734 28.88 -51.78 33.51
N GLY A 735 29.07 -53.09 33.40
CA GLY A 735 29.41 -53.87 34.57
C GLY A 735 28.40 -53.74 35.69
N SER A 736 27.11 -53.87 35.36
CA SER A 736 26.02 -53.50 36.25
C SER A 736 26.11 -52.00 36.55
N ASN A 737 26.43 -51.66 37.80
CA ASN A 737 26.60 -50.27 38.21
C ASN A 737 25.34 -49.46 37.96
N VAL A 738 25.11 -49.08 36.71
CA VAL A 738 23.87 -48.40 36.34
C VAL A 738 22.71 -49.38 36.51
N ASP A 739 21.55 -48.85 36.87
CA ASP A 739 20.37 -49.67 37.15
C ASP A 739 20.01 -50.48 35.90
N ARG A 740 19.48 -51.68 36.12
CA ARG A 740 19.08 -52.56 35.02
C ARG A 740 17.57 -52.54 34.89
N LYS A 741 17.08 -51.89 33.84
CA LYS A 741 15.66 -51.83 33.59
C LYS A 741 15.33 -52.53 32.28
N LEU A 742 14.20 -53.23 32.25
CA LEU A 742 13.78 -53.93 31.04
C LEU A 742 13.25 -52.88 30.07
N LYS A 743 14.20 -52.20 29.43
CA LYS A 743 13.85 -51.14 28.48
C LYS A 743 13.20 -51.76 27.25
N ARG A 744 11.88 -51.67 27.16
CA ARG A 744 11.13 -52.22 26.04
C ARG A 744 10.13 -51.20 25.52
N SER A 745 10.06 -51.08 24.20
CA SER A 745 9.06 -50.28 23.53
C SER A 745 8.67 -50.98 22.22
N GLY A 746 7.37 -50.98 21.93
CA GLY A 746 6.89 -51.68 20.75
C GLY A 746 6.68 -50.80 19.53
N ASP A 747 6.23 -51.42 18.44
CA ASP A 747 5.91 -50.70 17.21
C ASP A 747 4.58 -51.20 16.69
N ILE A 748 3.80 -50.30 16.10
CA ILE A 748 2.46 -50.62 15.62
C ILE A 748 2.38 -50.28 14.14
N THR A 749 1.65 -51.10 13.39
CA THR A 749 1.27 -50.79 12.03
C THR A 749 -0.26 -50.87 11.91
N ALA A 750 -0.81 -50.06 11.02
CA ALA A 750 -2.24 -50.03 10.80
C ALA A 750 -2.53 -49.99 9.31
N LYS A 751 -3.73 -50.44 8.94
CA LYS A 751 -4.18 -50.45 7.57
C LYS A 751 -5.47 -49.66 7.43
N SER A 752 -5.78 -49.25 6.19
CA SER A 752 -7.01 -48.51 5.95
C SER A 752 -8.23 -49.31 6.31
N ASN A 753 -8.15 -50.65 6.22
CA ASN A 753 -9.22 -51.50 6.71
C ASN A 753 -9.44 -51.30 8.20
N SER A 754 -8.40 -50.90 8.92
CA SER A 754 -8.52 -50.50 10.32
C SER A 754 -8.78 -49.01 10.39
N VAL A 755 -10.04 -48.62 10.31
CA VAL A 755 -10.38 -47.21 10.51
C VAL A 755 -10.24 -46.90 12.00
N ILE A 756 -9.31 -45.99 12.32
CA ILE A 756 -9.09 -45.61 13.71
C ILE A 756 -10.06 -44.47 14.02
N ASN A 757 -11.31 -44.83 14.34
CA ASN A 757 -12.39 -43.85 14.45
C ASN A 757 -12.40 -43.27 15.87
N VAL A 758 -11.28 -42.68 16.24
CA VAL A 758 -11.15 -42.02 17.52
C VAL A 758 -12.11 -40.83 17.51
N GLY A 759 -12.86 -40.67 18.59
CA GLY A 759 -13.83 -39.62 18.71
C GLY A 759 -13.95 -39.09 20.13
N GLY A 760 -14.77 -38.06 20.27
CA GLY A 760 -14.90 -37.41 21.56
C GLY A 760 -14.12 -36.10 21.60
N LYS A 761 -13.52 -35.86 22.76
CA LYS A 761 -12.83 -34.61 23.04
C LYS A 761 -11.35 -34.87 23.21
N LYS A 762 -10.52 -34.12 22.48
CA LYS A 762 -9.07 -34.05 22.63
C LYS A 762 -8.42 -35.42 22.86
N ASN A 763 -8.96 -36.46 22.26
CA ASN A 763 -8.49 -37.81 22.55
C ASN A 763 -7.17 -38.07 21.86
N TYR A 764 -6.27 -38.74 22.58
CA TYR A 764 -4.89 -38.95 22.14
C TYR A 764 -4.90 -40.13 21.18
N GLY A 765 -4.96 -39.85 19.87
CA GLY A 765 -5.13 -40.90 18.89
C GLY A 765 -4.05 -41.96 18.89
N PHE A 766 -2.85 -41.60 18.44
CA PHE A 766 -1.72 -42.54 18.39
C PHE A 766 -0.50 -41.84 18.94
N VAL A 767 -0.34 -41.87 20.26
CA VAL A 767 0.75 -41.16 20.91
C VAL A 767 1.89 -42.14 21.14
N VAL A 768 3.05 -41.84 20.56
CA VAL A 768 4.25 -42.61 20.82
C VAL A 768 4.93 -41.96 22.01
N SER A 769 4.50 -42.34 23.21
CA SER A 769 5.06 -41.80 24.44
C SER A 769 6.21 -42.68 24.90
N ASN A 770 6.66 -43.58 24.03
CA ASN A 770 7.74 -44.47 24.38
C ASN A 770 9.05 -43.71 24.46
N SER A 771 10.13 -44.45 24.66
CA SER A 771 11.46 -43.91 24.48
C SER A 771 12.22 -44.73 23.45
N ALA A 772 11.47 -45.43 22.60
CA ALA A 772 12.03 -46.30 21.57
C ALA A 772 13.03 -47.29 22.18
N HIS A 773 12.62 -47.92 23.28
CA HIS A 773 13.52 -48.81 24.00
C HIS A 773 13.68 -50.10 23.20
N SER A 774 14.69 -50.11 22.34
CA SER A 774 15.04 -51.31 21.60
C SER A 774 16.15 -52.07 22.33
N SER A 775 15.83 -53.30 22.70
CA SER A 775 16.71 -54.08 23.56
C SER A 775 17.09 -55.38 22.87
N LYS A 776 18.33 -55.80 23.10
CA LYS A 776 18.85 -57.03 22.52
C LYS A 776 19.70 -57.73 23.56
N PHE A 777 20.04 -58.99 23.28
CA PHE A 777 20.91 -59.77 24.14
C PHE A 777 22.23 -60.03 23.42
N GLY A 778 23.32 -59.91 24.16
CA GLY A 778 24.65 -60.06 23.57
C GLY A 778 25.05 -61.49 23.33
N THR A 779 26.34 -61.78 23.50
CA THR A 779 26.86 -63.11 23.22
C THR A 779 26.85 -64.03 24.44
N THR A 780 26.33 -63.58 25.57
CA THR A 780 26.38 -64.39 26.78
C THR A 780 25.05 -64.31 27.52
N VAL A 781 24.97 -65.05 28.62
CA VAL A 781 23.78 -65.02 29.46
C VAL A 781 23.73 -63.72 30.23
N ASP A 782 22.52 -63.26 30.55
CA ASP A 782 22.27 -62.02 31.28
C ASP A 782 22.77 -60.79 30.54
N SER A 783 22.92 -60.87 29.22
CA SER A 783 23.45 -59.75 28.44
C SER A 783 22.30 -58.91 27.90
N LEU A 784 22.39 -57.60 28.08
CA LEU A 784 21.41 -56.67 27.56
C LEU A 784 22.11 -55.48 26.93
N GLU A 785 21.60 -55.07 25.76
CA GLU A 785 22.08 -53.90 25.06
C GLU A 785 20.90 -53.04 24.65
N TYR A 786 21.03 -51.73 24.84
CA TYR A 786 19.94 -50.81 24.60
C TYR A 786 20.40 -49.69 23.69
N ASN A 787 19.46 -49.18 22.90
CA ASN A 787 19.72 -48.06 22.02
C ASN A 787 18.42 -47.34 21.66
N VAL A 788 18.48 -46.45 20.68
CA VAL A 788 17.32 -45.70 20.22
C VAL A 788 17.01 -46.21 18.82
N ASP A 789 17.30 -47.50 18.59
CA ASP A 789 17.21 -48.10 17.28
C ASP A 789 15.86 -47.80 16.61
N LYS A 790 15.92 -47.51 15.31
CA LYS A 790 14.73 -47.17 14.55
C LYS A 790 14.34 -48.30 13.59
N THR A 791 14.83 -49.51 13.85
CA THR A 791 14.55 -50.62 12.95
C THR A 791 13.91 -51.80 13.68
N HIS A 792 14.38 -52.08 14.90
CA HIS A 792 13.95 -53.29 15.59
C HIS A 792 12.74 -53.08 16.49
N HIS A 793 12.77 -52.09 17.38
CA HIS A 793 11.71 -51.96 18.37
C HIS A 793 11.41 -50.48 18.63
N GLY A 794 10.25 -50.23 19.22
CA GLY A 794 9.92 -48.93 19.76
C GLY A 794 9.75 -47.81 18.76
N LYS A 795 9.21 -48.10 17.58
CA LYS A 795 9.07 -47.04 16.60
C LYS A 795 7.61 -46.80 16.25
N GLY A 796 7.40 -45.91 15.32
CA GLY A 796 6.07 -45.63 14.80
C GLY A 796 6.04 -45.83 13.30
N ILE A 797 5.29 -46.82 12.85
CA ILE A 797 5.16 -47.15 11.43
C ILE A 797 3.69 -47.07 11.08
N ASN A 798 3.28 -45.96 10.46
CA ASN A 798 1.88 -45.69 10.19
C ASN A 798 1.61 -45.91 8.71
N GLU A 799 0.56 -46.69 8.42
CA GLU A 799 0.08 -46.87 7.06
C GLU A 799 -1.43 -46.73 6.95
N GLY A 800 -2.15 -46.94 8.05
CA GLY A 800 -3.60 -46.95 8.00
C GLY A 800 -4.20 -45.56 8.13
N ILE A 801 -5.51 -45.49 7.95
CA ILE A 801 -6.27 -44.26 8.15
C ILE A 801 -6.51 -44.07 9.64
N ILE A 802 -6.32 -42.86 10.13
CA ILE A 802 -6.58 -42.54 11.55
C ILE A 802 -7.69 -41.50 11.55
N ASN A 803 -8.91 -41.98 11.81
CA ASN A 803 -10.11 -41.18 11.65
C ASN A 803 -10.38 -40.33 12.88
N ILE A 804 -10.30 -39.00 12.72
CA ILE A 804 -10.53 -38.08 13.83
C ILE A 804 -11.97 -37.57 13.69
N ILE A 805 -12.93 -38.28 14.29
CA ILE A 805 -14.32 -37.88 14.27
C ILE A 805 -14.65 -36.94 15.43
N GLY A 806 -13.76 -36.84 16.41
CA GLY A 806 -13.91 -35.87 17.46
C GLY A 806 -13.17 -34.59 17.11
N ASP A 807 -13.16 -33.65 18.05
CA ASP A 807 -12.60 -32.33 17.80
C ASP A 807 -11.32 -32.16 18.61
N GLU A 808 -10.37 -31.43 18.01
CA GLU A 808 -9.09 -31.04 18.60
C GLU A 808 -8.41 -32.21 19.31
N SER A 809 -8.69 -33.42 18.85
CA SER A 809 -7.97 -34.60 19.30
C SER A 809 -6.62 -34.68 18.60
N VAL A 810 -5.65 -35.28 19.26
CA VAL A 810 -4.32 -35.43 18.68
C VAL A 810 -4.06 -36.89 18.35
N GLY A 811 -3.34 -37.13 17.27
CA GLY A 811 -2.92 -38.46 16.90
C GLY A 811 -1.48 -38.70 17.31
N PHE A 812 -0.57 -38.57 16.36
CA PHE A 812 0.84 -38.85 16.62
C PHE A 812 1.46 -37.72 17.43
N ALA A 813 1.35 -37.83 18.75
CA ALA A 813 1.87 -36.81 19.66
C ALA A 813 3.18 -37.32 20.25
N MET A 814 4.17 -36.42 20.32
CA MET A 814 5.53 -36.81 20.67
C MET A 814 6.00 -36.11 21.94
N ILE A 815 6.11 -36.90 23.00
CA ILE A 815 6.72 -36.41 24.24
C ILE A 815 8.18 -36.86 24.33
N LYS A 816 8.48 -38.06 23.83
CA LYS A 816 9.81 -38.64 23.85
C LYS A 816 9.78 -39.89 22.99
N GLY A 817 10.96 -40.32 22.56
CA GLY A 817 11.09 -41.50 21.72
C GLY A 817 11.99 -41.34 20.52
N GLY A 818 12.08 -40.15 19.96
CA GLY A 818 12.99 -39.89 18.85
C GLY A 818 12.26 -39.90 17.51
N ASN A 819 12.38 -41.00 16.78
CA ASN A 819 11.98 -41.03 15.39
C ASN A 819 10.76 -41.94 15.19
N SER A 820 10.11 -41.80 14.05
CA SER A 820 9.10 -42.74 13.58
C SER A 820 8.98 -42.61 12.06
N LYS A 821 8.36 -43.61 11.45
CA LYS A 821 8.16 -43.62 10.00
C LYS A 821 6.66 -43.51 9.73
N SER A 822 6.24 -42.38 9.19
CA SER A 822 4.83 -42.10 8.94
C SER A 822 4.52 -42.26 7.47
N SER A 823 3.54 -43.11 7.15
CA SER A 823 3.13 -43.29 5.77
C SER A 823 1.60 -43.43 5.63
N GLY A 824 0.84 -43.31 6.71
CA GLY A 824 -0.60 -43.45 6.64
C GLY A 824 -1.33 -42.15 6.91
N THR A 825 -2.52 -42.01 6.34
CA THR A 825 -3.27 -40.77 6.44
C THR A 825 -3.90 -40.61 7.82
N ILE A 826 -4.01 -39.37 8.27
CA ILE A 826 -4.77 -39.01 9.45
C ILE A 826 -5.67 -37.83 9.09
N SER A 827 -6.96 -38.05 9.20
CA SER A 827 -7.91 -37.08 8.67
C SER A 827 -9.07 -36.90 9.64
N VAL A 828 -9.71 -35.75 9.54
CA VAL A 828 -10.90 -35.44 10.34
C VAL A 828 -12.13 -35.73 9.49
N LYS A 829 -13.00 -36.62 9.97
CA LYS A 829 -14.16 -37.04 9.20
C LYS A 829 -15.19 -35.94 9.04
N ASP A 830 -15.06 -34.85 9.79
CA ASP A 830 -16.10 -33.83 9.84
C ASP A 830 -15.53 -32.43 10.02
N ASN A 831 -16.35 -31.48 10.44
CA ASN A 831 -15.94 -30.09 10.60
C ASN A 831 -15.33 -29.82 11.96
N ALA A 832 -14.70 -30.82 12.58
CA ALA A 832 -14.09 -30.65 13.88
C ALA A 832 -12.97 -29.62 13.83
N GLU A 833 -12.68 -29.04 14.99
CA GLU A 833 -11.81 -27.87 15.07
C GLU A 833 -10.54 -28.19 15.84
N ASN A 834 -9.43 -27.57 15.40
CA ASN A 834 -8.16 -27.60 16.10
C ASN A 834 -7.57 -28.99 16.26
N SER A 835 -7.81 -29.87 15.30
CA SER A 835 -7.18 -31.18 15.35
C SER A 835 -5.72 -31.08 14.94
N ILE A 836 -4.84 -31.60 15.79
CA ILE A 836 -3.40 -31.53 15.61
C ILE A 836 -2.88 -32.95 15.39
N GLY A 837 -2.08 -33.14 14.34
CA GLY A 837 -1.55 -34.46 14.06
C GLY A 837 -0.29 -34.78 14.82
N PHE A 838 0.78 -33.99 14.60
CA PHE A 838 2.11 -34.30 15.10
C PHE A 838 2.48 -33.31 16.20
N TYR A 839 2.61 -33.80 17.43
CA TYR A 839 3.17 -32.97 18.49
C TYR A 839 4.65 -33.32 18.67
N GLY A 840 5.47 -33.07 17.65
CA GLY A 840 6.84 -33.53 17.63
C GLY A 840 7.81 -32.67 18.42
N LYS A 841 8.80 -33.30 19.06
CA LYS A 841 9.77 -32.58 19.88
C LYS A 841 11.18 -33.14 19.75
N GLU A 842 11.40 -34.13 18.89
CA GLU A 842 12.60 -34.95 19.01
C GLU A 842 13.06 -35.37 17.62
N ASP A 843 13.85 -36.46 17.56
CA ASP A 843 14.57 -36.87 16.35
C ASP A 843 13.66 -36.91 15.13
N SER A 844 14.28 -36.80 13.96
CA SER A 844 13.58 -36.55 12.71
C SER A 844 12.75 -37.75 12.26
N PHE A 845 11.47 -37.74 12.62
CA PHE A 845 10.54 -38.71 12.08
C PHE A 845 10.37 -38.48 10.58
N THR A 846 10.10 -39.56 9.85
CA THR A 846 10.02 -39.52 8.39
C THR A 846 8.56 -39.54 7.97
N ASN A 847 8.16 -38.55 7.16
CA ASN A 847 6.79 -38.47 6.63
C ASN A 847 6.78 -39.03 5.21
N SER A 848 6.75 -40.36 5.14
CA SER A 848 6.65 -41.06 3.85
C SER A 848 5.17 -41.26 3.49
N GLY A 849 4.42 -40.18 3.59
CA GLY A 849 2.99 -40.22 3.40
C GLY A 849 2.41 -38.83 3.50
N THR A 850 1.11 -38.76 3.25
CA THR A 850 0.42 -37.46 3.19
C THR A 850 -0.24 -37.13 4.52
N ILE A 851 -0.20 -35.86 4.88
CA ILE A 851 -0.95 -35.35 6.02
C ILE A 851 -1.48 -33.94 5.71
N GLU A 852 -2.76 -33.87 5.35
CA GLU A 852 -3.37 -32.62 4.90
C GLU A 852 -4.72 -32.45 5.56
N VAL A 853 -5.50 -31.49 5.04
CA VAL A 853 -6.89 -31.34 5.44
C VAL A 853 -7.77 -31.59 4.24
N THR A 854 -8.21 -32.85 4.06
CA THR A 854 -9.07 -33.19 2.94
C THR A 854 -10.54 -32.95 3.31
N SER A 855 -10.83 -31.73 3.74
CA SER A 855 -12.19 -31.34 4.11
C SER A 855 -12.32 -29.84 4.01
N ALA A 856 -13.57 -29.37 3.94
CA ALA A 856 -13.81 -27.93 3.89
C ALA A 856 -13.40 -27.25 5.18
N LYS A 857 -13.36 -28.00 6.28
CA LYS A 857 -12.98 -27.44 7.56
C LYS A 857 -11.49 -27.08 7.57
N LYS A 858 -11.14 -26.09 8.37
CA LYS A 858 -9.78 -25.58 8.45
C LYS A 858 -9.46 -25.33 9.92
N LYS A 859 -8.38 -24.58 10.16
CA LYS A 859 -7.98 -24.12 11.48
C LYS A 859 -7.47 -25.27 12.34
N ASN A 860 -7.33 -26.45 11.74
CA ASN A 860 -6.63 -27.54 12.41
C ASN A 860 -5.20 -27.65 11.88
N LYS A 861 -4.26 -27.73 12.81
CA LYS A 861 -2.85 -27.57 12.48
C LYS A 861 -2.24 -28.93 12.23
N ALA A 862 -1.07 -28.93 11.57
CA ALA A 862 -0.46 -30.16 11.08
C ALA A 862 0.54 -30.67 12.09
N VAL A 863 1.61 -29.94 12.38
CA VAL A 863 2.71 -30.50 13.16
C VAL A 863 3.31 -29.43 14.08
N VAL A 864 3.43 -29.75 15.36
CA VAL A 864 4.01 -28.86 16.36
C VAL A 864 5.40 -29.37 16.73
N LEU A 865 6.43 -28.78 16.14
CA LEU A 865 7.79 -29.15 16.46
C LEU A 865 8.42 -28.13 17.40
N ASP A 866 8.63 -28.53 18.65
CA ASP A 866 9.23 -27.63 19.63
C ASP A 866 10.28 -28.40 20.41
N GLY A 867 10.79 -27.78 21.48
CA GLY A 867 11.80 -28.39 22.32
C GLY A 867 11.36 -29.69 22.94
N THR A 868 12.29 -30.64 23.06
CA THR A 868 11.93 -32.00 23.49
C THR A 868 11.36 -32.00 24.90
N ASN A 869 10.22 -32.67 25.08
CA ASN A 869 9.51 -32.64 26.35
C ASN A 869 10.20 -33.50 27.40
N ALA A 870 10.67 -34.69 27.02
CA ALA A 870 11.17 -35.66 28.00
C ALA A 870 12.48 -36.29 27.57
N SER A 871 13.35 -35.53 26.92
CA SER A 871 14.70 -35.99 26.60
C SER A 871 15.63 -34.80 26.55
N ASN A 872 16.91 -35.07 26.76
CA ASN A 872 17.89 -34.00 26.96
C ASN A 872 18.17 -33.23 25.68
N LYS A 873 18.48 -31.94 25.85
CA LYS A 873 19.00 -31.07 24.79
C LYS A 873 18.12 -31.04 23.55
N ILE A 874 16.79 -31.01 23.74
CA ILE A 874 15.80 -30.81 22.69
C ILE A 874 16.21 -31.52 21.39
N ASN A 875 16.14 -32.86 21.41
CA ASN A 875 16.82 -33.65 20.39
C ASN A 875 16.17 -33.52 19.02
N PHE A 876 16.20 -32.31 18.46
CA PHE A 876 15.65 -32.05 17.13
C PHE A 876 16.80 -32.07 16.11
N THR A 877 17.39 -33.26 15.95
CA THR A 877 18.43 -33.47 14.96
C THR A 877 17.80 -33.81 13.61
N ASN A 878 17.06 -32.83 13.08
CA ASN A 878 16.18 -33.06 11.94
C ASN A 878 16.96 -32.90 10.63
N THR A 879 17.46 -34.01 10.10
CA THR A 879 18.07 -34.05 8.78
C THR A 879 17.54 -35.25 7.99
N GLY A 880 16.50 -35.90 8.51
CA GLY A 880 15.93 -37.07 7.88
C GLY A 880 14.94 -36.71 6.79
N ASN A 881 14.11 -37.70 6.45
CA ASN A 881 13.11 -37.49 5.42
C ASN A 881 12.07 -36.49 5.88
N ILE A 882 12.12 -35.30 5.29
CA ILE A 882 11.18 -34.24 5.62
C ILE A 882 10.33 -33.97 4.38
N TYR A 883 9.22 -34.70 4.26
CA TYR A 883 8.38 -34.68 3.07
C TYR A 883 6.94 -34.49 3.50
N VAL A 884 6.54 -33.23 3.71
CA VAL A 884 5.24 -32.93 4.29
C VAL A 884 4.49 -31.94 3.43
N ASN A 885 3.24 -32.28 3.08
CA ASN A 885 2.29 -31.38 2.42
C ASN A 885 2.80 -30.82 1.11
N THR A 886 3.91 -31.36 0.60
CA THR A 886 4.53 -30.89 -0.62
C THR A 886 3.87 -31.56 -1.82
N SER A 887 4.30 -31.15 -3.01
CA SER A 887 3.68 -31.63 -4.24
C SER A 887 4.45 -32.76 -4.90
N ASP A 888 5.46 -33.31 -4.23
CA ASP A 888 6.36 -34.30 -4.83
C ASP A 888 7.28 -34.86 -3.77
N ASN A 889 8.17 -35.77 -4.14
CA ASN A 889 9.18 -36.31 -3.24
C ASN A 889 8.55 -36.97 -2.01
N ASN A 890 7.86 -38.10 -2.23
CA ASN A 890 7.32 -38.92 -1.15
C ASN A 890 6.17 -38.23 -0.42
N ASN A 891 5.66 -37.15 -1.01
CA ASN A 891 4.46 -36.49 -0.56
C ASN A 891 3.90 -35.65 -1.71
N THR A 892 2.75 -36.09 -2.24
CA THR A 892 2.20 -35.50 -3.46
C THR A 892 0.83 -34.91 -3.20
N ASN A 893 0.57 -34.51 -1.96
CA ASN A 893 -0.70 -33.89 -1.64
C ASN A 893 -0.43 -32.56 -0.93
N LEU A 894 -1.29 -31.59 -1.21
CA LEU A 894 -1.11 -30.22 -0.75
C LEU A 894 -2.45 -29.66 -0.30
N ASP A 895 -3.47 -30.51 -0.25
CA ASP A 895 -4.85 -30.11 -0.04
C ASP A 895 -5.02 -29.46 1.32
N GLY A 896 -6.11 -28.71 1.46
CA GLY A 896 -6.39 -28.01 2.69
C GLY A 896 -5.54 -26.77 2.85
N ASN A 897 -5.71 -26.14 4.01
CA ASN A 897 -4.95 -24.95 4.36
C ASN A 897 -4.91 -24.85 5.87
N GLY A 898 -4.15 -23.87 6.36
CA GLY A 898 -3.89 -23.83 7.79
C GLY A 898 -2.95 -24.91 8.25
N ASN A 899 -2.24 -25.54 7.31
CA ASN A 899 -1.25 -26.55 7.65
C ASN A 899 0.08 -25.87 8.00
N ILE A 900 0.75 -26.44 9.00
CA ILE A 900 1.98 -25.87 9.51
C ILE A 900 3.07 -26.92 9.44
N GLY A 901 4.31 -26.46 9.40
CA GLY A 901 5.46 -27.36 9.42
C GLY A 901 6.27 -27.24 10.68
N ILE A 902 6.34 -26.03 11.23
CA ILE A 902 7.07 -25.78 12.47
C ILE A 902 6.20 -24.91 13.38
N TYR A 903 6.04 -25.36 14.62
CA TYR A 903 5.35 -24.61 15.65
C TYR A 903 6.08 -24.85 16.98
N ALA A 904 6.57 -23.77 17.57
CA ALA A 904 7.47 -23.95 18.70
C ALA A 904 7.52 -22.70 19.56
N GLN A 905 7.96 -22.87 20.80
CA GLN A 905 8.21 -21.77 21.71
C GLN A 905 9.40 -22.10 22.59
N GLY A 906 10.15 -21.07 22.98
CA GLY A 906 11.26 -21.24 23.89
C GLY A 906 12.50 -21.88 23.28
N ASN A 907 13.01 -22.93 23.93
CA ASN A 907 14.25 -23.60 23.50
C ASN A 907 13.95 -24.48 22.28
N TYR A 908 14.06 -23.86 21.11
CA TYR A 908 13.88 -24.58 19.86
C TYR A 908 14.69 -23.92 18.77
N LYS A 909 15.07 -24.73 17.79
CA LYS A 909 15.70 -24.27 16.56
C LYS A 909 15.57 -25.39 15.54
N VAL A 910 15.78 -25.05 14.27
CA VAL A 910 15.69 -26.02 13.20
C VAL A 910 17.10 -26.21 12.63
N GLU A 911 17.43 -27.45 12.32
CA GLU A 911 18.81 -27.81 11.95
C GLU A 911 18.82 -28.71 10.72
N HIS A 912 18.10 -28.31 9.67
CA HIS A 912 18.17 -29.04 8.41
C HIS A 912 19.53 -28.75 7.77
N ASN A 913 20.30 -29.80 7.51
CA ASN A 913 21.65 -29.59 7.00
C ASN A 913 22.04 -30.53 5.86
N SER A 914 21.30 -31.60 5.61
CA SER A 914 21.68 -32.56 4.58
C SER A 914 20.42 -33.14 3.95
N GLY A 915 20.62 -33.79 2.82
CA GLY A 915 19.52 -34.38 2.09
C GLY A 915 18.76 -33.38 1.24
N ILE A 916 17.47 -33.65 1.07
CA ILE A 916 16.61 -32.78 0.28
C ILE A 916 15.31 -32.60 1.04
N VAL A 917 14.77 -31.38 0.98
CA VAL A 917 13.51 -31.02 1.63
C VAL A 917 12.62 -30.35 0.60
N LYS A 918 11.34 -30.73 0.61
CA LYS A 918 10.36 -30.23 -0.36
C LYS A 918 9.22 -29.52 0.39
N ALA A 919 9.03 -28.24 0.08
CA ALA A 919 8.04 -27.44 0.78
C ALA A 919 6.65 -27.68 0.21
N GLY A 920 5.63 -27.43 1.03
CA GLY A 920 4.27 -27.67 0.63
C GLY A 920 3.70 -26.58 -0.24
N LYS A 921 2.44 -26.78 -0.63
CA LYS A 921 1.68 -25.79 -1.39
C LYS A 921 0.44 -25.40 -0.60
N ASP A 922 0.06 -24.12 -0.70
CA ASP A 922 -0.85 -23.40 0.20
C ASP A 922 -0.68 -23.86 1.65
N VAL A 923 0.58 -24.06 2.04
CA VAL A 923 0.99 -24.48 3.37
C VAL A 923 2.24 -23.69 3.73
N ILE A 924 2.38 -23.32 4.99
CA ILE A 924 3.53 -22.55 5.45
C ILE A 924 4.34 -23.39 6.42
N ALA A 925 5.64 -23.49 6.18
CA ALA A 925 6.49 -24.36 6.98
C ALA A 925 6.70 -23.78 8.38
N PHE A 926 6.95 -22.48 8.48
CA PHE A 926 7.35 -21.89 9.75
C PHE A 926 6.24 -21.00 10.30
N TYR A 927 5.93 -21.21 11.58
CA TYR A 927 5.02 -20.34 12.32
C TYR A 927 5.25 -20.55 13.80
N VAL A 928 5.81 -19.53 14.46
CA VAL A 928 6.17 -19.62 15.86
C VAL A 928 5.80 -18.31 16.56
N LYS A 929 6.01 -18.28 17.87
CA LYS A 929 5.43 -17.28 18.76
C LYS A 929 6.45 -16.81 19.81
N ASP A 930 5.92 -16.26 20.90
CA ASP A 930 6.62 -15.69 22.05
C ASP A 930 7.66 -14.66 21.63
N SER A 931 8.75 -14.53 22.37
CA SER A 931 9.68 -13.43 22.11
C SER A 931 11.14 -13.87 22.20
N THR A 932 11.40 -15.18 22.17
CA THR A 932 12.76 -15.70 22.27
C THR A 932 13.03 -16.88 21.35
N GLY A 933 12.34 -16.98 20.21
CA GLY A 933 12.52 -18.12 19.34
C GLY A 933 13.39 -17.84 18.13
N GLU A 934 14.39 -18.68 17.94
CA GLU A 934 15.42 -18.49 16.92
C GLU A 934 15.36 -19.61 15.90
N VAL A 935 15.73 -19.28 14.66
CA VAL A 935 15.63 -20.20 13.53
C VAL A 935 16.95 -20.20 12.77
N ASN A 936 17.40 -21.40 12.40
CA ASN A 936 18.61 -21.55 11.61
C ASN A 936 18.29 -22.28 10.32
N ILE A 937 18.47 -21.60 9.19
CA ILE A 937 18.23 -22.17 7.87
C ILE A 937 19.48 -22.01 7.02
N ASN A 938 20.10 -23.14 6.67
CA ASN A 938 21.28 -23.11 5.83
C ASN A 938 21.33 -24.23 4.81
N ALA A 939 20.30 -25.07 4.71
CA ALA A 939 20.32 -26.16 3.74
C ALA A 939 19.70 -25.67 2.43
N PRO A 940 20.28 -26.02 1.27
CA PRO A 940 19.65 -25.64 0.01
C PRO A 940 18.30 -26.31 -0.16
N ILE A 941 17.33 -25.59 -0.74
CA ILE A 941 15.96 -26.06 -0.82
C ILE A 941 15.61 -26.27 -2.28
N GLU A 942 14.65 -27.15 -2.52
CA GLU A 942 14.05 -27.32 -3.83
C GLU A 942 12.56 -27.06 -3.71
N LEU A 943 12.05 -26.24 -4.62
CA LEU A 943 10.67 -25.80 -4.57
C LEU A 943 9.99 -26.02 -5.92
N ALA A 944 8.71 -26.36 -5.87
CA ALA A 944 7.87 -26.37 -7.05
C ALA A 944 6.99 -25.12 -7.01
N ASN A 945 6.43 -24.77 -8.16
CA ASN A 945 5.62 -23.56 -8.25
C ASN A 945 4.43 -23.65 -7.30
N SER A 946 4.04 -22.49 -6.78
CA SER A 946 3.06 -22.45 -5.70
C SER A 946 1.67 -22.80 -6.22
N SER A 947 0.81 -23.21 -5.29
CA SER A 947 -0.55 -23.62 -5.60
C SER A 947 -1.47 -22.42 -5.77
N LYS A 948 -2.77 -22.67 -5.78
CA LYS A 948 -3.77 -21.61 -5.85
C LYS A 948 -3.58 -20.56 -4.76
N GLY A 949 -3.13 -20.95 -3.58
CA GLY A 949 -2.83 -20.00 -2.54
C GLY A 949 -1.43 -19.43 -2.70
N THR A 950 -0.66 -19.38 -1.62
CA THR A 950 0.71 -18.89 -1.67
C THR A 950 1.57 -19.75 -0.76
N THR A 951 2.80 -19.99 -1.20
CA THR A 951 3.74 -20.83 -0.47
C THR A 951 4.88 -19.99 0.03
N ILE A 952 5.31 -20.29 1.25
CA ILE A 952 6.46 -19.65 1.88
C ILE A 952 7.02 -20.60 2.93
N GLY A 953 8.34 -20.61 3.05
CA GLY A 953 8.95 -21.44 4.08
C GLY A 953 8.83 -20.84 5.46
N ILE A 954 8.65 -19.51 5.53
CA ILE A 954 8.78 -18.80 6.78
C ILE A 954 7.57 -17.90 6.98
N TYR A 955 7.06 -17.89 8.21
CA TYR A 955 6.06 -16.93 8.64
C TYR A 955 6.06 -16.87 10.15
N SER A 956 5.68 -15.71 10.69
CA SER A 956 5.39 -15.55 12.11
C SER A 956 4.52 -14.32 12.26
N ASP A 957 3.87 -14.22 13.41
CA ASP A 957 3.09 -13.00 13.67
C ASP A 957 3.95 -11.80 13.89
N GLY A 958 5.26 -11.95 13.69
CA GLY A 958 6.21 -10.90 13.91
C GLY A 958 7.09 -11.08 15.13
N ASN A 959 6.97 -12.20 15.83
CA ASN A 959 7.62 -12.36 17.12
C ASN A 959 8.65 -13.49 17.15
N ALA A 960 9.35 -13.73 16.04
CA ALA A 960 10.40 -14.75 16.04
C ALA A 960 11.76 -14.12 15.75
N LYS A 961 12.83 -14.76 16.23
CA LYS A 961 14.19 -14.32 15.94
C LYS A 961 14.73 -15.13 14.76
N VAL A 962 14.06 -14.99 13.62
CA VAL A 962 14.42 -15.72 12.43
C VAL A 962 15.65 -15.07 11.79
N LYS A 963 16.58 -15.92 11.36
CA LYS A 963 17.85 -15.46 10.84
C LYS A 963 18.09 -16.08 9.47
N PHE A 964 18.81 -15.35 8.62
CA PHE A 964 19.20 -15.83 7.31
C PHE A 964 20.71 -15.96 7.23
N GLY A 965 21.17 -16.95 6.49
CA GLY A 965 22.58 -17.22 6.34
C GLY A 965 22.87 -17.88 5.00
N THR A 966 24.04 -17.58 4.45
CA THR A 966 24.47 -18.13 3.18
C THR A 966 24.54 -19.66 3.25
N GLY A 967 24.11 -20.33 2.18
CA GLY A 967 24.13 -21.78 2.14
C GLY A 967 22.79 -22.37 1.80
N SER A 968 21.73 -21.77 2.32
CA SER A 968 20.38 -22.21 2.01
C SER A 968 19.95 -21.66 0.65
N LYS A 969 20.17 -22.46 -0.40
CA LYS A 969 19.83 -22.04 -1.75
C LYS A 969 18.31 -21.95 -1.81
N LEU A 970 17.80 -20.74 -2.03
CA LEU A 970 16.36 -20.50 -2.04
C LEU A 970 15.93 -20.09 -3.45
N LYS A 971 14.73 -20.53 -3.83
CA LYS A 971 14.23 -20.28 -5.18
C LYS A 971 12.71 -20.16 -5.12
N ILE A 972 12.16 -19.39 -6.06
CA ILE A 972 10.71 -19.24 -6.20
C ILE A 972 10.36 -19.20 -7.68
N GLY A 973 9.20 -19.75 -8.01
CA GLY A 973 8.64 -19.59 -9.33
C GLY A 973 7.14 -19.38 -9.30
N GLU A 974 6.64 -18.41 -10.08
CA GLU A 974 5.22 -18.39 -10.41
C GLU A 974 4.26 -18.25 -9.23
N LYS A 975 4.15 -17.03 -8.70
CA LYS A 975 3.15 -16.69 -7.69
C LYS A 975 3.45 -17.32 -6.33
N ALA A 976 4.62 -16.95 -5.82
CA ALA A 976 4.94 -17.15 -4.42
C ALA A 976 5.32 -15.79 -3.83
N VAL A 977 5.59 -15.77 -2.54
CA VAL A 977 5.87 -14.52 -1.83
C VAL A 977 7.07 -14.74 -0.92
N GLY A 978 8.03 -13.81 -0.99
CA GLY A 978 9.23 -13.89 -0.18
C GLY A 978 9.02 -13.66 1.30
N LEU A 979 8.20 -12.67 1.66
CA LEU A 979 7.97 -12.32 3.05
C LEU A 979 6.48 -12.08 3.26
N TYR A 980 5.87 -12.87 4.14
CA TYR A 980 4.45 -12.75 4.41
C TYR A 980 4.24 -12.30 5.85
N SER A 981 3.29 -11.38 6.03
CA SER A 981 3.03 -10.82 7.35
C SER A 981 1.62 -10.27 7.43
N ALA A 982 0.94 -10.58 8.52
CA ALA A 982 -0.37 -10.02 8.82
C ALA A 982 -0.37 -9.25 10.14
N ASP A 983 0.79 -8.95 10.69
CA ASP A 983 0.90 -8.35 12.01
C ASP A 983 2.25 -7.66 12.14
N PRO A 984 2.39 -6.43 11.60
CA PRO A 984 3.72 -5.82 11.52
C PRO A 984 4.16 -5.05 12.74
N THR A 985 3.34 -4.99 13.80
CA THR A 985 3.71 -4.21 14.98
C THR A 985 4.97 -4.75 15.63
N LYS A 986 5.14 -6.07 15.66
CA LYS A 986 6.34 -6.67 16.22
C LYS A 986 7.25 -7.23 15.13
N PHE A 987 6.77 -7.25 13.88
CA PHE A 987 7.49 -7.86 12.77
C PHE A 987 8.86 -7.24 12.54
N ASN A 988 9.06 -6.01 13.01
CA ASN A 988 10.32 -5.31 12.78
C ASN A 988 11.53 -6.12 13.21
N ASN A 989 11.42 -6.86 14.32
CA ASN A 989 12.58 -7.61 14.81
C ASN A 989 12.57 -9.05 14.33
N THR A 990 11.66 -9.42 13.44
CA THR A 990 11.50 -10.82 13.06
C THR A 990 12.73 -11.37 12.35
N PHE A 991 13.30 -10.59 11.44
CA PHE A 991 14.41 -11.07 10.63
C PHE A 991 15.60 -10.13 10.79
N LYS A 992 16.51 -10.46 11.71
CA LYS A 992 17.79 -9.78 11.76
C LYS A 992 18.66 -10.27 10.62
N ILE A 993 19.34 -9.34 9.95
CA ILE A 993 20.19 -9.68 8.82
C ILE A 993 21.62 -9.22 9.14
N GLU A 994 22.56 -10.14 9.01
CA GLU A 994 23.96 -9.89 9.33
C GLU A 994 24.75 -9.77 8.04
N SER A 995 25.81 -8.95 8.08
CA SER A 995 26.63 -8.68 6.92
C SER A 995 27.32 -9.95 6.41
N GLY A 996 27.28 -10.16 5.10
CA GLY A 996 27.85 -11.34 4.50
C GLY A 996 26.92 -12.52 4.37
N LYS A 997 25.77 -12.49 5.04
CA LYS A 997 24.77 -13.55 4.90
C LYS A 997 23.75 -13.21 3.82
N THR A 998 24.26 -12.87 2.63
CA THR A 998 23.38 -12.54 1.52
C THR A 998 22.71 -13.79 1.00
N LEU A 999 21.37 -13.76 0.93
CA LEU A 999 20.61 -14.92 0.54
C LEU A 999 20.28 -14.86 -0.94
N ASP A 1000 20.59 -15.94 -1.66
CA ASP A 1000 20.34 -16.03 -3.09
C ASP A 1000 18.97 -16.64 -3.36
N VAL A 1001 18.03 -15.80 -3.80
CA VAL A 1001 16.67 -16.24 -4.09
C VAL A 1001 16.28 -15.75 -5.47
N GLU A 1002 15.75 -16.65 -6.30
CA GLU A 1002 15.29 -16.30 -7.63
C GLU A 1002 13.80 -16.61 -7.74
N LEU A 1003 13.10 -15.76 -8.48
CA LEU A 1003 11.64 -15.74 -8.50
C LEU A 1003 11.14 -15.76 -9.92
N GLY A 1004 9.89 -16.19 -10.08
CA GLY A 1004 9.27 -16.25 -11.38
C GLY A 1004 8.43 -15.02 -11.68
N LYS A 1005 7.11 -15.15 -11.64
CA LYS A 1005 6.20 -14.06 -11.95
C LYS A 1005 5.08 -14.04 -10.91
N ASN A 1006 4.49 -12.86 -10.73
CA ASN A 1006 3.39 -12.64 -9.78
C ASN A 1006 3.85 -12.84 -8.34
N SER A 1007 4.94 -12.19 -7.97
CA SER A 1007 5.55 -12.38 -6.67
C SER A 1007 5.75 -11.02 -6.02
N THR A 1008 6.15 -11.04 -4.74
CA THR A 1008 6.25 -9.83 -3.94
C THR A 1008 7.06 -10.12 -2.69
N PHE A 1009 7.96 -9.19 -2.33
CA PHE A 1009 8.57 -9.24 -1.01
C PHE A 1009 7.54 -9.09 0.09
N GLY A 1010 6.87 -7.94 0.13
CA GLY A 1010 6.05 -7.62 1.29
C GLY A 1010 4.55 -7.72 1.07
N LEU A 1011 3.95 -8.73 1.68
CA LEU A 1011 2.50 -8.88 1.70
C LEU A 1011 2.05 -8.51 3.11
N LEU A 1012 1.39 -7.37 3.25
CA LEU A 1012 1.05 -6.86 4.57
C LEU A 1012 -0.40 -6.36 4.61
N ASN A 1013 -1.09 -6.74 5.67
CA ASN A 1013 -2.45 -6.26 5.93
C ASN A 1013 -2.52 -5.63 7.31
N GLY A 1014 -1.83 -6.22 8.27
CA GLY A 1014 -1.78 -5.69 9.61
C GLY A 1014 -3.01 -6.02 10.44
N ASN A 1015 -4.01 -6.63 9.80
CA ASN A 1015 -5.27 -6.99 10.44
C ASN A 1015 -5.95 -5.78 11.08
N ASN A 1016 -5.73 -4.59 10.53
CA ASN A 1016 -6.20 -3.33 11.10
C ASN A 1016 -5.71 -3.15 12.53
N THR A 1017 -4.59 -3.77 12.87
CA THR A 1017 -4.03 -3.72 14.21
C THR A 1017 -2.56 -3.35 14.26
N VAL A 1018 -2.09 -2.45 13.39
CA VAL A 1018 -0.69 -2.08 13.36
C VAL A 1018 -0.41 -1.10 14.48
N THR A 1019 -0.04 -1.62 15.66
CA THR A 1019 0.29 -0.76 16.77
C THR A 1019 1.64 -0.08 16.56
N ASN A 1020 2.60 -0.78 15.96
CA ASN A 1020 3.92 -0.25 15.69
C ASN A 1020 4.23 -0.39 14.20
N SER A 1021 4.74 0.67 13.59
CA SER A 1021 5.16 0.59 12.21
C SER A 1021 6.53 -0.09 12.12
N PRO A 1022 6.64 -1.17 11.36
CA PRO A 1022 7.92 -1.85 11.24
C PRO A 1022 8.96 -1.00 10.52
N LEU A 1023 10.04 -0.70 11.24
CA LEU A 1023 11.16 0.08 10.69
C LEU A 1023 11.97 -0.82 9.77
N LEU A 1024 11.40 -1.06 8.60
CA LEU A 1024 11.84 -2.08 7.65
C LEU A 1024 13.06 -1.66 6.83
N SER A 1025 13.77 -0.63 7.29
CA SER A 1025 14.88 -0.04 6.55
C SER A 1025 16.18 -0.83 6.74
N LYS A 1026 16.15 -2.14 6.49
CA LYS A 1026 17.33 -2.95 6.72
C LYS A 1026 17.59 -3.96 5.60
N TYR A 1027 16.57 -4.31 4.82
CA TYR A 1027 16.70 -5.45 3.93
C TYR A 1027 17.58 -5.16 2.71
N LEU A 1028 17.61 -3.92 2.25
CA LEU A 1028 18.63 -3.52 1.27
C LEU A 1028 19.17 -2.15 1.70
N ASN A 1029 19.49 -2.04 2.98
CA ASN A 1029 20.06 -0.81 3.50
C ASN A 1029 21.41 -0.49 2.86
N ASN A 1030 21.66 0.81 2.66
CA ASN A 1030 22.80 1.21 1.84
C ASN A 1030 24.10 1.23 2.64
N ASN A 1031 24.00 1.16 3.97
CA ASN A 1031 25.17 1.34 4.82
C ASN A 1031 26.18 0.19 4.69
N THR A 1032 25.70 -1.05 4.72
CA THR A 1032 26.60 -2.20 4.78
C THR A 1032 25.89 -3.37 4.11
N SER A 1033 26.61 -4.48 3.95
CA SER A 1033 26.10 -5.66 3.28
C SER A 1033 25.23 -6.51 4.21
N ASP A 1034 24.68 -5.89 5.25
CA ASP A 1034 23.69 -6.50 6.15
C ASP A 1034 22.30 -6.51 5.56
N LYS A 1035 22.34 -6.36 4.24
CA LYS A 1035 21.18 -6.38 3.36
C LYS A 1035 20.76 -7.79 2.98
N ILE A 1036 19.58 -7.93 2.36
CA ILE A 1036 19.22 -9.17 1.69
C ILE A 1036 19.01 -8.85 0.21
N ASN A 1037 19.53 -9.70 -0.66
CA ASN A 1037 19.51 -9.45 -2.09
C ASN A 1037 18.71 -10.54 -2.80
N ILE A 1038 17.47 -10.23 -3.13
CA ILE A 1038 16.64 -11.13 -3.93
C ILE A 1038 16.29 -10.41 -5.23
N VAL A 1039 17.07 -10.65 -6.29
CA VAL A 1039 17.00 -9.79 -7.46
C VAL A 1039 16.48 -10.51 -8.70
N SER A 1040 16.58 -11.84 -8.77
CA SER A 1040 16.21 -12.54 -9.99
C SER A 1040 14.71 -12.67 -10.08
N PHE A 1041 14.09 -11.77 -10.83
CA PHE A 1041 12.64 -11.72 -10.96
C PHE A 1041 12.29 -11.80 -12.43
N GLY A 1042 11.05 -12.21 -12.70
CA GLY A 1042 10.49 -12.08 -14.03
C GLY A 1042 9.80 -10.73 -14.15
N GLU A 1043 8.76 -10.66 -14.98
CA GLU A 1043 8.02 -9.42 -15.09
C GLU A 1043 6.60 -9.61 -14.54
N GLY A 1044 6.07 -8.54 -13.96
CA GLY A 1044 4.77 -8.61 -13.34
C GLY A 1044 4.85 -9.02 -11.88
N ALA A 1045 5.61 -8.26 -11.11
CA ALA A 1045 5.79 -8.54 -9.69
C ALA A 1045 6.00 -7.21 -8.96
N SER A 1046 5.77 -7.25 -7.65
CA SER A 1046 5.85 -6.05 -6.82
C SER A 1046 6.81 -6.30 -5.67
N LEU A 1047 6.90 -5.29 -4.80
CA LEU A 1047 7.84 -5.34 -3.66
C LEU A 1047 7.06 -5.41 -2.35
N PHE A 1048 6.17 -4.44 -2.13
CA PHE A 1048 5.43 -4.29 -0.90
C PHE A 1048 3.94 -4.15 -1.21
N TYR A 1049 3.12 -4.83 -0.42
CA TYR A 1049 1.68 -4.87 -0.64
C TYR A 1049 0.99 -4.51 0.68
N ALA A 1050 0.43 -3.29 0.72
CA ALA A 1050 -0.16 -2.76 1.95
C ALA A 1050 -1.68 -2.69 1.82
N THR A 1051 -2.37 -3.36 2.73
CA THR A 1051 -3.83 -3.36 2.78
C THR A 1051 -4.28 -3.26 4.23
N SER A 1052 -5.58 -3.06 4.41
CA SER A 1052 -6.23 -3.17 5.72
C SER A 1052 -5.54 -2.33 6.80
N LYS A 1053 -5.27 -1.06 6.50
CA LYS A 1053 -4.69 -0.12 7.45
C LYS A 1053 -3.32 -0.58 7.92
N ALA A 1054 -2.57 -1.23 7.04
CA ALA A 1054 -1.22 -1.65 7.39
C ALA A 1054 -0.27 -0.45 7.31
N LYS A 1055 0.99 -0.70 7.68
CA LYS A 1055 2.01 0.31 7.58
C LYS A 1055 3.38 -0.35 7.54
N ALA A 1056 4.28 0.22 6.72
CA ALA A 1056 5.64 -0.26 6.60
C ALA A 1056 6.47 0.83 5.94
N ILE A 1057 7.79 0.66 5.99
CA ILE A 1057 8.72 1.64 5.45
C ILE A 1057 9.61 0.99 4.40
N LEU A 1058 9.70 1.64 3.24
CA LEU A 1058 10.64 1.26 2.18
C LEU A 1058 12.04 1.12 2.77
N ASP A 1059 12.71 0.00 2.47
CA ASP A 1059 13.92 -0.29 3.23
C ASP A 1059 15.02 0.74 3.01
N GLU A 1060 15.71 0.71 1.88
CA GLU A 1060 16.56 1.85 1.53
C GLU A 1060 16.40 2.28 0.08
N ASP A 1061 16.58 1.33 -0.83
CA ASP A 1061 16.95 1.64 -2.21
C ASP A 1061 16.29 0.73 -3.25
N TYR A 1062 15.57 -0.29 -2.79
CA TYR A 1062 15.50 -1.54 -3.53
C TYR A 1062 15.00 -1.38 -4.97
N LYS A 1063 15.57 -2.15 -5.89
CA LYS A 1063 15.21 -2.07 -7.30
C LYS A 1063 14.81 -3.46 -7.79
N VAL A 1064 13.92 -3.50 -8.78
CA VAL A 1064 13.60 -4.75 -9.47
C VAL A 1064 13.89 -4.51 -10.95
N THR A 1065 15.13 -4.80 -11.35
CA THR A 1065 15.56 -4.58 -12.71
C THR A 1065 15.10 -5.72 -13.63
N ASN A 1066 13.79 -5.98 -13.62
CA ASN A 1066 13.24 -7.14 -14.31
C ASN A 1066 12.03 -6.82 -15.17
N GLY A 1067 11.66 -5.55 -15.33
CA GLY A 1067 10.60 -5.18 -16.24
C GLY A 1067 9.90 -3.88 -15.87
N ASP A 1068 9.61 -3.05 -16.87
CA ASP A 1068 8.81 -1.84 -16.64
C ASP A 1068 7.40 -1.97 -17.18
N ALA A 1069 6.92 -3.19 -17.40
CA ALA A 1069 5.60 -3.41 -17.96
C ALA A 1069 4.55 -3.55 -16.87
N ILE A 1070 3.37 -4.03 -17.24
CA ILE A 1070 2.24 -4.07 -16.31
C ILE A 1070 2.57 -4.97 -15.12
N SER A 1071 1.89 -4.71 -14.00
CA SER A 1071 2.00 -5.50 -12.78
C SER A 1071 3.40 -5.46 -12.18
N THR A 1072 4.18 -4.43 -12.49
CA THR A 1072 5.52 -4.27 -11.95
C THR A 1072 5.64 -2.85 -11.40
N ALA A 1073 5.31 -2.68 -10.13
CA ALA A 1073 5.44 -1.40 -9.45
C ALA A 1073 6.09 -1.66 -8.09
N VAL A 1074 6.60 -0.58 -7.49
CA VAL A 1074 7.35 -0.73 -6.25
C VAL A 1074 6.43 -1.19 -5.12
N LEU A 1075 5.35 -0.45 -4.88
CA LEU A 1075 4.49 -0.80 -3.76
C LEU A 1075 3.14 -0.11 -3.93
N VAL A 1076 2.09 -0.77 -3.42
CA VAL A 1076 0.73 -0.28 -3.53
C VAL A 1076 0.13 -0.15 -2.15
N ALA A 1077 -0.56 0.97 -1.91
CA ALA A 1077 -1.29 1.21 -0.68
C ALA A 1077 -2.76 0.99 -0.97
N ASN A 1078 -3.38 0.08 -0.24
CA ASN A 1078 -4.75 -0.34 -0.49
C ASN A 1078 -5.55 -0.32 0.81
N ASN A 1079 -6.88 -0.20 0.64
CA ASN A 1079 -7.82 -0.16 1.76
C ASN A 1079 -7.55 1.03 2.67
N GLY A 1080 -7.09 2.12 2.08
CA GLY A 1080 -6.88 3.36 2.80
C GLY A 1080 -5.85 3.30 3.90
N ALA A 1081 -4.70 2.65 3.67
CA ALA A 1081 -3.68 2.55 4.69
C ALA A 1081 -2.73 3.75 4.62
N ASN A 1082 -1.64 3.66 5.37
CA ASN A 1082 -0.60 4.68 5.40
C ASN A 1082 0.78 4.01 5.47
N VAL A 1083 1.72 4.56 4.71
CA VAL A 1083 3.12 4.14 4.78
C VAL A 1083 3.98 5.39 4.87
N GLU A 1084 5.19 5.22 5.37
CA GLU A 1084 6.10 6.33 5.61
C GLU A 1084 7.36 6.16 4.77
N ILE A 1085 7.79 7.24 4.14
CA ILE A 1085 9.08 7.25 3.46
C ILE A 1085 10.09 8.02 4.29
N ALA A 1086 11.02 7.30 4.91
CA ALA A 1086 12.04 7.93 5.73
C ALA A 1086 12.99 8.74 4.85
N SER A 1087 13.68 9.68 5.48
CA SER A 1087 14.65 10.49 4.78
C SER A 1087 15.86 9.64 4.38
N GLY A 1088 16.46 9.98 3.24
CA GLY A 1088 17.62 9.27 2.77
C GLY A 1088 17.32 7.97 2.07
N LYS A 1089 16.03 7.63 1.97
CA LYS A 1089 15.62 6.44 1.23
C LYS A 1089 15.76 6.69 -0.27
N LYS A 1090 16.28 5.69 -0.98
CA LYS A 1090 16.66 5.88 -2.37
C LYS A 1090 16.04 4.84 -3.28
N LEU A 1091 14.72 4.63 -3.17
CA LEU A 1091 14.04 3.66 -4.03
C LEU A 1091 14.02 4.19 -5.46
N GLU A 1092 15.18 4.09 -6.10
CA GLU A 1092 15.30 4.29 -7.53
C GLU A 1092 14.58 3.14 -8.25
N THR A 1093 14.05 3.43 -9.43
CA THR A 1093 13.38 2.39 -10.20
C THR A 1093 13.54 2.63 -11.69
N ASN A 1094 13.51 1.54 -12.44
CA ASN A 1094 13.36 1.57 -13.89
C ASN A 1094 12.03 0.97 -14.33
N THR A 1095 11.16 0.63 -13.37
CA THR A 1095 9.97 -0.13 -13.65
C THR A 1095 8.77 0.76 -13.93
N ASN A 1096 7.60 0.14 -14.08
CA ASN A 1096 6.41 0.85 -14.52
C ASN A 1096 5.99 1.94 -13.55
N ALA A 1097 6.03 1.67 -12.24
CA ALA A 1097 5.49 2.61 -11.27
C ALA A 1097 6.20 2.44 -9.94
N GLY A 1098 5.95 3.39 -9.05
CA GLY A 1098 6.51 3.37 -7.71
C GLY A 1098 5.49 3.04 -6.64
N LEU A 1099 4.98 4.07 -5.96
CA LEU A 1099 4.01 3.90 -4.88
C LEU A 1099 2.62 4.25 -5.41
N ILE A 1100 1.68 3.34 -5.21
CA ILE A 1100 0.29 3.54 -5.59
C ILE A 1100 -0.56 3.52 -4.33
N ALA A 1101 -1.46 4.49 -4.20
CA ALA A 1101 -2.33 4.58 -3.04
C ALA A 1101 -3.78 4.59 -3.49
N ILE A 1102 -4.60 3.77 -2.83
CA ILE A 1102 -6.02 3.69 -3.14
C ILE A 1102 -6.76 3.38 -1.84
N ASN A 1103 -7.96 3.95 -1.72
CA ASN A 1103 -8.72 3.82 -0.48
C ASN A 1103 -9.89 2.86 -0.64
N GLY A 1104 -9.98 1.93 0.29
CA GLY A 1104 -11.15 1.06 0.40
C GLY A 1104 -11.98 1.48 1.60
N THR A 1105 -11.94 0.69 2.67
CA THR A 1105 -12.46 1.16 3.95
C THR A 1105 -11.50 2.20 4.52
N VAL A 1106 -12.04 3.36 4.87
CA VAL A 1106 -11.20 4.52 5.17
C VAL A 1106 -10.35 4.27 6.41
N GLY A 1107 -10.98 4.10 7.58
CA GLY A 1107 -10.22 3.75 8.77
C GLY A 1107 -9.35 4.88 9.25
N PHE A 1108 -8.31 5.18 8.46
CA PHE A 1108 -7.37 6.26 8.71
C PHE A 1108 -7.15 7.01 7.40
N THR A 1109 -6.90 8.31 7.50
CA THR A 1109 -6.80 9.15 6.32
C THR A 1109 -5.71 8.63 5.39
N SER A 1110 -6.06 8.47 4.11
CA SER A 1110 -5.14 7.88 3.14
C SER A 1110 -4.03 8.87 2.80
N VAL A 1111 -2.81 8.60 3.26
CA VAL A 1111 -1.70 9.52 3.09
C VAL A 1111 -0.40 8.76 3.26
N ALA A 1112 0.62 9.15 2.50
CA ALA A 1112 1.99 8.68 2.66
C ALA A 1112 2.93 9.87 2.59
N LYS A 1113 3.93 9.89 3.47
CA LYS A 1113 4.86 11.01 3.56
C LYS A 1113 6.21 10.60 3.02
N ASN A 1114 6.77 11.41 2.12
CA ASN A 1114 8.06 11.15 1.49
C ASN A 1114 9.09 12.09 2.11
N ASN A 1115 10.18 11.51 2.60
CA ASN A 1115 11.32 12.27 3.09
C ASN A 1115 12.63 11.89 2.41
N GLY A 1116 12.68 10.75 1.74
CA GLY A 1116 13.88 10.26 1.10
C GLY A 1116 14.05 10.78 -0.31
N THR A 1117 15.06 10.22 -1.00
CA THR A 1117 15.38 10.60 -2.37
C THR A 1117 14.74 9.57 -3.30
N LEU A 1118 13.58 9.93 -3.86
CA LEU A 1118 12.84 9.05 -4.75
C LEU A 1118 13.05 9.49 -6.18
N ILE A 1119 13.55 8.58 -7.01
CA ILE A 1119 13.90 8.87 -8.38
C ILE A 1119 13.42 7.70 -9.24
N SER A 1120 12.96 8.04 -10.45
CA SER A 1120 12.53 7.02 -11.40
C SER A 1120 13.39 7.10 -12.65
N THR A 1121 13.63 5.94 -13.26
CA THR A 1121 14.46 5.86 -14.45
C THR A 1121 13.87 4.88 -15.47
N ARG A 1122 12.55 4.76 -15.51
CA ARG A 1122 11.91 3.98 -16.54
C ARG A 1122 11.99 4.69 -17.88
N ILE A 1123 12.23 3.92 -18.94
CA ILE A 1123 12.51 4.46 -20.26
C ILE A 1123 11.37 5.34 -20.74
N ASP A 1124 10.13 4.92 -20.48
CA ASP A 1124 8.96 5.68 -20.89
C ASP A 1124 7.90 5.61 -19.80
N LYS A 1125 7.43 6.78 -19.37
CA LYS A 1125 6.35 6.91 -18.39
C LYS A 1125 6.74 6.24 -17.07
N GLY A 1126 7.80 6.76 -16.47
CA GLY A 1126 8.18 6.35 -15.13
C GLY A 1126 7.57 7.25 -14.08
N ILE A 1127 6.54 6.77 -13.40
CA ILE A 1127 5.78 7.55 -12.44
C ILE A 1127 6.32 7.27 -11.04
N GLY A 1128 6.57 8.32 -10.28
CA GLY A 1128 7.11 8.17 -8.94
C GLY A 1128 6.14 7.58 -7.94
N ILE A 1129 5.10 8.35 -7.58
CA ILE A 1129 4.10 7.89 -6.62
C ILE A 1129 2.73 8.36 -7.11
N TYR A 1130 1.73 7.51 -6.92
CA TYR A 1130 0.36 7.82 -7.32
C TYR A 1130 -0.59 7.57 -6.15
N THR A 1131 -1.63 8.40 -6.07
CA THR A 1131 -2.65 8.28 -5.05
C THR A 1131 -4.03 8.42 -5.68
N SER A 1132 -4.94 7.56 -5.25
CA SER A 1132 -6.34 7.66 -5.63
C SER A 1132 -7.18 7.62 -4.37
N ALA A 1133 -8.01 8.65 -4.17
CA ALA A 1133 -8.72 8.85 -2.91
C ALA A 1133 -7.72 8.84 -1.75
N ALA A 1134 -6.57 9.47 -1.97
CA ALA A 1134 -5.47 9.42 -1.03
C ALA A 1134 -4.64 10.69 -1.16
N ASN A 1135 -4.07 11.11 -0.04
CA ASN A 1135 -3.38 12.38 0.05
C ASN A 1135 -1.88 12.16 -0.06
N GLY A 1136 -1.25 12.84 -1.01
CA GLY A 1136 0.18 12.72 -1.23
C GLY A 1136 0.94 13.80 -0.47
N GLU A 1137 2.02 13.38 0.19
CA GLU A 1137 2.86 14.29 0.94
C GLU A 1137 4.32 13.91 0.76
N ASN A 1138 5.17 14.91 0.58
CA ASN A 1138 6.61 14.70 0.49
C ASN A 1138 7.33 15.79 1.26
N SER A 1139 8.50 15.43 1.77
CA SER A 1139 9.38 16.40 2.42
C SER A 1139 10.84 16.18 2.05
N GLY A 1140 11.15 15.23 1.17
CA GLY A 1140 12.50 14.99 0.70
C GLY A 1140 12.73 15.54 -0.69
N THR A 1141 13.66 14.92 -1.41
CA THR A 1141 14.00 15.32 -2.77
C THR A 1141 13.49 14.29 -3.75
N ILE A 1142 12.83 14.76 -4.81
CA ILE A 1142 12.28 13.90 -5.84
C ILE A 1142 12.82 14.38 -7.19
N THR A 1143 13.48 13.49 -7.92
CA THR A 1143 13.94 13.80 -9.26
C THR A 1143 13.62 12.61 -10.16
N MET A 1144 14.20 12.63 -11.36
CA MET A 1144 13.89 11.62 -12.37
C MET A 1144 14.92 11.72 -13.49
N GLN A 1145 15.17 10.59 -14.17
CA GLN A 1145 16.27 10.51 -15.12
C GLN A 1145 15.85 10.34 -16.57
N ASN A 1146 15.08 9.30 -16.88
CA ASN A 1146 14.74 9.00 -18.27
C ASN A 1146 13.59 9.89 -18.73
N LYS A 1147 13.02 9.57 -19.89
CA LYS A 1147 12.02 10.39 -20.55
C LYS A 1147 10.62 10.00 -20.10
N ASN A 1148 9.70 10.96 -20.23
CA ASN A 1148 8.28 10.78 -19.89
C ASN A 1148 8.09 10.42 -18.42
N ALA A 1149 9.09 10.72 -17.59
CA ALA A 1149 9.02 10.39 -16.18
C ALA A 1149 8.00 11.27 -15.46
N VAL A 1150 7.47 10.75 -14.35
CA VAL A 1150 6.43 11.42 -13.59
C VAL A 1150 6.77 11.30 -12.11
N GLY A 1151 6.51 12.36 -11.35
CA GLY A 1151 6.77 12.34 -9.92
C GLY A 1151 5.57 11.93 -9.10
N ILE A 1152 4.99 12.88 -8.37
CA ILE A 1152 3.87 12.63 -7.48
C ILE A 1152 2.58 12.94 -8.23
N LEU A 1153 1.63 12.01 -8.16
CA LEU A 1153 0.34 12.15 -8.84
C LEU A 1153 -0.79 11.81 -7.87
N GLY A 1154 -1.83 12.64 -7.90
CA GLY A 1154 -3.00 12.41 -7.07
C GLY A 1154 -4.29 12.50 -7.84
N SER A 1155 -5.33 11.82 -7.36
CA SER A 1155 -6.62 11.82 -8.04
C SER A 1155 -7.71 11.41 -7.07
N LYS A 1156 -8.95 11.46 -7.56
CA LYS A 1156 -10.13 11.01 -6.83
C LYS A 1156 -10.33 11.78 -5.52
N ASP A 1157 -10.58 13.10 -5.63
CA ASP A 1157 -11.03 13.92 -4.51
C ASP A 1157 -10.09 13.82 -3.31
N SER A 1158 -8.85 14.24 -3.51
CA SER A 1158 -7.87 14.28 -2.44
C SER A 1158 -7.12 15.60 -2.51
N ASN A 1159 -6.04 15.69 -1.74
CA ASN A 1159 -5.19 16.87 -1.76
C ASN A 1159 -3.73 16.44 -1.79
N LEU A 1160 -2.89 17.32 -2.32
CA LEU A 1160 -1.46 17.06 -2.46
C LEU A 1160 -0.69 18.08 -1.63
N LYS A 1161 0.09 17.60 -0.66
CA LYS A 1161 0.84 18.46 0.25
C LYS A 1161 2.32 18.32 -0.08
N ASN A 1162 2.95 19.42 -0.45
CA ASN A 1162 4.37 19.44 -0.78
C ASN A 1162 5.13 20.14 0.33
N THR A 1163 6.23 19.53 0.78
CA THR A 1163 7.13 20.14 1.75
C THR A 1163 8.58 20.03 1.32
N GLY A 1164 8.92 19.08 0.46
CA GLY A 1164 10.29 18.89 0.04
C GLY A 1164 10.68 19.69 -1.18
N LYS A 1165 11.89 19.43 -1.69
CA LYS A 1165 12.40 20.11 -2.87
C LYS A 1165 12.32 19.17 -4.06
N ILE A 1166 11.77 19.70 -5.16
CA ILE A 1166 11.65 18.93 -6.39
C ILE A 1166 12.31 19.71 -7.51
N GLU A 1167 13.28 19.08 -8.17
CA GLU A 1167 14.02 19.70 -9.27
C GLU A 1167 13.82 18.85 -10.52
N LEU A 1168 13.55 19.50 -11.65
CA LEU A 1168 13.30 18.83 -12.92
C LEU A 1168 14.55 18.89 -13.78
N GLU A 1169 15.46 17.95 -13.55
CA GLU A 1169 16.68 17.90 -14.35
C GLU A 1169 16.50 17.08 -15.62
N ALA A 1170 15.43 16.29 -15.70
CA ALA A 1170 15.17 15.47 -16.88
C ALA A 1170 14.36 16.25 -17.91
N VAL A 1171 13.82 15.53 -18.91
CA VAL A 1171 13.04 16.14 -19.98
C VAL A 1171 11.73 15.38 -20.12
N SER A 1172 10.73 16.06 -20.69
CA SER A 1172 9.40 15.48 -20.93
C SER A 1172 8.80 14.93 -19.65
N SER A 1173 8.99 15.64 -18.54
CA SER A 1173 8.56 15.14 -17.24
C SER A 1173 7.80 16.22 -16.48
N ALA A 1174 6.89 15.78 -15.63
CA ALA A 1174 6.11 16.66 -14.77
C ALA A 1174 6.30 16.22 -13.33
N GLY A 1175 6.63 17.15 -12.45
CA GLY A 1175 6.88 16.83 -11.06
C GLY A 1175 5.63 16.44 -10.30
N VAL A 1176 4.73 17.39 -10.08
CA VAL A 1176 3.49 17.12 -9.35
C VAL A 1176 2.31 17.21 -10.32
N TYR A 1177 1.48 16.18 -10.32
CA TYR A 1177 0.41 16.01 -11.28
C TYR A 1177 -0.88 15.72 -10.52
N ALA A 1178 -1.99 16.28 -10.99
CA ALA A 1178 -3.24 16.15 -10.25
C ALA A 1178 -4.41 16.12 -11.22
N GLU A 1179 -5.50 15.52 -10.75
CA GLU A 1179 -6.75 15.46 -11.49
C GLU A 1179 -7.88 15.17 -10.53
N ASP A 1180 -8.94 16.00 -10.60
CA ASP A 1180 -10.12 15.83 -9.74
C ASP A 1180 -9.75 15.77 -8.27
N SER A 1181 -8.85 16.65 -7.84
CA SER A 1181 -8.39 16.65 -6.45
C SER A 1181 -7.78 18.01 -6.13
N ASN A 1182 -7.25 18.11 -4.92
CA ASN A 1182 -6.66 19.34 -4.41
C ASN A 1182 -5.14 19.20 -4.35
N MET A 1183 -4.49 20.30 -3.98
CA MET A 1183 -3.05 20.29 -3.76
C MET A 1183 -2.66 21.50 -2.93
N ILE A 1184 -1.42 21.49 -2.45
CA ILE A 1184 -0.86 22.60 -1.69
C ILE A 1184 0.65 22.44 -1.59
N ASN A 1185 1.35 23.57 -1.63
CA ASN A 1185 2.77 23.63 -1.29
C ASN A 1185 2.89 24.16 0.13
N SER A 1186 3.52 23.37 1.00
CA SER A 1186 3.57 23.68 2.43
C SER A 1186 4.94 24.26 2.76
N GLY A 1187 4.96 25.54 3.11
CA GLY A 1187 6.17 26.18 3.59
C GLY A 1187 7.17 26.48 2.49
N THR A 1188 8.04 27.47 2.72
CA THR A 1188 9.06 27.84 1.75
C THR A 1188 10.03 26.71 1.45
N THR A 1189 10.16 25.73 2.35
CA THR A 1189 10.96 24.55 2.06
C THR A 1189 10.33 23.65 1.01
N SER A 1190 9.03 23.78 0.77
CA SER A 1190 8.41 23.12 -0.37
C SER A 1190 8.90 23.80 -1.65
N GLU A 1191 9.91 23.22 -2.27
CA GLU A 1191 10.62 23.89 -3.34
C GLU A 1191 10.38 23.16 -4.65
N ILE A 1192 9.91 23.91 -5.64
CA ILE A 1192 9.68 23.38 -6.98
C ILE A 1192 10.72 23.99 -7.90
N ILE A 1193 11.55 23.14 -8.49
CA ILE A 1193 12.68 23.58 -9.30
C ILE A 1193 12.64 22.84 -10.63
N VAL A 1194 13.02 23.53 -11.69
CA VAL A 1194 13.16 22.93 -13.01
C VAL A 1194 14.56 23.25 -13.53
N ASN A 1195 15.24 22.23 -14.05
CA ASN A 1195 16.61 22.39 -14.51
C ASN A 1195 16.76 22.34 -16.03
N LYS A 1196 15.78 21.80 -16.75
CA LYS A 1196 15.86 21.72 -18.20
C LYS A 1196 14.53 22.14 -18.80
N GLU A 1197 14.55 22.38 -20.11
CA GLU A 1197 13.32 22.68 -20.83
C GLU A 1197 12.52 21.40 -21.04
N THR A 1198 11.41 21.49 -21.78
CA THR A 1198 10.51 20.37 -22.06
C THR A 1198 9.98 19.72 -20.79
N SER A 1199 9.67 20.50 -19.76
CA SER A 1199 9.17 19.95 -18.51
C SER A 1199 8.33 21.00 -17.80
N VAL A 1200 7.35 20.54 -17.03
CA VAL A 1200 6.42 21.43 -16.35
C VAL A 1200 6.30 20.97 -14.90
N GLY A 1201 5.86 21.89 -14.04
CA GLY A 1201 5.76 21.61 -12.63
C GLY A 1201 4.37 21.17 -12.21
N ILE A 1202 3.62 22.09 -11.58
CA ILE A 1202 2.32 21.74 -11.01
C ILE A 1202 1.31 21.54 -12.12
N TYR A 1203 0.61 20.40 -12.09
CA TYR A 1203 -0.30 19.95 -13.14
C TYR A 1203 -1.58 19.48 -12.47
N ALA A 1204 -2.68 20.21 -12.71
CA ALA A 1204 -3.97 19.88 -12.13
C ALA A 1204 -5.07 19.93 -13.16
N LYS A 1205 -5.89 18.88 -13.19
CA LYS A 1205 -6.98 18.78 -14.13
C LYS A 1205 -8.30 18.65 -13.38
N GLU A 1206 -9.36 19.19 -13.98
CA GLU A 1206 -10.70 19.11 -13.43
C GLU A 1206 -11.67 18.67 -14.52
N THR A 1207 -12.80 18.11 -14.11
CA THR A 1207 -13.73 17.51 -15.05
C THR A 1207 -15.14 17.58 -14.50
N SER A 1208 -16.05 16.89 -15.20
CA SER A 1208 -17.47 16.92 -14.84
C SER A 1208 -17.80 15.86 -13.79
N ILE A 1209 -16.80 15.06 -13.40
CA ILE A 1209 -17.02 14.02 -12.39
C ILE A 1209 -17.51 14.58 -11.07
N SER A 1210 -16.87 15.63 -10.55
CA SER A 1210 -17.35 16.30 -9.34
C SER A 1210 -17.45 17.79 -9.64
N SER A 1211 -18.61 18.38 -9.36
CA SER A 1211 -18.85 19.77 -9.74
C SER A 1211 -18.57 20.72 -8.58
N VAL A 1212 -17.82 20.26 -7.58
CA VAL A 1212 -17.43 21.10 -6.46
C VAL A 1212 -16.06 21.69 -6.78
N SER A 1213 -15.83 22.92 -6.32
CA SER A 1213 -14.59 23.62 -6.63
C SER A 1213 -13.40 22.94 -5.94
N LYS A 1214 -12.27 22.93 -6.63
CA LYS A 1214 -10.99 22.49 -6.09
C LYS A 1214 -10.09 23.71 -5.90
N ASN A 1215 -8.87 23.47 -5.44
CA ASN A 1215 -7.95 24.57 -5.21
C ASN A 1215 -6.53 24.16 -5.60
N VAL A 1216 -5.73 25.17 -5.93
CA VAL A 1216 -4.31 25.00 -6.22
C VAL A 1216 -3.55 26.03 -5.40
N LYS A 1217 -2.83 25.55 -4.39
CA LYS A 1217 -2.24 26.42 -3.38
C LYS A 1217 -0.72 26.29 -3.41
N ASN A 1218 -0.03 27.41 -3.18
CA ASN A 1218 1.42 27.40 -3.06
C ASN A 1218 1.85 28.33 -1.94
N GLU A 1219 2.64 27.79 -1.01
CA GLU A 1219 3.30 28.59 0.01
C GLU A 1219 4.81 28.58 -0.11
N GLY A 1220 5.39 27.65 -0.87
CA GLY A 1220 6.83 27.59 -1.02
C GLY A 1220 7.31 28.46 -2.17
N LYS A 1221 8.63 28.37 -2.39
CA LYS A 1221 9.27 29.09 -3.48
C LYS A 1221 9.44 28.15 -4.66
N ILE A 1222 9.03 28.61 -5.84
CA ILE A 1222 9.17 27.86 -7.08
C ILE A 1222 10.22 28.59 -7.90
N GLU A 1223 11.49 28.20 -7.74
CA GLU A 1223 12.59 28.83 -8.45
C GLU A 1223 13.00 27.90 -9.58
N ILE A 1224 12.83 28.37 -10.82
CA ILE A 1224 13.05 27.53 -11.99
C ILE A 1224 14.41 27.86 -12.59
N LYS A 1225 15.43 27.06 -12.25
CA LYS A 1225 16.78 27.28 -12.74
C LYS A 1225 17.01 26.45 -14.01
N ALA A 1226 16.05 26.55 -14.94
CA ALA A 1226 16.07 25.70 -16.11
C ALA A 1226 16.88 26.35 -17.24
N ASP A 1227 16.93 25.66 -18.37
CA ASP A 1227 17.70 26.12 -19.52
C ASP A 1227 16.77 26.13 -20.73
N GLY A 1228 17.27 26.64 -21.85
CA GLY A 1228 16.48 26.75 -23.06
C GLY A 1228 15.64 28.01 -23.07
N ASP A 1229 15.24 28.45 -24.27
CA ASP A 1229 14.42 29.65 -24.41
C ASP A 1229 12.94 29.26 -24.39
N GLY A 1230 12.50 28.82 -23.22
CA GLY A 1230 11.11 28.42 -23.05
C GLY A 1230 10.95 26.96 -22.69
N LYS A 1231 9.84 26.37 -23.15
CA LYS A 1231 9.56 24.95 -22.99
C LYS A 1231 9.50 24.51 -21.54
N SER A 1232 9.08 25.40 -20.63
CA SER A 1232 8.98 25.06 -19.21
C SER A 1232 7.96 25.96 -18.55
N ALA A 1233 7.24 25.41 -17.58
CA ALA A 1233 6.21 26.14 -16.86
C ALA A 1233 6.10 25.57 -15.45
N GLY A 1234 5.54 26.37 -14.55
CA GLY A 1234 5.48 25.98 -13.15
C GLY A 1234 4.15 25.41 -12.70
N ILE A 1235 3.05 26.08 -13.02
CA ILE A 1235 1.72 25.68 -12.55
C ILE A 1235 0.76 25.68 -13.74
N TYR A 1236 -0.01 24.60 -13.88
CA TYR A 1236 -0.84 24.40 -15.05
C TYR A 1236 -2.20 23.86 -14.63
N SER A 1237 -3.26 24.48 -15.14
CA SER A 1237 -4.62 24.21 -14.69
C SER A 1237 -5.49 23.83 -15.87
N LYS A 1238 -6.33 22.81 -15.67
CA LYS A 1238 -7.17 22.26 -16.71
C LYS A 1238 -8.59 22.05 -16.17
N LYS A 1239 -9.56 22.04 -17.09
CA LYS A 1239 -10.95 21.82 -16.74
C LYS A 1239 -11.73 21.41 -17.98
N GLU A 1240 -12.77 20.60 -17.77
CA GLU A 1240 -13.75 20.34 -18.82
C GLU A 1240 -15.17 20.36 -18.27
N GLY A 1241 -15.31 20.33 -16.95
CA GLY A 1241 -16.60 20.23 -16.31
C GLY A 1241 -17.32 21.57 -16.19
N GLY A 1242 -18.45 21.54 -15.51
CA GLY A 1242 -19.29 22.69 -15.28
C GLY A 1242 -19.03 23.41 -13.97
N ALA A 1243 -17.99 23.05 -13.23
CA ALA A 1243 -17.66 23.66 -11.97
C ALA A 1243 -16.72 24.85 -12.19
N LYS A 1244 -16.11 25.33 -11.11
CA LYS A 1244 -15.11 26.39 -11.19
C LYS A 1244 -13.94 26.01 -10.29
N LEU A 1245 -12.77 26.57 -10.60
CA LEU A 1245 -11.53 26.17 -9.94
C LEU A 1245 -10.87 27.37 -9.29
N THR A 1246 -10.47 27.22 -8.03
CA THR A 1246 -9.77 28.25 -7.28
C THR A 1246 -8.28 28.02 -7.41
N ILE A 1247 -7.54 29.05 -7.78
CA ILE A 1247 -6.08 29.00 -7.88
C ILE A 1247 -5.53 30.24 -7.21
N GLU A 1248 -4.66 30.06 -6.23
CA GLU A 1248 -4.02 31.16 -5.54
C GLU A 1248 -2.59 30.79 -5.19
N ASN A 1249 -1.69 31.74 -5.36
CA ASN A 1249 -0.29 31.59 -4.98
C ASN A 1249 0.03 32.58 -3.86
N THR A 1250 0.52 32.07 -2.74
CA THR A 1250 0.98 32.91 -1.65
C THR A 1250 2.48 32.79 -1.43
N GLY A 1251 3.10 31.71 -1.87
CA GLY A 1251 4.52 31.54 -1.77
C GLY A 1251 5.29 32.33 -2.82
N ASN A 1252 6.34 31.73 -3.38
CA ASN A 1252 7.19 32.42 -4.34
C ASN A 1252 7.31 31.59 -5.60
N ILE A 1253 7.46 32.28 -6.73
CA ILE A 1253 7.71 31.62 -8.01
C ILE A 1253 8.76 32.42 -8.78
N GLU A 1254 9.72 31.69 -9.34
CA GLU A 1254 10.82 32.29 -10.08
C GLU A 1254 11.13 31.44 -11.31
N VAL A 1255 11.54 32.11 -12.39
CA VAL A 1255 11.96 31.44 -13.61
C VAL A 1255 13.29 32.04 -14.06
N ALA A 1256 14.24 31.17 -14.39
CA ALA A 1256 15.54 31.64 -14.83
C ALA A 1256 15.88 31.29 -16.27
N GLN A 1257 15.00 30.67 -17.03
CA GLN A 1257 15.24 30.44 -18.44
C GLN A 1257 14.27 31.26 -19.27
N LYS A 1258 14.71 31.70 -20.44
CA LYS A 1258 13.96 32.65 -21.25
C LYS A 1258 12.67 32.02 -21.77
N ALA A 1259 11.72 32.89 -22.12
CA ALA A 1259 10.48 32.51 -22.79
C ALA A 1259 9.68 31.49 -21.96
N SER A 1260 9.68 31.68 -20.65
CA SER A 1260 8.96 30.76 -19.78
C SER A 1260 8.21 31.57 -18.73
N ALA A 1261 7.15 30.98 -18.20
CA ALA A 1261 6.34 31.57 -17.15
C ALA A 1261 5.76 30.48 -16.26
N GLY A 1262 5.34 30.87 -15.06
CA GLY A 1262 4.85 29.88 -14.11
C GLY A 1262 3.37 29.61 -14.23
N ILE A 1263 2.54 30.65 -14.14
CA ILE A 1263 1.10 30.52 -14.15
C ILE A 1263 0.61 30.40 -15.60
N TYR A 1264 -0.27 29.43 -15.82
CA TYR A 1264 -0.91 29.20 -17.11
C TYR A 1264 -2.02 28.18 -16.90
N ALA A 1265 -3.19 28.45 -17.47
CA ALA A 1265 -4.38 27.65 -17.17
C ALA A 1265 -5.20 27.42 -18.42
N LYS A 1266 -6.04 26.38 -18.36
CA LYS A 1266 -6.97 26.03 -19.42
C LYS A 1266 -8.38 26.38 -18.98
N ASN A 1267 -8.94 27.45 -19.55
CA ASN A 1267 -10.31 27.86 -19.29
C ASN A 1267 -10.98 28.27 -20.60
N GLU A 1268 -10.83 27.43 -21.61
CA GLU A 1268 -11.17 27.80 -22.99
C GLU A 1268 -12.65 27.95 -23.26
N SER A 1269 -13.52 27.18 -22.59
CA SER A 1269 -14.91 27.11 -23.01
C SER A 1269 -15.67 28.37 -22.60
N THR A 1270 -16.99 28.32 -22.79
CA THR A 1270 -17.85 29.48 -22.60
C THR A 1270 -18.08 29.81 -21.13
N GLN A 1271 -17.27 30.71 -20.60
CA GLN A 1271 -17.44 31.21 -19.24
C GLN A 1271 -16.66 32.50 -19.09
N ALA A 1272 -16.95 33.24 -18.02
CA ALA A 1272 -16.24 34.47 -17.74
C ALA A 1272 -14.87 34.16 -17.13
N ASN A 1273 -14.13 35.21 -16.81
CA ASN A 1273 -12.81 35.05 -16.19
C ASN A 1273 -12.86 35.02 -14.68
N THR A 1274 -13.73 34.19 -14.10
CA THR A 1274 -13.89 34.15 -12.65
C THR A 1274 -14.09 32.70 -12.19
N GLN A 1275 -14.02 31.75 -13.12
CA GLN A 1275 -14.22 30.35 -12.76
C GLN A 1275 -12.95 29.57 -12.53
N SER A 1276 -11.98 29.58 -13.44
CA SER A 1276 -10.63 29.06 -13.18
C SER A 1276 -9.70 30.25 -12.99
N GLU A 1277 -10.24 31.30 -12.38
CA GLU A 1277 -9.51 32.55 -12.17
C GLU A 1277 -8.32 32.31 -11.26
N VAL A 1278 -7.26 33.08 -11.46
CA VAL A 1278 -6.07 33.00 -10.65
C VAL A 1278 -5.89 34.32 -9.92
N THR A 1279 -5.87 34.27 -8.59
CA THR A 1279 -5.59 35.44 -7.78
C THR A 1279 -4.28 35.21 -7.07
N ASN A 1280 -3.52 36.29 -6.90
CA ASN A 1280 -2.19 36.18 -6.31
C ASN A 1280 -2.07 37.05 -5.08
N SER A 1281 -1.67 36.44 -3.97
CA SER A 1281 -1.19 37.16 -2.80
C SER A 1281 0.27 36.87 -2.54
N GLY A 1282 0.93 36.16 -3.47
CA GLY A 1282 2.31 35.76 -3.31
C GLY A 1282 3.26 36.62 -4.12
N LEU A 1283 4.42 36.03 -4.40
CA LEU A 1283 5.50 36.72 -5.09
C LEU A 1283 5.75 36.08 -6.45
N VAL A 1284 5.79 36.92 -7.49
CA VAL A 1284 6.06 36.46 -8.85
C VAL A 1284 7.34 37.13 -9.34
N LYS A 1285 8.45 36.39 -9.30
CA LYS A 1285 9.73 36.94 -9.72
C LYS A 1285 10.28 36.13 -10.90
N MET A 1286 11.42 36.59 -11.42
CA MET A 1286 11.97 36.09 -12.67
C MET A 1286 13.48 36.32 -12.70
N SER A 1287 14.16 35.62 -13.63
CA SER A 1287 15.60 35.75 -13.77
C SER A 1287 16.08 35.71 -15.21
N ALA A 1288 15.19 35.71 -16.20
CA ALA A 1288 15.63 35.61 -17.58
C ALA A 1288 14.73 36.43 -18.49
N GLU A 1289 15.35 37.10 -19.46
CA GLU A 1289 14.61 37.94 -20.41
C GLU A 1289 13.80 37.07 -21.37
N ASN A 1290 13.09 37.73 -22.28
CA ASN A 1290 12.28 37.07 -23.31
C ASN A 1290 11.15 36.23 -22.72
N SER A 1291 11.00 36.25 -21.41
CA SER A 1291 10.07 35.37 -20.71
C SER A 1291 8.72 36.07 -20.54
N ILE A 1292 7.84 35.46 -19.76
CA ILE A 1292 6.50 35.99 -19.51
C ILE A 1292 6.24 35.94 -18.02
N GLY A 1293 5.33 36.80 -17.55
CA GLY A 1293 4.89 36.77 -16.17
C GLY A 1293 3.59 35.99 -16.04
N ILE A 1294 2.48 36.70 -15.94
CA ILE A 1294 1.18 36.07 -15.76
C ILE A 1294 0.68 35.52 -17.09
N MET A 1295 0.25 34.26 -17.09
CA MET A 1295 -0.35 33.62 -18.25
C MET A 1295 -1.52 32.77 -17.79
N GLY A 1296 -2.45 32.51 -18.70
CA GLY A 1296 -3.60 31.69 -18.40
C GLY A 1296 -4.82 32.02 -19.24
N GLU A 1297 -5.90 31.27 -19.03
CA GLU A 1297 -7.13 31.52 -19.76
C GLU A 1297 -8.25 31.91 -18.79
N LYS A 1298 -8.97 32.98 -19.14
CA LYS A 1298 -10.19 33.37 -18.44
C LYS A 1298 -9.98 33.43 -16.93
N SER A 1299 -9.16 34.37 -16.50
CA SER A 1299 -8.87 34.54 -15.08
C SER A 1299 -8.96 36.01 -14.69
N LYS A 1300 -9.28 36.25 -13.43
CA LYS A 1300 -9.27 37.59 -12.85
C LYS A 1300 -8.20 37.64 -11.77
N ILE A 1301 -7.41 38.69 -11.78
CA ILE A 1301 -6.18 38.76 -11.00
C ILE A 1301 -6.21 40.01 -10.12
N THR A 1302 -5.63 39.90 -8.93
CA THR A 1302 -5.36 41.05 -8.09
C THR A 1302 -3.90 41.04 -7.67
N ASN A 1303 -3.33 42.22 -7.45
CA ASN A 1303 -1.94 42.34 -7.01
C ASN A 1303 -1.92 42.49 -5.49
N THR A 1304 -2.21 41.39 -4.81
CA THR A 1304 -2.11 41.38 -3.36
C THR A 1304 -0.64 41.18 -2.99
N GLY A 1305 0.17 42.21 -3.22
CA GLY A 1305 1.59 42.10 -2.99
C GLY A 1305 2.21 43.34 -2.38
N THR A 1306 2.91 43.16 -1.26
CA THR A 1306 3.61 44.24 -0.58
C THR A 1306 4.92 43.71 -0.03
N GLY A 1307 5.99 44.46 -0.27
CA GLY A 1307 7.30 43.98 0.11
C GLY A 1307 7.83 42.99 -0.91
N THR A 1308 8.17 41.80 -0.43
CA THR A 1308 8.61 40.70 -1.29
C THR A 1308 7.42 39.84 -1.72
N LYS A 1309 6.36 40.53 -2.15
CA LYS A 1309 5.14 39.89 -2.62
C LYS A 1309 4.65 40.67 -3.84
N GLY A 1310 4.01 39.96 -4.77
CA GLY A 1310 3.49 40.56 -5.98
C GLY A 1310 4.22 40.06 -7.21
N ILE A 1311 4.56 40.99 -8.10
CA ILE A 1311 5.23 40.66 -9.35
C ILE A 1311 6.47 41.54 -9.48
N GLU A 1312 7.63 40.91 -9.66
CA GLU A 1312 8.91 41.62 -9.79
C GLU A 1312 9.62 41.09 -11.02
N ILE A 1313 9.90 41.99 -11.97
CA ILE A 1313 10.60 41.63 -13.20
C ILE A 1313 11.71 42.64 -13.46
N VAL A 1314 12.96 42.17 -13.55
CA VAL A 1314 14.09 43.09 -13.59
C VAL A 1314 14.88 43.01 -14.87
N GLU A 1315 14.53 42.11 -15.78
CA GLU A 1315 15.29 41.90 -17.01
C GLU A 1315 14.43 42.26 -18.22
N LYS A 1316 15.00 42.01 -19.41
CA LYS A 1316 14.36 42.45 -20.66
C LYS A 1316 13.14 41.61 -20.98
N LYS A 1317 12.31 42.14 -21.89
CA LYS A 1317 11.37 41.37 -22.71
C LYS A 1317 10.56 40.35 -21.91
N SER A 1318 10.27 40.66 -20.65
CA SER A 1318 9.49 39.75 -19.80
C SER A 1318 8.24 40.49 -19.33
N ALA A 1319 7.17 40.32 -20.11
CA ALA A 1319 5.92 40.99 -19.80
C ALA A 1319 5.35 40.49 -18.48
N GLY A 1320 4.72 41.41 -17.75
CA GLY A 1320 4.15 41.07 -16.46
C GLY A 1320 2.90 40.20 -16.54
N ILE A 1321 1.89 40.67 -17.25
CA ILE A 1321 0.59 39.98 -17.32
C ILE A 1321 0.19 39.92 -18.80
N LEU A 1322 0.45 38.78 -19.43
CA LEU A 1322 -0.10 38.55 -20.76
C LEU A 1322 -1.32 37.63 -20.64
N VAL A 1323 -2.38 38.01 -21.32
CA VAL A 1323 -3.69 37.42 -21.10
C VAL A 1323 -4.24 36.87 -22.40
N THR A 1324 -4.97 35.76 -22.29
CA THR A 1324 -5.76 35.23 -23.39
C THR A 1324 -7.16 34.91 -22.87
N ASN A 1325 -8.15 35.14 -23.72
CA ASN A 1325 -9.55 34.91 -23.38
C ASN A 1325 -10.00 35.80 -22.21
N GLU A 1326 -9.93 37.11 -22.46
CA GLU A 1326 -10.60 38.13 -21.64
C GLU A 1326 -10.23 38.02 -20.16
N SER A 1327 -8.98 38.30 -19.82
CA SER A 1327 -8.59 38.30 -18.42
C SER A 1327 -8.43 39.74 -17.91
N ALA A 1328 -8.92 39.98 -16.70
CA ALA A 1328 -8.84 41.28 -16.07
C ALA A 1328 -7.92 41.19 -14.85
N VAL A 1329 -7.59 42.33 -14.27
CA VAL A 1329 -6.57 42.40 -13.22
C VAL A 1329 -6.91 43.54 -12.27
N ILE A 1330 -6.67 43.33 -10.97
CA ILE A 1330 -6.61 44.42 -10.02
C ILE A 1330 -5.16 44.82 -9.81
N ASN A 1331 -4.84 46.09 -10.07
CA ASN A 1331 -3.45 46.55 -10.02
C ASN A 1331 -3.15 47.35 -8.76
N SER A 1332 -3.92 47.14 -7.69
CA SER A 1332 -3.74 47.94 -6.48
C SER A 1332 -2.37 47.75 -5.86
N GLY A 1333 -1.73 46.62 -6.12
CA GLY A 1333 -0.49 46.26 -5.45
C GLY A 1333 0.75 46.42 -6.31
N ARG A 1334 1.81 45.76 -5.87
CA ARG A 1334 3.16 45.99 -6.39
C ARG A 1334 3.25 45.58 -7.85
N ILE A 1335 3.52 46.56 -8.72
CA ILE A 1335 3.89 46.29 -10.11
C ILE A 1335 5.26 46.93 -10.30
N SER A 1336 6.00 47.08 -9.21
CA SER A 1336 7.32 47.70 -9.23
C SER A 1336 8.38 46.79 -9.83
N LEU A 1337 8.53 46.80 -11.15
CA LEU A 1337 9.44 45.91 -11.85
C LEU A 1337 10.90 46.24 -11.54
N SER A 1338 11.22 47.54 -11.42
CA SER A 1338 12.59 48.00 -11.21
C SER A 1338 13.49 47.52 -12.33
N ASN A 1339 13.04 47.67 -13.57
CA ASN A 1339 13.78 47.22 -14.74
C ASN A 1339 14.46 48.39 -15.43
N SER A 1340 15.44 48.11 -16.29
CA SER A 1340 16.11 49.08 -17.15
C SER A 1340 16.76 50.21 -16.37
N SER A 1341 16.99 50.03 -15.07
CA SER A 1341 17.63 51.04 -14.22
C SER A 1341 16.89 52.37 -14.27
N ILE A 1342 15.59 52.32 -14.60
CA ILE A 1342 14.64 53.43 -14.61
C ILE A 1342 15.14 54.66 -15.35
N SER A 1343 16.40 54.65 -15.80
CA SER A 1343 16.94 55.77 -16.58
C SER A 1343 17.83 55.28 -17.71
N ALA A 1344 18.02 53.98 -17.83
CA ALA A 1344 19.00 53.40 -18.74
C ALA A 1344 18.29 52.72 -19.91
N SER A 1345 18.87 52.86 -21.10
CA SER A 1345 18.33 52.24 -22.32
C SER A 1345 18.99 50.88 -22.51
N SER A 1346 18.76 49.99 -21.54
CA SER A 1346 19.31 48.64 -21.59
C SER A 1346 18.27 47.55 -21.53
N ASP A 1347 17.03 47.83 -21.12
CA ASP A 1347 16.01 46.80 -21.01
C ASP A 1347 14.70 47.39 -21.53
N GLY A 1348 13.64 46.59 -21.49
CA GLY A 1348 12.33 47.02 -21.91
C GLY A 1348 11.27 46.04 -21.46
N LEU A 1349 10.18 46.56 -20.87
CA LEU A 1349 9.20 45.68 -20.25
C LEU A 1349 7.80 46.14 -20.58
N VAL A 1350 6.84 45.28 -20.26
CA VAL A 1350 5.42 45.58 -20.37
C VAL A 1350 4.73 45.14 -19.09
N GLY A 1351 3.89 46.00 -18.55
CA GLY A 1351 3.09 45.64 -17.40
C GLY A 1351 2.07 44.57 -17.74
N ILE A 1352 1.15 44.89 -18.65
CA ILE A 1352 0.10 43.97 -19.06
C ILE A 1352 0.00 43.98 -20.58
N SER A 1353 -0.07 42.79 -21.17
CA SER A 1353 -0.23 42.66 -22.60
C SER A 1353 -1.46 41.81 -22.88
N VAL A 1354 -2.11 42.07 -24.02
CA VAL A 1354 -3.38 41.46 -24.35
C VAL A 1354 -3.32 40.91 -25.76
N ASP A 1355 -4.15 39.90 -26.03
CA ASP A 1355 -4.30 39.35 -27.37
C ASP A 1355 -5.67 39.73 -27.93
N GLY A 1356 -5.96 39.27 -29.15
CA GLY A 1356 -7.24 39.59 -29.77
C GLY A 1356 -8.42 38.97 -29.06
N SER A 1357 -8.23 37.81 -28.42
CA SER A 1357 -9.33 37.14 -27.74
C SER A 1357 -9.61 37.73 -26.37
N SER A 1358 -9.03 38.89 -26.04
CA SER A 1358 -9.12 39.42 -24.69
C SER A 1358 -9.21 40.93 -24.74
N THR A 1359 -9.75 41.49 -23.66
CA THR A 1359 -9.71 42.92 -23.41
C THR A 1359 -9.10 43.16 -22.04
N GLY A 1360 -7.91 43.76 -22.02
CA GLY A 1360 -7.21 44.05 -20.79
C GLY A 1360 -7.72 45.33 -20.18
N GLU A 1361 -8.07 45.26 -18.89
CA GLU A 1361 -8.57 46.41 -18.16
C GLU A 1361 -8.05 46.37 -16.73
N ASN A 1362 -8.01 47.54 -16.10
CA ASN A 1362 -7.51 47.68 -14.74
C ASN A 1362 -8.66 48.01 -13.80
N ASP A 1363 -8.58 47.44 -12.59
CA ASP A 1363 -9.54 47.74 -11.55
C ASP A 1363 -9.54 49.23 -11.24
N ALA A 1364 -10.70 49.73 -10.79
CA ALA A 1364 -10.81 51.14 -10.43
C ALA A 1364 -9.79 51.52 -9.36
N SER A 1365 -9.41 50.57 -8.51
CA SER A 1365 -8.34 50.76 -7.54
C SER A 1365 -6.97 50.39 -8.10
N GLY A 1366 -6.90 50.03 -9.39
CA GLY A 1366 -5.66 49.63 -10.01
C GLY A 1366 -4.59 50.70 -9.99
N GLU A 1367 -3.41 50.34 -9.51
CA GLU A 1367 -2.27 51.25 -9.42
C GLU A 1367 -1.16 50.67 -10.30
N ILE A 1368 -1.19 51.00 -11.58
CA ILE A 1368 -0.17 50.58 -12.53
C ILE A 1368 1.02 51.51 -12.37
N LYS A 1369 2.12 50.96 -11.86
CA LYS A 1369 3.27 51.75 -11.44
C LYS A 1369 4.40 51.56 -12.44
N VAL A 1370 4.87 52.65 -13.01
CA VAL A 1370 6.02 52.62 -13.93
C VAL A 1370 7.30 52.74 -13.13
N ASP A 1371 7.86 51.60 -12.74
CA ASP A 1371 9.13 51.57 -12.03
C ASP A 1371 10.30 51.24 -12.93
N ALA A 1372 10.20 51.49 -14.24
CA ALA A 1372 11.24 51.13 -15.18
C ALA A 1372 11.18 52.09 -16.36
N ALA A 1373 12.33 52.31 -16.98
CA ALA A 1373 12.37 53.12 -18.19
C ALA A 1373 12.26 52.23 -19.42
N TYR A 1374 11.84 52.83 -20.53
CA TYR A 1374 11.66 52.11 -21.79
C TYR A 1374 10.73 50.92 -21.61
N SER A 1375 9.70 51.10 -20.79
CA SER A 1375 8.77 50.03 -20.45
C SER A 1375 7.36 50.50 -20.77
N THR A 1376 6.38 49.72 -20.35
CA THR A 1376 5.00 49.96 -20.74
C THR A 1376 4.06 49.32 -19.73
N GLY A 1377 2.92 49.96 -19.49
CA GLY A 1377 1.89 49.38 -18.65
C GLY A 1377 0.92 48.52 -19.42
N MET A 1378 0.34 49.07 -20.49
CA MET A 1378 -0.65 48.39 -21.31
C MET A 1378 -0.08 48.14 -22.69
N LEU A 1379 0.00 46.86 -23.07
CA LEU A 1379 0.33 46.46 -24.44
C LEU A 1379 -0.92 45.84 -25.05
N SER A 1380 -1.30 46.32 -26.23
CA SER A 1380 -2.56 45.89 -26.83
C SER A 1380 -2.30 45.33 -28.21
N SER A 1381 -2.96 44.20 -28.51
CA SER A 1381 -2.81 43.51 -29.78
C SER A 1381 -4.13 42.85 -30.16
N GLY A 1382 -4.82 43.44 -31.12
CA GLY A 1382 -6.08 42.90 -31.59
C GLY A 1382 -7.27 43.27 -30.74
N GLY A 1383 -7.23 42.89 -29.46
CA GLY A 1383 -8.35 43.10 -28.56
C GLY A 1383 -8.56 44.55 -28.19
N GLY A 1384 -9.30 44.77 -27.10
CA GLY A 1384 -9.58 46.10 -26.63
C GLY A 1384 -8.85 46.37 -25.33
N ILE A 1385 -8.80 47.66 -24.97
CA ILE A 1385 -8.17 48.10 -23.74
C ILE A 1385 -8.99 49.23 -23.15
N THR A 1386 -9.17 49.21 -21.84
CA THR A 1386 -9.89 50.26 -21.13
C THR A 1386 -9.32 50.38 -19.73
N ASN A 1387 -9.09 51.63 -19.30
CA ASN A 1387 -8.50 51.91 -18.00
C ASN A 1387 -9.57 52.43 -17.07
N ALA A 1388 -9.67 51.83 -15.88
CA ALA A 1388 -10.56 52.31 -14.85
C ALA A 1388 -9.84 52.73 -13.58
N GLY A 1389 -8.56 52.39 -13.46
CA GLY A 1389 -7.79 52.69 -12.27
C GLY A 1389 -6.84 53.85 -12.47
N LYS A 1390 -5.74 53.82 -11.72
CA LYS A 1390 -4.74 54.88 -11.73
C LYS A 1390 -3.53 54.41 -12.51
N ILE A 1391 -3.10 55.21 -13.49
CA ILE A 1391 -1.97 54.89 -14.33
C ILE A 1391 -1.03 56.07 -14.33
N ALA A 1392 0.08 55.95 -13.61
CA ALA A 1392 1.07 57.01 -13.52
C ALA A 1392 2.22 56.73 -14.47
N LEU A 1393 3.24 57.60 -14.46
CA LEU A 1393 4.44 57.39 -15.26
C LEU A 1393 5.60 58.06 -14.53
N GLU A 1394 6.36 57.24 -13.79
CA GLU A 1394 7.42 57.75 -12.94
C GLU A 1394 8.79 57.73 -13.61
N LYS A 1395 9.00 56.87 -14.60
CA LYS A 1395 10.32 56.73 -15.21
C LYS A 1395 10.25 57.18 -16.66
N LYS A 1396 11.41 57.14 -17.31
CA LYS A 1396 11.56 57.75 -18.63
C LYS A 1396 11.14 56.78 -19.74
N GLU A 1397 10.75 57.37 -20.88
CA GLU A 1397 10.57 56.66 -22.14
C GLU A 1397 9.58 55.50 -22.00
N SER A 1398 8.53 55.74 -21.22
CA SER A 1398 7.52 54.71 -21.00
C SER A 1398 6.19 55.20 -21.56
N VAL A 1399 5.15 54.39 -21.35
CA VAL A 1399 3.80 54.70 -21.81
C VAL A 1399 2.82 53.89 -20.98
N GLY A 1400 1.72 54.53 -20.58
CA GLY A 1400 0.69 53.80 -19.84
C GLY A 1400 -0.07 52.83 -20.72
N MET A 1401 -0.52 53.30 -21.88
CA MET A 1401 -1.30 52.48 -22.81
C MET A 1401 -0.58 52.47 -24.15
N TYR A 1402 -0.09 51.30 -24.54
CA TYR A 1402 0.54 51.08 -25.83
C TYR A 1402 -0.27 50.04 -26.60
N ALA A 1403 -0.59 50.35 -27.85
CA ALA A 1403 -1.46 49.46 -28.62
C ALA A 1403 -0.83 49.17 -29.97
N THR A 1404 -0.94 47.91 -30.37
CA THR A 1404 -0.55 47.48 -31.71
C THR A 1404 -1.76 46.81 -32.33
N ASN A 1405 -2.11 47.19 -33.56
CA ASN A 1405 -3.20 46.60 -34.32
C ASN A 1405 -4.49 46.48 -33.51
N ALA A 1406 -4.67 47.34 -32.53
CA ALA A 1406 -5.83 47.28 -31.65
C ALA A 1406 -6.31 48.70 -31.32
N ASN A 1407 -7.50 48.80 -30.75
CA ASN A 1407 -8.11 50.09 -30.44
C ASN A 1407 -7.84 50.46 -29.00
N VAL A 1408 -7.85 51.76 -28.73
CA VAL A 1408 -7.58 52.30 -27.41
C VAL A 1408 -8.82 52.99 -26.88
N THR A 1409 -9.24 52.62 -25.68
CA THR A 1409 -10.39 53.22 -25.03
C THR A 1409 -10.02 53.64 -23.62
N ASN A 1410 -10.61 54.76 -23.19
CA ASN A 1410 -10.46 55.23 -21.82
C ASN A 1410 -11.84 55.56 -21.27
N SER A 1411 -12.17 54.98 -20.12
CA SER A 1411 -13.42 55.30 -19.44
C SER A 1411 -13.11 55.84 -18.06
N GLY A 1412 -11.93 55.50 -17.55
CA GLY A 1412 -11.50 56.00 -16.26
C GLY A 1412 -11.42 57.51 -16.25
N ALA A 1413 -12.33 58.15 -15.53
CA ALA A 1413 -12.42 59.59 -15.46
C ALA A 1413 -13.03 60.02 -14.14
N THR A 1414 -12.60 61.19 -13.66
CA THR A 1414 -13.17 61.84 -12.48
C THR A 1414 -13.19 60.92 -11.26
N PRO A 1415 -12.05 60.65 -10.62
CA PRO A 1415 -10.70 61.10 -10.95
C PRO A 1415 -9.82 59.96 -11.47
N LYS A 1416 -10.37 59.08 -12.31
CA LYS A 1416 -9.64 57.93 -12.81
C LYS A 1416 -9.02 58.28 -14.15
N GLY A 1417 -8.10 57.43 -14.62
CA GLY A 1417 -7.53 57.63 -15.92
C GLY A 1417 -6.03 57.54 -15.88
N ILE A 1418 -5.38 58.44 -16.63
CA ILE A 1418 -3.95 58.41 -16.86
C ILE A 1418 -3.33 59.67 -16.27
N PHE A 1419 -2.25 59.50 -15.52
CA PHE A 1419 -1.65 60.60 -14.75
C PHE A 1419 -0.12 60.51 -14.88
N ILE A 1420 0.42 61.18 -15.91
CA ILE A 1420 1.84 61.06 -16.22
C ILE A 1420 2.65 61.99 -15.32
N LYS A 1421 3.65 61.43 -14.64
CA LYS A 1421 4.57 62.23 -13.83
C LYS A 1421 5.89 62.52 -14.50
N ASP A 1422 6.63 61.50 -14.98
CA ASP A 1422 7.90 61.76 -15.63
C ASP A 1422 7.70 62.32 -17.03
N GLU A 1423 8.81 62.64 -17.69
CA GLU A 1423 8.76 63.26 -19.01
C GLU A 1423 9.51 62.42 -20.05
N LYS A 1424 9.68 62.96 -21.25
CA LYS A 1424 10.20 62.22 -22.39
C LYS A 1424 9.37 60.98 -22.64
N SER A 1425 8.05 61.14 -22.50
CA SER A 1425 7.11 60.03 -22.63
C SER A 1425 5.75 60.61 -22.94
N VAL A 1426 4.82 59.72 -23.31
CA VAL A 1426 3.44 60.10 -23.59
C VAL A 1426 2.53 59.09 -22.93
N GLY A 1427 1.42 59.57 -22.37
CA GLY A 1427 0.48 58.73 -21.66
C GLY A 1427 -0.03 57.55 -22.44
N ILE A 1428 -0.59 57.80 -23.62
CA ILE A 1428 -1.07 56.74 -24.49
C ILE A 1428 -0.46 56.93 -25.87
N TYR A 1429 0.02 55.84 -26.45
CA TYR A 1429 0.65 55.89 -27.76
C TYR A 1429 0.50 54.55 -28.45
N SER A 1430 -0.04 54.58 -29.66
CA SER A 1430 -0.19 53.39 -30.49
C SER A 1430 0.36 53.69 -31.88
N LYS A 1431 0.97 52.68 -32.49
CA LYS A 1431 1.47 52.80 -33.85
C LYS A 1431 1.21 51.48 -34.57
N ILE A 1432 1.04 51.57 -35.89
CA ILE A 1432 0.94 50.39 -36.73
C ILE A 1432 1.82 50.61 -37.95
N ASN A 1433 2.25 49.49 -38.56
CA ASN A 1433 3.22 49.53 -39.64
C ASN A 1433 2.64 48.98 -40.94
N SER A 1434 3.49 48.86 -41.96
CA SER A 1434 3.08 48.32 -43.25
C SER A 1434 2.61 46.88 -43.12
N SER A 1435 3.19 46.14 -42.17
CA SER A 1435 2.79 44.77 -41.93
C SER A 1435 1.51 44.66 -41.12
N SER A 1436 1.08 45.74 -40.46
CA SER A 1436 -0.14 45.71 -39.67
C SER A 1436 -1.36 45.74 -40.57
N ILE A 1437 -2.24 44.75 -40.41
CA ILE A 1437 -3.42 44.65 -41.25
C ILE A 1437 -4.61 45.32 -40.58
N ALA A 1438 -4.66 45.26 -39.25
CA ALA A 1438 -5.81 45.71 -38.48
C ALA A 1438 -5.97 47.22 -38.58
N ASN A 1439 -7.16 47.64 -39.02
CA ASN A 1439 -7.51 49.06 -39.07
C ASN A 1439 -8.05 49.48 -37.71
N LYS A 1440 -7.21 50.09 -36.89
CA LYS A 1440 -7.58 50.40 -35.52
C LYS A 1440 -7.22 51.85 -35.21
N THR A 1441 -7.73 52.33 -34.07
CA THR A 1441 -7.63 53.75 -33.74
C THR A 1441 -7.46 53.93 -32.24
N VAL A 1442 -7.50 55.19 -31.81
CA VAL A 1442 -7.33 55.57 -30.41
C VAL A 1442 -8.49 56.48 -30.02
N THR A 1443 -9.10 56.20 -28.86
CA THR A 1443 -10.22 56.97 -28.37
C THR A 1443 -9.94 57.47 -26.96
N ASN A 1444 -10.58 58.59 -26.62
CA ASN A 1444 -10.43 59.21 -25.30
C ASN A 1444 -11.79 59.53 -24.73
N SER A 1445 -12.09 58.97 -23.56
CA SER A 1445 -13.29 59.37 -22.83
C SER A 1445 -13.02 59.40 -21.33
N GLY A 1446 -11.74 59.50 -20.96
CA GLY A 1446 -11.32 59.54 -19.58
C GLY A 1446 -10.43 60.74 -19.32
N THR A 1447 -9.53 60.57 -18.35
CA THR A 1447 -8.59 61.62 -17.98
C THR A 1447 -7.17 61.19 -18.27
N ILE A 1448 -6.48 61.97 -19.09
CA ILE A 1448 -5.05 61.78 -19.36
C ILE A 1448 -4.34 63.04 -18.91
N ASP A 1449 -3.43 62.92 -17.96
CA ASP A 1449 -2.91 64.08 -17.26
C ASP A 1449 -1.39 64.04 -17.19
N ILE A 1450 -0.76 65.14 -17.59
CA ILE A 1450 0.64 65.43 -17.30
C ILE A 1450 0.76 66.94 -17.10
N ALA A 1451 1.48 67.34 -16.07
CA ALA A 1451 1.59 68.75 -15.74
C ALA A 1451 2.99 69.05 -15.26
N GLY A 1452 3.37 70.33 -15.35
CA GLY A 1452 4.66 70.77 -14.84
C GLY A 1452 4.90 72.25 -14.95
N THR A 1453 5.32 72.86 -13.84
CA THR A 1453 5.78 74.25 -13.86
C THR A 1453 7.24 74.34 -14.29
N SER A 1454 7.96 73.22 -14.28
CA SER A 1454 9.31 73.20 -14.82
C SER A 1454 9.57 71.97 -15.71
N LYS A 1455 8.60 71.06 -15.84
CA LYS A 1455 8.75 69.87 -16.65
C LYS A 1455 8.38 70.18 -18.10
N THR A 1456 9.01 69.46 -19.03
CA THR A 1456 8.79 69.67 -20.45
C THR A 1456 9.22 68.40 -21.18
N GLY A 1457 9.38 68.51 -22.49
CA GLY A 1457 9.84 67.40 -23.30
C GLY A 1457 8.88 66.24 -23.41
N SER A 1458 7.59 66.48 -23.61
CA SER A 1458 6.62 65.41 -23.72
C SER A 1458 5.42 65.92 -24.52
N ALA A 1459 4.40 65.07 -24.63
CA ALA A 1459 3.22 65.42 -25.40
C ALA A 1459 2.03 64.66 -24.84
N GLY A 1460 0.83 65.17 -25.15
CA GLY A 1460 -0.39 64.57 -24.67
C GLY A 1460 -0.77 63.28 -25.36
N ILE A 1461 -1.04 63.35 -26.66
CA ILE A 1461 -1.47 62.19 -27.44
C ILE A 1461 -0.45 61.94 -28.54
N TYR A 1462 -0.03 60.68 -28.66
CA TYR A 1462 1.02 60.32 -29.59
C TYR A 1462 0.59 59.11 -30.41
N SER A 1463 0.90 59.14 -31.71
CA SER A 1463 0.64 58.02 -32.60
C SER A 1463 1.41 58.24 -33.89
N ILE A 1464 2.06 57.18 -34.36
CA ILE A 1464 2.94 57.24 -35.52
C ILE A 1464 2.50 56.20 -36.53
N ILE A 1465 2.58 56.57 -37.82
CA ILE A 1465 2.43 55.62 -38.90
C ILE A 1465 3.74 55.59 -39.68
N GLU A 1466 4.26 54.40 -39.96
CA GLU A 1466 5.52 54.31 -40.68
C GLU A 1466 5.31 54.66 -42.15
N SER A 1467 6.36 55.19 -42.78
CA SER A 1467 6.29 55.63 -44.16
C SER A 1467 5.92 54.50 -45.11
N GLY A 1468 5.07 54.79 -46.09
CA GLY A 1468 4.65 53.79 -47.05
C GLY A 1468 3.56 52.84 -46.56
N ALA A 1469 3.05 53.05 -45.35
CA ALA A 1469 2.02 52.18 -44.78
C ALA A 1469 0.66 52.86 -44.90
N THR A 1470 -0.17 52.32 -45.79
CA THR A 1470 -1.53 52.79 -45.96
C THR A 1470 -2.47 51.95 -45.10
N LYS A 1471 -2.51 52.21 -43.79
CA LYS A 1471 -3.25 51.36 -42.87
C LYS A 1471 -4.29 52.15 -42.07
N LYS A 1472 -4.36 53.46 -42.31
CA LYS A 1472 -5.40 54.31 -41.74
C LYS A 1472 -5.44 54.25 -40.22
N LEU A 1473 -4.38 54.72 -39.57
CA LEU A 1473 -4.35 54.85 -38.11
C LEU A 1473 -4.78 56.26 -37.76
N SER A 1474 -5.75 56.38 -36.86
CA SER A 1474 -6.33 57.66 -36.49
C SER A 1474 -6.50 57.74 -34.99
N VAL A 1475 -6.77 58.93 -34.50
CA VAL A 1475 -7.00 59.18 -33.08
C VAL A 1475 -8.18 60.13 -32.94
N VAL A 1476 -9.03 59.87 -31.96
CA VAL A 1476 -10.18 60.73 -31.66
C VAL A 1476 -10.10 61.06 -30.16
N ASN A 1477 -10.30 62.34 -29.84
CA ASN A 1477 -10.31 62.80 -28.46
C ASN A 1477 -11.73 63.19 -28.07
N ASN A 1478 -12.22 62.64 -26.95
CA ASN A 1478 -13.49 63.06 -26.40
C ASN A 1478 -13.45 63.13 -24.88
N GLY A 1479 -12.28 62.92 -24.27
CA GLY A 1479 -12.14 62.96 -22.83
C GLY A 1479 -11.38 64.19 -22.35
N ASN A 1480 -10.82 64.06 -21.16
CA ASN A 1480 -10.05 65.14 -20.54
C ASN A 1480 -8.56 64.84 -20.69
N ILE A 1481 -7.83 65.80 -21.24
CA ILE A 1481 -6.39 65.63 -21.50
C ILE A 1481 -5.72 66.94 -21.11
N THR A 1482 -5.10 66.95 -19.93
CA THR A 1482 -4.45 68.15 -19.44
C THR A 1482 -3.00 68.23 -19.91
N ILE A 1483 -2.59 69.42 -20.35
CA ILE A 1483 -1.28 69.63 -20.93
C ILE A 1483 -0.54 70.69 -20.11
N ASN A 1484 -0.78 70.71 -18.81
CA ASN A 1484 -0.22 71.75 -17.95
C ASN A 1484 1.29 71.61 -17.77
N GLN A 1485 1.96 70.77 -18.57
CA GLN A 1485 3.41 70.74 -18.62
C GLN A 1485 3.90 71.87 -19.52
N LYS A 1486 5.21 72.06 -19.62
CA LYS A 1486 5.79 73.08 -20.48
C LYS A 1486 6.11 72.51 -21.85
N LYS A 1487 5.92 73.34 -22.87
CA LYS A 1487 6.39 73.07 -24.23
C LYS A 1487 5.96 71.68 -24.71
N SER A 1488 4.71 71.32 -24.47
CA SER A 1488 4.19 70.02 -24.84
C SER A 1488 3.14 70.20 -25.93
N VAL A 1489 2.62 69.07 -26.41
CA VAL A 1489 1.67 69.03 -27.50
C VAL A 1489 0.52 68.11 -27.13
N GLY A 1490 -0.71 68.60 -27.30
CA GLY A 1490 -1.88 67.82 -26.94
C GLY A 1490 -2.02 66.54 -27.74
N ILE A 1491 -1.90 66.65 -29.06
CA ILE A 1491 -1.99 65.49 -29.95
C ILE A 1491 -0.83 65.58 -30.94
N TYR A 1492 -0.01 64.53 -30.96
CA TYR A 1492 1.17 64.48 -31.82
C TYR A 1492 1.11 63.28 -32.74
N ALA A 1493 1.54 63.50 -33.99
CA ALA A 1493 1.67 62.42 -34.95
C ALA A 1493 2.87 62.71 -35.84
N LYS A 1494 3.77 61.73 -35.93
CA LYS A 1494 5.04 61.90 -36.62
C LYS A 1494 4.97 61.31 -38.02
N ASN A 1495 5.69 61.94 -38.94
CA ASN A 1495 5.68 61.54 -40.35
C ASN A 1495 7.11 61.29 -40.82
N GLU A 1496 7.26 60.40 -41.79
CA GLU A 1496 8.55 60.06 -42.36
C GLU A 1496 8.64 60.36 -43.85
N SER A 1497 7.54 60.74 -44.48
CA SER A 1497 7.49 60.93 -45.92
C SER A 1497 6.44 61.96 -46.28
N SER A 1498 6.46 62.38 -47.54
CA SER A 1498 5.48 63.36 -48.04
C SER A 1498 4.33 62.65 -48.74
N HIS A 1499 4.00 61.45 -48.27
CA HIS A 1499 2.94 60.66 -48.87
C HIS A 1499 1.57 61.30 -48.62
N ALA A 1500 0.54 60.70 -49.21
CA ALA A 1500 -0.83 61.15 -49.01
C ALA A 1500 -1.26 60.91 -47.57
N ASN A 1501 -1.47 61.98 -46.81
CA ASN A 1501 -1.71 61.90 -45.38
C ASN A 1501 -3.17 61.60 -45.05
N THR A 1502 -3.94 61.08 -46.01
CA THR A 1502 -5.33 60.76 -45.75
C THR A 1502 -5.52 59.67 -44.71
N GLU A 1503 -4.52 58.80 -44.50
CA GLU A 1503 -4.65 57.76 -43.49
C GLU A 1503 -4.54 58.35 -42.08
N SER A 1504 -3.55 59.22 -41.87
CA SER A 1504 -3.40 59.85 -40.57
C SER A 1504 -4.50 60.88 -40.36
N ASP A 1505 -5.14 60.81 -39.19
CA ASP A 1505 -6.24 61.71 -38.88
C ASP A 1505 -6.07 62.23 -37.46
N VAL A 1506 -6.29 63.53 -37.31
CA VAL A 1506 -6.19 64.21 -36.02
C VAL A 1506 -7.48 64.99 -35.80
N THR A 1507 -8.32 64.50 -34.89
CA THR A 1507 -9.56 65.18 -34.53
C THR A 1507 -9.62 65.36 -33.03
N ASN A 1508 -10.22 66.48 -32.61
CA ASN A 1508 -10.33 66.81 -31.19
C ASN A 1508 -11.80 67.13 -30.91
N SER A 1509 -12.57 66.09 -30.61
CA SER A 1509 -13.94 66.27 -30.15
C SER A 1509 -14.04 66.42 -28.64
N GLY A 1510 -12.95 66.22 -27.91
CA GLY A 1510 -12.93 66.41 -26.48
C GLY A 1510 -12.34 67.74 -26.08
N LYS A 1511 -11.59 67.77 -24.98
CA LYS A 1511 -11.08 69.03 -24.45
C LYS A 1511 -9.60 68.87 -24.12
N ILE A 1512 -8.86 69.96 -24.28
CA ILE A 1512 -7.43 69.99 -23.99
C ILE A 1512 -7.18 71.15 -23.03
N GLU A 1513 -6.55 70.86 -21.90
CA GLU A 1513 -6.36 71.85 -20.84
C GLU A 1513 -5.04 72.56 -21.03
N VAL A 1514 -5.02 73.55 -21.92
CA VAL A 1514 -3.83 74.35 -22.16
C VAL A 1514 -3.83 75.54 -21.20
N LYS A 1515 -3.31 75.33 -20.00
CA LYS A 1515 -3.29 76.39 -18.99
C LYS A 1515 -1.86 76.75 -18.62
N ASN A 1516 -0.89 76.07 -19.22
CA ASN A 1516 0.51 76.27 -18.84
C ASN A 1516 1.21 77.00 -19.97
N GLU A 1517 1.93 78.06 -19.62
CA GLU A 1517 2.45 79.00 -20.60
C GLU A 1517 3.54 78.36 -21.45
N GLY A 1518 3.64 78.80 -22.70
CA GLY A 1518 4.69 78.38 -23.59
C GLY A 1518 4.46 77.08 -24.33
N SER A 1519 3.44 76.32 -23.97
CA SER A 1519 3.20 75.05 -24.63
C SER A 1519 2.40 75.26 -25.91
N ALA A 1520 2.24 74.16 -26.67
CA ALA A 1520 1.57 74.20 -27.96
C ALA A 1520 0.39 73.23 -27.96
N GLY A 1521 -0.62 73.56 -28.77
CA GLY A 1521 -1.80 72.73 -28.84
C GLY A 1521 -1.57 71.40 -29.52
N VAL A 1522 -1.37 71.41 -30.83
CA VAL A 1522 -1.12 70.20 -31.60
C VAL A 1522 -0.11 70.50 -32.70
N LEU A 1523 0.79 69.56 -32.96
CA LEU A 1523 1.80 69.67 -33.99
C LEU A 1523 1.72 68.46 -34.91
N ALA A 1524 2.08 68.67 -36.18
CA ALA A 1524 2.14 67.60 -37.16
C ALA A 1524 3.05 68.03 -38.29
N GLU A 1525 3.53 67.03 -39.05
CA GLU A 1525 4.36 67.26 -40.22
C GLU A 1525 3.72 66.56 -41.40
N LYS A 1526 3.15 67.35 -42.32
CA LYS A 1526 2.47 66.82 -43.50
C LYS A 1526 1.38 65.83 -43.11
N TYR A 1527 0.69 66.11 -42.01
CA TYR A 1527 -0.53 65.38 -41.67
C TYR A 1527 -1.74 66.30 -41.64
N LYS A 1528 -2.91 65.71 -41.42
CA LYS A 1528 -4.18 66.41 -41.41
C LYS A 1528 -4.62 66.62 -39.97
N VAL A 1529 -4.85 67.87 -39.60
CA VAL A 1529 -5.34 68.23 -38.27
C VAL A 1529 -6.72 68.85 -38.44
N THR A 1530 -7.69 68.33 -37.69
CA THR A 1530 -9.07 68.80 -37.76
C THR A 1530 -9.49 69.31 -36.40
N ASN A 1531 -9.70 70.62 -36.30
CA ASN A 1531 -10.14 71.23 -35.06
C ASN A 1531 -11.63 71.01 -34.89
N THR A 1532 -12.01 69.82 -34.44
CA THR A 1532 -13.42 69.48 -34.31
C THR A 1532 -14.01 69.85 -32.95
N GLY A 1533 -13.23 70.44 -32.05
CA GLY A 1533 -13.78 70.87 -30.78
C GLY A 1533 -14.59 72.15 -30.91
N SER A 1534 -15.66 72.20 -30.12
CA SER A 1534 -16.56 73.35 -30.10
C SER A 1534 -16.88 73.69 -28.66
N GLY A 1535 -16.97 74.98 -28.38
CA GLY A 1535 -17.28 75.43 -27.03
C GLY A 1535 -16.17 75.06 -26.07
N THR A 1536 -16.55 74.52 -24.91
CA THR A 1536 -15.57 74.13 -23.90
C THR A 1536 -14.77 72.91 -24.34
N ASN A 1537 -15.17 72.27 -25.43
CA ASN A 1537 -14.41 71.15 -25.96
C ASN A 1537 -13.44 71.63 -27.05
N GLY A 1538 -12.30 70.98 -27.12
CA GLY A 1538 -11.34 71.22 -28.18
C GLY A 1538 -10.15 72.08 -27.79
N ILE A 1539 -10.02 73.23 -28.44
CA ILE A 1539 -8.85 74.08 -28.26
C ILE A 1539 -9.10 75.06 -27.12
N ILE A 1540 -8.84 74.62 -25.90
CA ILE A 1540 -8.91 75.51 -24.75
C ILE A 1540 -7.50 76.05 -24.52
N VAL A 1541 -7.12 77.08 -25.26
CA VAL A 1541 -5.80 77.68 -25.06
C VAL A 1541 -5.96 78.82 -24.07
N SER A 1542 -5.42 78.63 -22.87
CA SER A 1542 -5.65 79.53 -21.76
C SER A 1542 -4.32 79.76 -21.03
N ALA A 1543 -3.28 80.10 -21.78
CA ALA A 1543 -1.97 80.31 -21.19
C ALA A 1543 -1.27 81.43 -21.95
N LYS A 1544 -0.29 82.03 -21.29
CA LYS A 1544 0.46 83.14 -21.87
C LYS A 1544 1.55 82.62 -22.79
N LYS A 1545 1.75 83.30 -23.91
CA LYS A 1545 2.79 82.95 -24.89
C LYS A 1545 2.58 81.53 -25.44
N SER A 1546 1.46 80.91 -25.11
CA SER A 1546 1.17 79.57 -25.59
C SER A 1546 0.65 79.62 -27.03
N ALA A 1547 0.78 78.50 -27.72
CA ALA A 1547 0.48 78.43 -29.14
C ALA A 1547 -0.63 77.41 -29.39
N GLY A 1548 -1.62 77.81 -30.19
CA GLY A 1548 -2.72 76.93 -30.52
C GLY A 1548 -2.39 75.86 -31.55
N ILE A 1549 -2.09 76.28 -32.77
CA ILE A 1549 -1.89 75.36 -33.89
C ILE A 1549 -0.59 75.74 -34.58
N ILE A 1550 0.29 74.76 -34.78
CA ILE A 1550 1.51 74.95 -35.55
C ILE A 1550 1.70 73.72 -36.44
N GLY A 1551 2.20 73.97 -37.65
CA GLY A 1551 2.46 72.89 -38.58
C GLY A 1551 3.80 73.05 -39.25
N LYS A 1552 4.33 71.92 -39.72
CA LYS A 1552 5.58 71.90 -40.46
C LYS A 1552 5.32 72.24 -41.91
N LEU A 1553 6.32 72.02 -42.77
CA LEU A 1553 6.19 72.30 -44.19
C LEU A 1553 5.07 71.49 -44.81
N GLY A 1554 4.17 72.18 -45.52
CA GLY A 1554 3.08 71.52 -46.21
C GLY A 1554 2.04 70.91 -45.29
N SER A 1555 1.99 71.38 -44.04
CA SER A 1555 1.03 70.85 -43.08
C SER A 1555 -0.40 71.22 -43.46
N GLU A 1556 -1.31 70.27 -43.23
CA GLU A 1556 -2.72 70.46 -43.56
C GLU A 1556 -3.42 71.01 -42.33
N ILE A 1557 -3.44 72.34 -42.22
CA ILE A 1557 -4.13 73.01 -41.13
C ILE A 1557 -5.60 73.17 -41.50
N ILE A 1558 -6.48 72.65 -40.66
CA ILE A 1558 -7.92 72.73 -40.88
C ILE A 1558 -8.59 73.19 -39.60
N ASN A 1559 -9.47 74.19 -39.70
CA ASN A 1559 -10.27 74.67 -38.60
C ASN A 1559 -11.72 74.32 -38.86
N SER A 1560 -12.33 73.55 -37.96
CA SER A 1560 -13.72 73.12 -38.12
C SER A 1560 -14.46 73.23 -36.80
N GLY A 1561 -13.93 74.02 -35.88
CA GLY A 1561 -14.56 74.16 -34.58
C GLY A 1561 -14.13 75.47 -33.93
N ILE A 1562 -14.08 75.44 -32.60
CA ILE A 1562 -13.79 76.62 -31.80
C ILE A 1562 -12.29 76.85 -31.80
N ILE A 1563 -11.90 78.12 -31.94
CA ILE A 1563 -10.54 78.56 -31.69
C ILE A 1563 -10.64 79.77 -30.77
N LYS A 1564 -10.54 79.53 -29.47
CA LYS A 1564 -10.74 80.55 -28.46
C LYS A 1564 -9.45 80.78 -27.70
N THR A 1565 -9.00 82.03 -27.67
CA THR A 1565 -7.77 82.37 -26.96
C THR A 1565 -8.00 82.39 -25.46
N GLU A 1566 -6.92 82.58 -24.72
CA GLU A 1566 -7.03 82.84 -23.28
C GLU A 1566 -7.94 84.04 -23.03
N ILE A 1567 -8.91 83.85 -22.14
CA ILE A 1567 -9.79 84.92 -21.73
C ILE A 1567 -9.06 85.97 -20.89
N ALA A 1568 -8.14 85.55 -20.03
CA ALA A 1568 -7.43 86.47 -19.16
C ALA A 1568 -6.60 87.48 -19.95
N THR A 1569 -6.80 88.75 -19.66
CA THR A 1569 -5.97 89.79 -20.27
C THR A 1569 -4.53 89.65 -19.77
N PRO A 1570 -3.54 89.95 -20.61
CA PRO A 1570 -2.14 89.79 -20.17
C PRO A 1570 -1.80 90.70 -19.01
N THR A 1571 -0.96 90.19 -18.11
CA THR A 1571 -0.46 90.98 -16.99
C THR A 1571 0.61 91.98 -17.40
N VAL A 1572 1.25 91.76 -18.55
CA VAL A 1572 2.28 92.65 -19.04
C VAL A 1572 2.09 92.76 -20.56
N ALA A 1573 2.65 93.82 -21.15
CA ALA A 1573 2.57 93.98 -22.59
C ALA A 1573 3.33 92.87 -23.29
N THR A 1574 2.93 92.60 -24.54
CA THR A 1574 3.56 91.63 -25.42
C THR A 1574 3.25 90.20 -24.96
N ASP A 1575 2.58 90.07 -23.81
CA ASP A 1575 2.20 88.76 -23.29
C ASP A 1575 0.87 88.27 -23.84
N GLY A 1576 0.71 88.30 -25.16
CA GLY A 1576 -0.52 87.82 -25.77
C GLY A 1576 -0.47 86.32 -25.99
N VAL A 1577 -1.43 85.80 -26.75
CA VAL A 1577 -1.50 84.37 -27.06
C VAL A 1577 -1.59 84.25 -28.57
N VAL A 1578 -1.08 83.14 -29.09
CA VAL A 1578 -1.04 82.90 -30.53
C VAL A 1578 -1.79 81.61 -30.84
N GLY A 1579 -2.57 81.63 -31.91
CA GLY A 1579 -3.30 80.46 -32.34
C GLY A 1579 -2.58 79.70 -33.44
N ILE A 1580 -2.10 80.42 -34.45
CA ILE A 1580 -1.41 79.82 -35.59
C ILE A 1580 -0.01 80.42 -35.67
N SER A 1581 1.00 79.56 -35.80
CA SER A 1581 2.37 80.01 -35.98
C SER A 1581 3.00 79.23 -37.13
N LEU A 1582 3.87 79.90 -37.87
CA LEU A 1582 4.46 79.33 -39.06
C LEU A 1582 5.97 79.54 -39.07
N ASN A 1583 6.68 78.68 -39.80
CA ASN A 1583 8.11 78.81 -40.02
C ASN A 1583 8.47 78.13 -41.33
N ASN A 1584 8.62 78.94 -42.39
CA ASN A 1584 8.94 78.44 -43.73
C ASN A 1584 7.97 77.36 -44.18
N SER A 1585 6.68 77.54 -43.91
CA SER A 1585 5.69 76.54 -44.23
C SER A 1585 4.42 77.25 -44.71
N LYS A 1586 3.34 76.49 -44.86
CA LYS A 1586 2.06 77.03 -45.29
C LYS A 1586 0.97 76.63 -44.30
N ALA A 1587 0.04 77.56 -44.08
CA ALA A 1587 -1.09 77.34 -43.19
C ALA A 1587 -2.38 77.65 -43.92
N THR A 1588 -3.45 76.96 -43.54
CA THR A 1588 -4.73 77.07 -44.21
C THR A 1588 -5.82 77.32 -43.17
N ASN A 1589 -6.12 78.60 -42.93
CA ASN A 1589 -7.29 78.93 -42.13
C ASN A 1589 -8.56 78.60 -42.89
N THR A 1590 -9.51 78.00 -42.19
CA THR A 1590 -10.77 77.61 -42.82
C THR A 1590 -11.93 78.22 -42.05
N SER A 1591 -12.92 78.70 -42.81
CA SER A 1591 -14.09 79.32 -42.21
C SER A 1591 -14.96 78.33 -41.46
N GLY A 1592 -14.71 77.03 -41.61
CA GLY A 1592 -15.43 76.03 -40.86
C GLY A 1592 -15.09 76.09 -39.38
N GLY A 1593 -13.94 76.68 -39.06
CA GLY A 1593 -13.56 76.90 -37.68
C GLY A 1593 -13.63 78.36 -37.29
N VAL A 1594 -14.14 78.63 -36.09
CA VAL A 1594 -14.32 79.99 -35.60
C VAL A 1594 -13.11 80.35 -34.74
N ILE A 1595 -12.46 81.45 -35.07
CA ILE A 1595 -11.27 81.90 -34.37
C ILE A 1595 -11.63 83.09 -33.50
N THR A 1596 -11.57 82.90 -32.17
CA THR A 1596 -12.01 83.91 -31.22
C THR A 1596 -10.81 84.40 -30.43
N LEU A 1597 -10.64 85.72 -30.39
CA LEU A 1597 -9.54 86.35 -29.67
C LEU A 1597 -10.10 87.14 -28.51
N ASP A 1598 -9.60 86.86 -27.30
CA ASP A 1598 -10.03 87.61 -26.12
C ASP A 1598 -8.88 88.14 -25.28
N THR A 1599 -7.71 87.50 -25.29
CA THR A 1599 -6.55 88.08 -24.63
C THR A 1599 -6.10 89.33 -25.35
N ASP A 1600 -5.83 90.39 -24.59
CA ASP A 1600 -5.29 91.60 -25.19
C ASP A 1600 -3.90 91.34 -25.74
N TYR A 1601 -3.59 92.01 -26.85
CA TYR A 1601 -2.30 91.88 -27.54
C TYR A 1601 -2.05 90.46 -28.03
N SER A 1602 -3.11 89.66 -28.15
CA SER A 1602 -2.97 88.32 -28.68
C SER A 1602 -3.14 88.34 -30.20
N THR A 1603 -2.73 87.24 -30.83
CA THR A 1603 -2.76 87.14 -32.28
C THR A 1603 -3.40 85.83 -32.69
N GLY A 1604 -4.05 85.84 -33.85
CA GLY A 1604 -4.63 84.63 -34.41
C GLY A 1604 -3.61 83.77 -35.12
N MET A 1605 -2.96 84.35 -36.13
CA MET A 1605 -1.96 83.63 -36.91
C MET A 1605 -0.64 84.39 -36.87
N TYR A 1606 0.47 83.67 -36.91
CA TYR A 1606 1.80 84.25 -36.80
C TYR A 1606 2.72 83.64 -37.84
N GLY A 1607 3.65 84.43 -38.36
CA GLY A 1607 4.57 83.96 -39.38
C GLY A 1607 5.94 84.60 -39.29
N GLU A 1608 6.96 83.86 -39.73
CA GLU A 1608 8.34 84.33 -39.67
C GLU A 1608 9.18 83.59 -40.70
N ALA A 1609 10.31 84.20 -41.06
CA ALA A 1609 11.30 83.59 -41.94
C ALA A 1609 10.72 83.18 -43.28
N ASN A 1610 10.28 84.16 -44.07
CA ASN A 1610 9.76 83.95 -45.42
C ASN A 1610 8.59 82.99 -45.46
N SER A 1611 7.86 82.84 -44.35
CA SER A 1611 6.68 81.99 -44.34
C SER A 1611 5.57 82.60 -45.18
N GLN A 1612 4.89 81.77 -45.95
CA GLN A 1612 3.77 82.19 -46.78
C GLN A 1612 2.49 81.77 -46.07
N LEU A 1613 1.67 82.76 -45.71
CA LEU A 1613 0.47 82.50 -44.95
C LEU A 1613 -0.76 82.70 -45.82
N THR A 1614 -1.67 81.73 -45.80
CA THR A 1614 -2.90 81.79 -46.57
C THR A 1614 -4.06 81.93 -45.61
N ASN A 1615 -4.88 82.97 -45.82
CA ASN A 1615 -6.02 83.26 -44.96
C ASN A 1615 -7.31 82.99 -45.71
N GLU A 1616 -8.13 82.09 -45.17
CA GLU A 1616 -9.45 81.80 -45.73
C GLU A 1616 -10.50 81.70 -44.63
N GLY A 1617 -10.08 81.57 -43.38
CA GLY A 1617 -11.01 81.42 -42.28
C GLY A 1617 -11.50 82.74 -41.70
N ASN A 1618 -12.52 82.65 -40.85
CA ASN A 1618 -13.08 83.82 -40.19
C ASN A 1618 -12.11 84.36 -39.14
N ILE A 1619 -12.18 85.67 -38.93
CA ILE A 1619 -11.38 86.36 -37.92
C ILE A 1619 -12.34 87.09 -36.99
N THR A 1620 -12.24 86.78 -35.70
CA THR A 1620 -13.07 87.42 -34.69
C THR A 1620 -12.25 87.75 -33.46
N GLY A 1621 -12.53 88.92 -32.88
CA GLY A 1621 -11.88 89.35 -31.66
C GLY A 1621 -12.55 90.62 -31.18
N THR A 1622 -12.75 90.69 -29.86
CA THR A 1622 -13.58 91.75 -29.31
C THR A 1622 -13.12 92.10 -27.89
N ASN A 1623 -13.64 93.22 -27.40
CA ASN A 1623 -13.51 93.65 -26.01
C ASN A 1623 -12.09 94.07 -25.64
N LYS A 1624 -11.18 94.05 -26.61
CA LYS A 1624 -9.80 94.43 -26.37
C LYS A 1624 -9.31 95.41 -27.43
N GLU A 1625 -8.31 96.21 -27.03
CA GLU A 1625 -7.71 97.20 -27.92
C GLU A 1625 -6.65 96.53 -28.78
N TYR A 1626 -6.40 97.09 -29.97
CA TYR A 1626 -5.41 96.58 -30.90
C TYR A 1626 -5.72 95.13 -31.31
N ILE A 1627 -5.20 94.17 -30.53
CA ILE A 1627 -5.33 92.74 -30.75
C ILE A 1627 -5.35 92.38 -32.23
N VAL A 1628 -4.27 92.74 -32.94
CA VAL A 1628 -4.21 92.46 -34.37
C VAL A 1628 -4.04 90.96 -34.58
N GLY A 1629 -4.85 90.40 -35.47
CA GLY A 1629 -4.73 88.98 -35.77
C GLY A 1629 -3.45 88.65 -36.50
N MET A 1630 -3.05 89.50 -37.44
CA MET A 1630 -1.91 89.22 -38.33
C MET A 1630 -0.68 90.02 -37.90
N ALA A 1631 0.33 89.29 -37.44
CA ALA A 1631 1.64 89.85 -37.14
C ALA A 1631 2.70 89.08 -37.92
N GLY A 1632 3.54 89.81 -38.65
CA GLY A 1632 4.52 89.19 -39.50
C GLY A 1632 5.94 89.69 -39.29
N ASP A 1633 6.92 88.81 -39.47
CA ASP A 1633 8.32 89.15 -39.28
C ASP A 1633 9.16 88.51 -40.39
N SER A 1634 9.59 89.32 -41.35
CA SER A 1634 10.43 88.86 -42.46
C SER A 1634 9.77 87.69 -43.20
N SER A 1635 8.63 87.94 -43.83
CA SER A 1635 7.91 86.90 -44.56
C SER A 1635 7.06 87.54 -45.64
N THR A 1636 6.54 86.69 -46.53
CA THR A 1636 5.65 87.10 -47.59
C THR A 1636 4.22 86.77 -47.20
N VAL A 1637 3.35 87.77 -47.28
CA VAL A 1637 1.99 87.65 -46.77
C VAL A 1637 1.01 87.88 -47.93
N THR A 1638 -0.04 87.06 -47.98
CA THR A 1638 -1.14 87.23 -48.91
C THR A 1638 -2.45 87.10 -48.15
N ASN A 1639 -3.36 88.03 -48.39
CA ASN A 1639 -4.65 88.05 -47.70
C ASN A 1639 -5.73 87.73 -48.72
N LYS A 1640 -6.61 86.79 -48.37
CA LYS A 1640 -7.70 86.38 -49.24
C LYS A 1640 -9.07 86.60 -48.61
N ASN A 1641 -9.24 86.21 -47.36
CA ASN A 1641 -10.53 86.36 -46.68
C ASN A 1641 -10.66 87.74 -46.08
N ILE A 1642 -11.91 88.17 -45.89
CA ILE A 1642 -12.20 89.45 -45.27
C ILE A 1642 -12.14 89.28 -43.75
N ILE A 1643 -11.53 90.27 -43.09
CA ILE A 1643 -11.27 90.22 -41.66
C ILE A 1643 -12.22 91.18 -40.96
N THR A 1644 -12.79 90.74 -39.84
CA THR A 1644 -13.62 91.57 -38.99
C THR A 1644 -13.03 91.55 -37.59
N LEU A 1645 -13.20 92.66 -36.86
CA LEU A 1645 -12.63 92.77 -35.53
C LEU A 1645 -13.43 93.76 -34.71
N ASN A 1646 -13.29 93.67 -33.39
CA ASN A 1646 -14.00 94.55 -32.47
C ASN A 1646 -13.02 95.04 -31.41
N GLY A 1647 -13.38 96.15 -30.76
CA GLY A 1647 -12.52 96.77 -29.79
C GLY A 1647 -11.94 98.08 -30.30
N LYS A 1648 -11.52 98.94 -29.38
CA LYS A 1648 -10.98 100.24 -29.76
C LYS A 1648 -9.67 100.07 -30.53
N LYS A 1649 -9.53 100.81 -31.63
CA LYS A 1649 -8.33 100.79 -32.47
C LYS A 1649 -7.96 99.38 -32.92
N ALA A 1650 -8.95 98.56 -33.25
CA ALA A 1650 -8.67 97.23 -33.76
C ALA A 1650 -8.14 97.30 -35.18
N THR A 1651 -7.14 96.47 -35.47
CA THR A 1651 -6.51 96.42 -36.78
C THR A 1651 -6.36 94.98 -37.22
N GLY A 1652 -6.58 94.71 -38.50
CA GLY A 1652 -6.54 93.36 -39.02
C GLY A 1652 -5.14 92.82 -39.27
N ILE A 1653 -4.30 93.61 -39.94
CA ILE A 1653 -2.98 93.16 -40.36
C ILE A 1653 -1.92 94.10 -39.79
N PHE A 1654 -0.81 93.51 -39.34
CA PHE A 1654 0.32 94.26 -38.80
C PHE A 1654 1.59 93.71 -39.43
N GLY A 1655 2.35 94.56 -40.12
CA GLY A 1655 3.59 94.15 -40.75
C GLY A 1655 4.79 94.70 -40.01
N LYS A 1656 5.84 93.89 -39.93
CA LYS A 1656 7.05 94.25 -39.19
C LYS A 1656 8.26 93.58 -39.81
N ASN A 1657 9.43 94.15 -39.55
CA ASN A 1657 10.72 93.60 -39.97
C ASN A 1657 10.80 93.43 -41.48
N SER A 1658 10.73 94.56 -42.20
CA SER A 1658 10.95 94.58 -43.65
C SER A 1658 9.95 93.71 -44.40
N SER A 1659 8.81 93.41 -43.78
CA SER A 1659 7.81 92.59 -44.43
C SER A 1659 7.10 93.37 -45.53
N THR A 1660 6.60 92.65 -46.52
CA THR A 1660 5.91 93.25 -47.66
C THR A 1660 4.61 92.51 -47.92
N LEU A 1661 3.64 93.23 -48.50
CA LEU A 1661 2.34 92.66 -48.76
C LEU A 1661 1.89 92.96 -50.18
N LEU A 1662 1.24 91.98 -50.80
CA LEU A 1662 0.67 92.15 -52.13
C LEU A 1662 -0.52 93.09 -52.12
N ASN A 1663 -1.23 93.18 -50.99
CA ASN A 1663 -2.39 94.04 -50.82
C ASN A 1663 -3.49 93.69 -51.80
N GLU A 1664 -4.02 92.48 -51.70
CA GLU A 1664 -5.19 92.11 -52.48
C GLU A 1664 -6.43 92.78 -51.92
N THR A 1665 -7.26 93.32 -52.82
CA THR A 1665 -8.49 93.99 -52.40
C THR A 1665 -9.49 93.04 -51.74
N THR A 1666 -9.57 91.79 -52.20
CA THR A 1666 -10.51 90.84 -51.63
C THR A 1666 -10.21 90.57 -50.16
N GLY A 1667 -8.96 90.75 -49.75
CA GLY A 1667 -8.59 90.59 -48.36
C GLY A 1667 -8.83 91.86 -47.56
N LYS A 1668 -9.95 92.53 -47.83
CA LYS A 1668 -10.28 93.76 -47.14
C LYS A 1668 -10.69 93.48 -45.70
N ILE A 1669 -10.85 94.55 -44.94
CA ILE A 1669 -11.22 94.47 -43.53
C ILE A 1669 -12.45 95.32 -43.28
N THR A 1670 -13.39 94.78 -42.50
CA THR A 1670 -14.62 95.46 -42.15
C THR A 1670 -14.44 96.14 -40.82
N THR A 1671 -14.77 97.43 -40.76
CA THR A 1671 -14.61 98.23 -39.55
C THR A 1671 -15.93 98.24 -38.79
N LYS A 1672 -15.88 97.89 -37.50
CA LYS A 1672 -17.06 97.89 -36.64
C LYS A 1672 -16.98 98.91 -35.52
N GLU A 1673 -15.78 99.17 -34.99
CA GLU A 1673 -15.60 100.11 -33.89
C GLU A 1673 -14.92 101.37 -34.41
N GLU A 1674 -15.16 102.47 -33.70
CA GLU A 1674 -14.64 103.77 -34.12
C GLU A 1674 -13.14 103.83 -34.00
N GLU A 1675 -12.51 104.68 -34.83
CA GLU A 1675 -11.06 104.84 -34.88
C GLU A 1675 -10.35 103.51 -35.12
N SER A 1676 -10.82 102.74 -36.09
CA SER A 1676 -10.17 101.49 -36.47
C SER A 1676 -9.60 101.60 -37.86
N VAL A 1677 -8.37 101.13 -38.02
CA VAL A 1677 -7.66 101.16 -39.30
C VAL A 1677 -7.44 99.74 -39.78
N GLY A 1678 -7.20 99.59 -41.08
CA GLY A 1678 -7.01 98.28 -41.67
C GLY A 1678 -5.57 97.85 -41.79
N MET A 1679 -4.73 98.72 -42.36
CA MET A 1679 -3.34 98.38 -42.66
C MET A 1679 -2.44 98.95 -41.57
N TYR A 1680 -1.32 98.27 -41.33
CA TYR A 1680 -0.30 98.73 -40.40
C TYR A 1680 1.07 98.48 -41.01
N SER A 1681 1.89 99.52 -41.11
CA SER A 1681 3.25 99.44 -41.62
C SER A 1681 4.20 99.95 -40.56
N SER A 1682 5.26 99.18 -40.28
CA SER A 1682 6.27 99.55 -39.31
C SER A 1682 7.58 98.86 -39.66
N SER A 1683 8.60 99.67 -39.94
CA SER A 1683 9.94 99.19 -40.29
C SER A 1683 9.88 98.23 -41.47
N SER A 1684 9.39 98.76 -42.58
CA SER A 1684 9.25 98.01 -43.82
C SER A 1684 9.59 98.89 -45.02
N LEU A 1685 10.77 98.66 -45.59
CA LEU A 1685 11.19 99.36 -46.79
C LEU A 1685 10.33 99.02 -48.00
N LYS A 1686 9.69 97.85 -48.00
CA LYS A 1686 8.87 97.41 -49.13
C LYS A 1686 7.41 97.52 -48.75
N ALA A 1687 6.64 98.28 -49.54
CA ALA A 1687 5.22 98.44 -49.31
C ALA A 1687 4.53 98.69 -50.65
N THR A 1688 3.46 97.95 -50.90
CA THR A 1688 2.72 98.04 -52.14
C THR A 1688 1.24 98.28 -51.85
N ASN A 1689 0.66 99.26 -52.54
CA ASN A 1689 -0.75 99.57 -52.39
C ASN A 1689 -1.28 100.03 -53.75
N LYS A 1690 -2.30 99.33 -54.24
CA LYS A 1690 -2.90 99.66 -55.53
C LYS A 1690 -4.42 99.62 -55.50
N GLY A 1691 -5.02 99.80 -54.32
CA GLY A 1691 -6.47 99.78 -54.21
C GLY A 1691 -7.02 100.84 -53.28
N THR A 1692 -8.21 101.33 -53.57
CA THR A 1692 -8.85 102.34 -52.74
C THR A 1692 -9.40 101.71 -51.47
N ILE A 1693 -9.76 102.58 -50.51
CA ILE A 1693 -10.29 102.17 -49.22
C ILE A 1693 -11.63 102.84 -49.00
N ILE A 1694 -12.61 102.08 -48.54
CA ILE A 1694 -13.96 102.57 -48.28
C ILE A 1694 -14.16 102.65 -46.78
N THR A 1695 -14.48 103.86 -46.29
CA THR A 1695 -14.71 104.07 -44.87
C THR A 1695 -16.21 104.24 -44.64
N GLU A 1696 -16.72 103.54 -43.64
CA GLU A 1696 -18.14 103.57 -43.30
C GLU A 1696 -18.38 103.83 -41.82
N LYS A 1697 -17.33 104.04 -41.03
CA LYS A 1697 -17.46 104.31 -39.61
C LYS A 1697 -16.72 105.58 -39.25
N LYS A 1698 -17.16 106.22 -38.16
CA LYS A 1698 -16.60 107.49 -37.76
C LYS A 1698 -15.21 107.32 -37.16
N THR A 1699 -14.36 108.33 -37.38
CA THR A 1699 -12.98 108.38 -36.91
C THR A 1699 -12.14 107.23 -37.44
N SER A 1700 -12.72 106.43 -38.35
CA SER A 1700 -12.00 105.30 -38.92
C SER A 1700 -11.15 105.76 -40.10
N ALA A 1701 -9.91 105.27 -40.15
CA ALA A 1701 -8.95 105.71 -41.13
C ALA A 1701 -8.53 104.54 -42.02
N GLY A 1702 -7.76 104.87 -43.06
CA GLY A 1702 -7.24 103.88 -43.98
C GLY A 1702 -5.79 103.57 -43.69
N MET A 1703 -4.89 104.18 -44.46
CA MET A 1703 -3.45 103.98 -44.30
C MET A 1703 -3.03 104.56 -42.96
N LEU A 1704 -1.94 104.03 -42.40
CA LEU A 1704 -1.36 104.53 -41.16
C LEU A 1704 0.16 104.42 -41.23
N GLY A 1705 0.84 105.53 -40.97
CA GLY A 1705 2.29 105.54 -40.91
C GLY A 1705 2.76 105.37 -39.47
N ASP A 1706 3.94 104.76 -39.32
CA ASP A 1706 4.52 104.51 -38.00
C ASP A 1706 6.01 104.78 -38.09
N LYS A 1707 6.47 105.80 -37.35
CA LYS A 1707 7.88 106.20 -37.23
C LYS A 1707 8.61 106.11 -38.58
N ALA A 1708 8.03 106.74 -39.59
CA ALA A 1708 8.62 106.78 -40.92
C ALA A 1708 8.01 107.93 -41.70
N ASN A 1709 8.55 108.17 -42.89
CA ASN A 1709 8.08 109.22 -43.78
C ASN A 1709 8.13 108.73 -45.23
N ILE A 1710 6.95 108.38 -45.76
CA ILE A 1710 6.82 107.94 -47.14
C ILE A 1710 5.69 108.72 -47.77
N GLU A 1711 5.90 109.17 -49.01
CA GLU A 1711 4.92 110.01 -49.69
C GLU A 1711 4.46 109.32 -50.97
N ASN A 1712 3.16 109.44 -51.22
CA ASN A 1712 2.56 108.90 -52.44
C ASN A 1712 1.51 109.88 -52.95
N ASP A 1713 0.85 109.48 -54.04
CA ASP A 1713 -0.19 110.29 -54.66
C ASP A 1713 -1.44 109.41 -54.84
N SER A 1714 -2.38 109.55 -53.90
CA SER A 1714 -3.63 108.81 -53.97
C SER A 1714 -4.74 109.66 -53.39
N SER A 1715 -5.96 109.42 -53.86
CA SER A 1715 -7.14 110.13 -53.38
C SER A 1715 -8.19 109.12 -52.98
N ILE A 1716 -8.81 109.37 -51.82
CA ILE A 1716 -9.83 108.49 -51.27
C ILE A 1716 -10.99 109.36 -50.78
N THR A 1717 -12.21 108.94 -51.09
CA THR A 1717 -13.41 109.68 -50.71
C THR A 1717 -13.55 109.69 -49.20
N THR A 1718 -13.75 110.87 -48.63
CA THR A 1718 -13.94 111.07 -47.19
C THR A 1718 -15.33 111.62 -46.91
N LYS A 1719 -16.31 111.17 -47.69
CA LYS A 1719 -17.71 111.59 -47.68
C LYS A 1719 -18.31 111.65 -46.28
N GLU A 1720 -17.94 110.79 -45.34
CA GLU A 1720 -18.54 110.80 -44.00
C GLU A 1720 -17.74 111.75 -43.12
N GLU A 1721 -18.40 112.30 -42.11
CA GLU A 1721 -17.79 113.25 -41.18
C GLU A 1721 -16.71 112.55 -40.37
N MET A 1722 -15.56 113.21 -40.25
CA MET A 1722 -14.35 112.71 -39.60
C MET A 1722 -14.00 111.28 -39.99
N SER A 1723 -14.42 110.84 -41.17
CA SER A 1723 -14.03 109.55 -41.71
C SER A 1723 -13.17 109.75 -42.96
N ALA A 1724 -11.86 109.77 -42.76
CA ALA A 1724 -10.91 109.99 -43.83
C ALA A 1724 -9.91 108.84 -43.85
N GLY A 1725 -9.32 108.60 -45.01
CA GLY A 1725 -8.46 107.46 -45.20
C GLY A 1725 -7.01 107.67 -44.80
N MET A 1726 -6.68 108.85 -44.28
CA MET A 1726 -5.28 109.14 -43.98
C MET A 1726 -5.17 110.06 -42.77
N TYR A 1727 -4.13 109.81 -41.97
CA TYR A 1727 -3.65 110.76 -40.98
C TYR A 1727 -2.22 110.38 -40.65
N VAL A 1728 -1.48 111.33 -40.08
CA VAL A 1728 -0.04 111.18 -39.88
C VAL A 1728 0.27 111.43 -38.41
N LYS A 1729 1.30 110.75 -37.90
CA LYS A 1729 1.80 110.93 -36.53
C LYS A 1729 3.05 111.80 -36.48
N ASN A 1730 3.45 112.36 -37.61
CA ASN A 1730 4.67 113.17 -37.66
C ASN A 1730 4.36 114.45 -38.42
N GLY A 1731 4.89 115.55 -37.91
CA GLY A 1731 4.69 116.86 -38.51
C GLY A 1731 5.29 116.97 -39.90
#